data_6OEQ
#
_entry.id   6OEQ
#
_cell.length_a   1.0
_cell.length_b   1.0
_cell.length_c   1.0
_cell.angle_alpha   90.00
_cell.angle_beta   90.00
_cell.angle_gamma   90.00
#
_symmetry.space_group_name_H-M   'P 1'
#
loop_
_entity.id
_entity.type
_entity.pdbx_description
1 polymer 'V(D)J recombination-activating protein 1'
2 polymer 'V(D)J recombination-activating protein 2'
3 polymer 'DNA (57-MER)'
4 polymer 'DNA (57-MER)'
5 polymer 'DNA (46-MER)'
6 polymer 'DNA (46-MER)'
7 non-polymer 'ZINC ION'
8 non-polymer 'CALCIUM ION'
#
loop_
_entity_poly.entity_id
_entity_poly.type
_entity_poly.pdbx_seq_one_letter_code
_entity_poly.pdbx_strand_id
1 'polypeptide(L)'
;MAASLPSTLSFSSAPDEIQHPQIKFSEWKFKLFRVRSFEKAPEEAQKEKDSSEGKPYLEQSPVVPEKPGGQNSILTQRAL
KLHPKFSKKFHADGKSSDKAVHQARLRHFCRICGNRFKSDGHSRRYPVHGPVDAKTQSLFRKKEKRVTSWPDLIARIFRI
DVKADVDSIHPTEFCHDCWSIMHRKFSSSHSQVYFPRKVTVEWHPHTPSCDICFTAHRGLKRKRHQPNVQLSKKLKTVLN
HARRDRRKRTQARVSSKEVLKKISNCSKIHLSTKLLAVDFPAHFVKSISCQICEHILADPVETSCKHLFCRICILRCLKV
MGSYCPSCRYPCFPTDLESPVKSFLNILNSLMVKCPAQDCNEEVSLEKYNHHVSSHKESKETLVHINKGGRPRQHLLSLT
RRAQKHRLRELKIQVKEFADKEEGGDVKAVCLTLFLLALRARNEHRQADELEAIMQGRGSGLQPAVCLAIRVNTFLSCSQ
YHKMYRTVKAITGRQIFQPLHALRNAEKVLLPGYHPFEWQPPLKNVSSRTDVGIIDGLSGLASSVDEYPVDTIAKRFRYD
SALVSALMDMEEDILEGMRSQDLDDYLNGPFTVVVKESCDGMGDVSEKHGSGPAVPEKAVRFSFTVMRITIEHGSQNVKV
FEEPKPNSELCCKPLCLMLADESDHETLTAILSPLIAEREAMKSSELTLEMGGIPRTFKFIFRGTGYDEKLVREVEGLEA
SGSVYICTLCDTTRLEASQNLVFHSITRSHAENLQRYEVWRSNPYHESVEELRDRVKGVSAKPFIETVPSIDALHCDIGN
AAEFYKIFQLEIGEVYKHPNASKEERKRWQATLDKHLRKRMNLKPIMRMNGNFARKLMTQETVDAVCELIPSEERHEALR
ELMDLYLKMKPVWRSSCPAKECPESLCQYSFNSQRFAELLSTKFKYRYEGKITNYFHKTLAHVPEIIERDGSIGAWASEG
NQSGNKLFRRFRKMNARQSKCYEMEDVLKHHWLYTSKYLQKFMNAHNALKSSGFTMNSKETLGDPLGIEDSLESQDSMEF
;
A,C
2 'polypeptide(L)'
;MSLQMVTVGHNIALIQPGFSLMNFDGQVFFFGQKGWPKRSCPTGVFHFDIKQNHLKLKPAIFSKDSCYLPPLRYPATCSY
KGSIDSDKHQYIIHGGKTPNNELSDKIYIMSVACKNNKKVTFRCTEKDLVGDVPEPRYGHSIDVVYSRGKSMGVLFGGRS
YMPSTQRTTEKWNSVADCLPHVFLIDFEFGCATSYILPELQDGLSFHVSIARNDTVYILGGHSLASNIRPANLYRIRVDL
PLGTPAVNCTVLPGGISVSSAILTQTNNDEFVIVGGYQLENQKRMVCSLVSLGDNTIEISEMETPDWTSDIKHSKIWFGS
NMGNGTIFLGIPGDNKQAMSEAFYFYTLRCSEEDLSEDQKIVSNSQTSTEDPGDSTPFEDSEEFCFSAEATSFDGDDEFD
TYNEDDEDDESVTGYWITCCPTCDVDINTWVPFYSTELNKPAMIYCSHGDGHWVHAQCMDLEERTLIHLSEGSNKYYCNE
HVQIARALQTPKRNPPLQKPPMKSLHKKGSGKVLTPAKKSFLRRLFD
;
B,D
3 'polydeoxyribonucleotide'
;(DC)(DG)(DG)(DG)(DT)(DT)(DT)(DT)(DT)(DG)(DT)(DC)(DT)(DG)(DG)(DC)(DT)(DT)(DC)(DA)
(DC)(DA)(DC)(DT)(DT)(DG)(DA)(DT)(DT)(DT)(DG)(DC)(DA)(DT)(DC)(DA)(DC)(DT)(DG)(DT)
(DG)(DT)(DA)(DA)(DG)(DA)(DC)(DA)(DG)(DG)(DC)(DC)(DA)(DG)(DA)(DT)(DC)(DC)(DA)(DG)
(DG)
;
G
4 'polydeoxyribonucleotide'
;(DC)(DC)(DT)(DG)(DG)(DA)(DT)(DC)(DT)(DG)(DG)(DC)(DC)(DT)(DG)(DT)(DC)(DT)(DT)(DA)
(DC)(DA)(DC)(DA)(DG)(DT)(DG)(DA)(DT)(DG)(DC)(DA)(DA)(DA)(DT)(DC)(DA)(DA)(DG)(DT)
(DG)(DT)(DG)(DA)(DA)(DG)(DC)(DC)(DA)(DG)(DA)(DC)(DA)(DA)(DA)(DA)(DA)(DC)(DC)(DC)
(DG)
;
J
5 'polydeoxyribonucleotide'
;(DC)(DG)(DG)(DG)(DT)(DT)(DT)(DT)(DT)(DG)(DT)(DT)(DA)(DA)(DG)(DG)(DG)(DC)(DT)(DG)
(DT)(DA)(DT)(DC)(DA)(DC)(DT)(DG)(DT)(DG)(DT)(DA)(DA)(DG)(DA)(DC)(DA)(DG)(DG)(DC)
(DC)(DA)(DG)(DA)(DT)(DC)(DC)(DA)(DG)(DG)
;
F
6 'polydeoxyribonucleotide'
;(DC)(DC)(DT)(DG)(DG)(DA)(DT)(DC)(DT)(DG)(DG)(DC)(DC)(DT)(DG)(DT)(DC)(DT)(DT)(DA)
(DC)(DA)(DC)(DA)(DG)(DT)(DG)(DA)(DT)(DA)(DC)(DA)(DG)(DC)(DC)(DC)(DT)(DT)(DA)(DA)
(DC)(DA)(DA)(DA)(DA)(DA)(DC)(DC)(DC)(DG)
;
I
#
loop_
_chem_comp.id
_chem_comp.type
_chem_comp.name
_chem_comp.formula
CA non-polymer 'CALCIUM ION' 'Ca 2'
DA DNA linking 2'-DEOXYADENOSINE-5'-MONOPHOSPHATE 'C10 H14 N5 O6 P'
DC DNA linking 2'-DEOXYCYTIDINE-5'-MONOPHOSPHATE 'C9 H14 N3 O7 P'
DG DNA linking 2'-DEOXYGUANOSINE-5'-MONOPHOSPHATE 'C10 H14 N5 O7 P'
DT DNA linking THYMIDINE-5'-MONOPHOSPHATE 'C10 H15 N2 O8 P'
ZN non-polymer 'ZINC ION' 'Zn 2'
#
# COMPACT_ATOMS: atom_id res chain seq x y z
N THR A 400 -44.26 11.75 -47.52
CA THR A 400 -43.26 12.73 -47.88
C THR A 400 -43.57 14.09 -47.27
N ARG A 401 -42.82 15.11 -47.72
CA ARG A 401 -43.10 16.48 -47.31
C ARG A 401 -44.48 16.93 -47.78
N ARG A 402 -44.82 16.60 -49.03
CA ARG A 402 -46.06 17.11 -49.61
C ARG A 402 -47.28 16.32 -49.13
N ALA A 403 -47.07 15.07 -48.68
CA ALA A 403 -48.19 14.19 -48.35
C ALA A 403 -48.94 14.67 -47.12
N GLN A 404 -48.21 14.96 -46.04
CA GLN A 404 -48.85 15.49 -44.84
C GLN A 404 -49.29 16.94 -45.04
N LYS A 405 -48.61 17.68 -45.93
CA LYS A 405 -49.00 19.06 -46.19
C LYS A 405 -50.36 19.14 -46.85
N HIS A 406 -50.66 18.18 -47.74
CA HIS A 406 -51.99 18.16 -48.33
C HIS A 406 -53.00 17.46 -47.42
N ARG A 407 -52.55 16.41 -46.72
CA ARG A 407 -53.47 15.66 -45.88
C ARG A 407 -53.83 16.42 -44.62
N LEU A 408 -52.96 17.33 -44.17
CA LEU A 408 -53.19 18.07 -42.95
C LEU A 408 -53.12 19.58 -43.16
N ARG A 409 -53.48 20.07 -44.35
CA ARG A 409 -53.65 21.50 -44.53
C ARG A 409 -54.85 22.01 -43.76
N GLU A 410 -55.79 21.10 -43.45
CA GLU A 410 -56.90 21.43 -42.57
C GLU A 410 -56.39 21.87 -41.20
N LEU A 411 -55.42 21.13 -40.64
CA LEU A 411 -54.83 21.52 -39.37
C LEU A 411 -54.06 22.81 -39.51
N LYS A 412 -53.43 23.02 -40.67
CA LYS A 412 -52.71 24.26 -40.95
C LYS A 412 -53.62 25.47 -40.82
N ILE A 413 -54.70 25.48 -41.60
CA ILE A 413 -55.62 26.60 -41.58
C ILE A 413 -56.37 26.67 -40.24
N GLN A 414 -56.55 25.52 -39.58
CA GLN A 414 -57.28 25.47 -38.33
C GLN A 414 -56.50 26.17 -37.22
N VAL A 415 -55.27 25.71 -36.95
CA VAL A 415 -54.52 26.34 -35.87
C VAL A 415 -54.01 27.71 -36.28
N LYS A 416 -53.88 27.96 -37.59
CA LYS A 416 -53.56 29.30 -38.07
C LYS A 416 -54.61 30.30 -37.64
N GLU A 417 -55.87 30.04 -38.02
CA GLU A 417 -56.94 30.96 -37.67
C GLU A 417 -57.24 30.93 -36.17
N PHE A 418 -56.98 29.81 -35.51
CA PHE A 418 -57.29 29.76 -34.10
C PHE A 418 -56.27 30.49 -33.25
N ALA A 419 -55.01 30.53 -33.67
CA ALA A 419 -54.07 31.43 -33.02
C ALA A 419 -54.36 32.87 -33.41
N ASP A 420 -54.89 33.07 -34.62
CA ASP A 420 -55.29 34.41 -35.05
C ASP A 420 -56.43 34.96 -34.21
N LYS A 421 -57.32 34.09 -33.74
CA LYS A 421 -58.50 34.56 -33.05
C LYS A 421 -58.39 34.47 -31.53
N GLU A 422 -57.40 33.76 -31.01
CA GLU A 422 -57.25 33.67 -29.57
C GLU A 422 -56.37 34.78 -29.03
N GLU A 423 -55.12 34.85 -29.51
CA GLU A 423 -54.19 35.89 -29.11
C GLU A 423 -53.64 36.67 -30.30
N GLY A 424 -54.09 36.34 -31.52
CA GLY A 424 -53.69 37.08 -32.70
C GLY A 424 -52.39 36.73 -33.37
N GLY A 425 -52.24 35.50 -33.84
CA GLY A 425 -51.19 35.18 -34.78
C GLY A 425 -49.80 35.02 -34.24
N ASP A 426 -49.55 33.92 -33.52
CA ASP A 426 -48.18 33.56 -33.14
C ASP A 426 -47.95 32.08 -33.37
N VAL A 427 -48.19 31.63 -34.61
CA VAL A 427 -48.22 30.20 -35.00
C VAL A 427 -46.98 29.43 -34.54
N LYS A 428 -45.83 30.10 -34.47
CA LYS A 428 -44.59 29.51 -33.98
C LYS A 428 -44.74 29.06 -32.52
N ALA A 429 -45.21 29.98 -31.66
CA ALA A 429 -45.23 29.71 -30.23
C ALA A 429 -46.29 28.66 -29.87
N VAL A 430 -47.48 28.78 -30.44
CA VAL A 430 -48.53 27.81 -30.14
C VAL A 430 -48.18 26.45 -30.72
N CYS A 431 -47.49 26.44 -31.86
CA CYS A 431 -47.15 25.15 -32.47
C CYS A 431 -46.03 24.45 -31.71
N LEU A 432 -45.11 25.24 -31.15
CA LEU A 432 -44.03 24.62 -30.36
C LEU A 432 -44.57 24.12 -29.03
N THR A 433 -45.46 24.91 -28.40
CA THR A 433 -46.03 24.45 -27.13
C THR A 433 -46.94 23.25 -27.33
N LEU A 434 -47.61 23.15 -28.48
CA LEU A 434 -48.48 22.01 -28.71
C LEU A 434 -47.68 20.75 -29.01
N PHE A 435 -46.60 20.86 -29.79
CA PHE A 435 -45.74 19.70 -30.00
C PHE A 435 -45.03 19.28 -28.72
N LEU A 436 -44.62 20.26 -27.90
CA LEU A 436 -43.96 19.95 -26.63
C LEU A 436 -44.92 19.28 -25.67
N LEU A 437 -46.19 19.68 -25.67
CA LEU A 437 -47.17 19.00 -24.84
C LEU A 437 -47.50 17.63 -25.41
N ALA A 438 -47.39 17.47 -26.72
CA ALA A 438 -47.62 16.17 -27.35
C ALA A 438 -46.55 15.18 -26.96
N LEU A 439 -45.31 15.63 -26.89
CA LEU A 439 -44.23 14.70 -26.53
C LEU A 439 -44.00 14.59 -25.03
N ARG A 440 -44.38 15.61 -24.25
CA ARG A 440 -44.27 15.55 -22.80
C ARG A 440 -45.18 14.48 -22.23
N ALA A 441 -46.34 14.31 -22.84
CA ALA A 441 -47.33 13.33 -22.40
C ALA A 441 -46.85 11.89 -22.56
N ARG A 442 -45.83 11.66 -23.39
CA ARG A 442 -45.35 10.30 -23.60
C ARG A 442 -44.43 9.84 -22.49
N ASN A 443 -44.19 10.68 -21.47
CA ASN A 443 -43.23 10.44 -20.38
C ASN A 443 -41.84 10.17 -20.92
N GLU A 444 -41.43 10.96 -21.89
CA GLU A 444 -40.13 10.89 -22.54
C GLU A 444 -39.44 12.24 -22.43
N HIS A 445 -39.44 12.77 -21.21
CA HIS A 445 -39.18 14.17 -20.91
C HIS A 445 -37.78 14.62 -21.25
N ARG A 446 -36.86 13.68 -21.52
CA ARG A 446 -35.54 14.04 -22.03
C ARG A 446 -35.66 14.81 -23.34
N GLN A 447 -36.55 14.36 -24.22
CA GLN A 447 -36.79 15.09 -25.45
C GLN A 447 -37.48 16.42 -25.17
N ALA A 448 -38.27 16.48 -24.11
CA ALA A 448 -38.98 17.71 -23.76
C ALA A 448 -38.02 18.82 -23.38
N ASP A 449 -37.10 18.54 -22.45
CA ASP A 449 -36.22 19.65 -22.12
C ASP A 449 -35.03 19.78 -23.07
N GLU A 450 -34.74 18.77 -23.91
CA GLU A 450 -33.81 19.01 -25.02
C GLU A 450 -34.40 20.01 -26.00
N LEU A 451 -35.68 19.86 -26.32
CA LEU A 451 -36.33 20.82 -27.19
C LEU A 451 -36.44 22.17 -26.53
N GLU A 452 -36.69 22.20 -25.22
CA GLU A 452 -36.71 23.46 -24.48
C GLU A 452 -35.35 24.11 -24.50
N ALA A 453 -34.29 23.32 -24.47
CA ALA A 453 -32.95 23.87 -24.55
C ALA A 453 -32.65 24.44 -25.94
N ILE A 454 -32.98 23.69 -26.99
CA ILE A 454 -32.62 24.15 -28.33
C ILE A 454 -33.47 25.35 -28.75
N MET A 455 -34.75 25.40 -28.38
CA MET A 455 -35.53 26.58 -28.69
C MET A 455 -35.37 27.67 -27.65
N GLN A 456 -34.72 27.36 -26.54
CA GLN A 456 -34.28 28.41 -25.65
C GLN A 456 -32.99 29.02 -26.15
N GLY A 457 -32.28 28.31 -27.03
CA GLY A 457 -31.03 28.80 -27.57
C GLY A 457 -29.84 28.54 -26.69
N ARG A 458 -29.85 27.45 -25.92
CA ARG A 458 -28.79 27.17 -24.97
C ARG A 458 -27.51 26.76 -25.69
N GLY A 459 -26.39 26.89 -24.99
CA GLY A 459 -25.12 26.53 -25.59
C GLY A 459 -24.81 25.06 -25.37
N SER A 460 -24.22 24.44 -26.39
CA SER A 460 -23.80 23.05 -26.30
C SER A 460 -22.62 22.89 -25.35
N GLY A 461 -21.52 23.57 -25.65
CA GLY A 461 -20.35 23.51 -24.79
C GLY A 461 -20.55 24.30 -23.50
N LEU A 462 -19.51 24.32 -22.68
CA LEU A 462 -19.62 24.91 -21.37
C LEU A 462 -18.36 25.70 -21.04
N GLN A 463 -18.33 26.23 -19.81
CA GLN A 463 -17.20 26.98 -19.32
C GLN A 463 -15.97 26.09 -19.20
N PRO A 464 -14.80 26.60 -19.56
CA PRO A 464 -13.56 25.91 -19.19
C PRO A 464 -13.35 25.88 -17.69
N ALA A 465 -13.90 26.87 -16.96
CA ALA A 465 -13.78 26.87 -15.51
C ALA A 465 -14.53 25.72 -14.87
N VAL A 466 -15.76 25.46 -15.32
CA VAL A 466 -16.52 24.36 -14.76
C VAL A 466 -15.92 23.04 -15.24
N CYS A 467 -15.26 23.04 -16.41
CA CYS A 467 -14.47 21.90 -16.83
C CYS A 467 -13.33 21.63 -15.87
N LEU A 468 -12.67 22.68 -15.38
CA LEU A 468 -11.63 22.47 -14.38
C LEU A 468 -12.17 21.93 -13.09
N ALA A 469 -13.33 22.42 -12.67
CA ALA A 469 -13.91 21.97 -11.42
C ALA A 469 -14.32 20.51 -11.50
N ILE A 470 -14.92 20.10 -12.61
CA ILE A 470 -15.34 18.72 -12.75
C ILE A 470 -14.12 17.83 -12.98
N ARG A 471 -13.04 18.39 -13.50
CA ARG A 471 -11.83 17.60 -13.65
C ARG A 471 -11.22 17.30 -12.30
N VAL A 472 -11.11 18.31 -11.45
CA VAL A 472 -10.35 18.09 -10.23
C VAL A 472 -11.20 17.41 -9.18
N ASN A 473 -12.53 17.51 -9.29
CA ASN A 473 -13.34 16.84 -8.28
C ASN A 473 -13.64 15.39 -8.61
N THR A 474 -13.03 14.86 -9.66
CA THR A 474 -13.04 13.43 -9.87
C THR A 474 -11.66 12.81 -9.75
N PHE A 475 -10.64 13.63 -9.54
CA PHE A 475 -9.23 13.24 -9.53
C PHE A 475 -8.86 12.48 -10.81
N LEU A 476 -8.88 13.22 -11.91
CA LEU A 476 -8.49 12.67 -13.19
C LEU A 476 -7.16 13.24 -13.64
N SER A 477 -6.36 12.40 -14.29
CA SER A 477 -5.18 12.90 -14.96
C SER A 477 -5.59 13.67 -16.21
N CYS A 478 -4.61 14.36 -16.79
CA CYS A 478 -4.83 15.04 -18.05
C CYS A 478 -5.06 14.05 -19.18
N SER A 479 -4.47 12.86 -19.07
CA SER A 479 -4.54 11.90 -20.16
C SER A 479 -5.95 11.37 -20.37
N GLN A 480 -6.62 10.97 -19.29
CA GLN A 480 -7.97 10.45 -19.43
C GLN A 480 -8.95 11.56 -19.77
N TYR A 481 -8.64 12.78 -19.36
CA TYR A 481 -9.44 13.91 -19.78
C TYR A 481 -9.36 14.08 -21.29
N HIS A 482 -8.19 13.83 -21.86
CA HIS A 482 -8.05 13.91 -23.31
C HIS A 482 -8.84 12.81 -23.99
N LYS A 483 -8.92 11.64 -23.35
CA LYS A 483 -9.74 10.55 -23.85
C LYS A 483 -11.21 10.96 -23.88
N MET A 484 -11.71 11.51 -22.78
CA MET A 484 -13.10 11.91 -22.70
C MET A 484 -13.41 13.04 -23.66
N TYR A 485 -12.47 13.98 -23.81
CA TYR A 485 -12.66 15.09 -24.73
C TYR A 485 -12.75 14.60 -26.16
N ARG A 486 -11.82 13.73 -26.58
CA ARG A 486 -11.84 13.30 -27.96
C ARG A 486 -13.00 12.38 -28.25
N THR A 487 -13.49 11.64 -27.25
CA THR A 487 -14.59 10.74 -27.59
C THR A 487 -15.90 11.50 -27.68
N VAL A 488 -16.08 12.56 -26.88
CA VAL A 488 -17.33 13.26 -27.03
C VAL A 488 -17.27 14.16 -28.26
N LYS A 489 -16.05 14.56 -28.67
CA LYS A 489 -15.92 15.26 -29.94
C LYS A 489 -16.29 14.36 -31.11
N ALA A 490 -15.75 13.14 -31.13
CA ALA A 490 -16.01 12.29 -32.29
C ALA A 490 -17.43 11.74 -32.27
N ILE A 491 -18.04 11.62 -31.10
CA ILE A 491 -19.38 11.04 -31.04
C ILE A 491 -20.44 12.08 -31.30
N THR A 492 -20.37 13.21 -30.59
CA THR A 492 -21.44 14.20 -30.71
C THR A 492 -21.35 14.93 -32.04
N GLY A 493 -20.14 15.14 -32.55
CA GLY A 493 -19.96 15.91 -33.76
C GLY A 493 -19.63 17.36 -33.41
N ARG A 494 -20.26 17.86 -32.35
CA ARG A 494 -19.87 19.14 -31.80
C ARG A 494 -19.08 18.94 -30.51
N GLN A 495 -18.18 19.87 -30.26
CA GLN A 495 -17.26 19.79 -29.13
C GLN A 495 -17.89 20.48 -27.94
N ILE A 496 -17.88 19.80 -26.79
CA ILE A 496 -18.49 20.33 -25.58
C ILE A 496 -17.50 20.38 -24.43
N PHE A 497 -16.75 19.32 -24.19
CA PHE A 497 -15.65 19.47 -23.25
C PHE A 497 -14.49 20.17 -23.93
N GLN A 498 -13.54 20.65 -23.15
CA GLN A 498 -12.57 21.60 -23.67
C GLN A 498 -11.17 21.02 -23.62
N PRO A 499 -10.31 21.42 -24.53
CA PRO A 499 -8.94 20.93 -24.49
C PRO A 499 -8.11 21.56 -23.37
N LEU A 500 -6.88 21.08 -23.24
CA LEU A 500 -6.09 21.36 -22.05
C LEU A 500 -5.41 22.71 -22.07
N HIS A 501 -5.31 23.35 -23.24
CA HIS A 501 -4.82 24.72 -23.28
C HIS A 501 -5.72 25.61 -22.47
N ALA A 502 -7.03 25.50 -22.71
CA ALA A 502 -8.00 26.32 -22.01
C ALA A 502 -8.06 25.97 -20.54
N LEU A 503 -7.74 24.74 -20.18
CA LEU A 503 -7.74 24.37 -18.78
C LEU A 503 -6.59 25.00 -18.03
N ARG A 504 -5.40 24.97 -18.63
CA ARG A 504 -4.26 25.64 -18.00
C ARG A 504 -4.45 27.15 -18.00
N ASN A 505 -5.10 27.69 -19.02
CA ASN A 505 -5.24 29.13 -19.13
C ASN A 505 -6.28 29.64 -18.14
N ALA A 506 -7.40 28.92 -17.99
CA ALA A 506 -8.33 29.25 -16.93
C ALA A 506 -7.78 28.91 -15.57
N GLU A 507 -6.81 28.01 -15.51
CA GLU A 507 -6.23 27.61 -14.25
C GLU A 507 -5.36 28.72 -13.68
N LYS A 508 -4.43 29.24 -14.49
CA LYS A 508 -3.51 30.26 -14.02
C LYS A 508 -4.19 31.61 -13.83
N VAL A 509 -5.46 31.73 -14.23
CA VAL A 509 -6.29 32.81 -13.73
C VAL A 509 -6.44 32.68 -12.22
N LEU A 510 -6.67 31.47 -11.73
CA LEU A 510 -7.08 31.30 -10.34
C LEU A 510 -5.92 31.26 -9.36
N LEU A 511 -4.72 30.95 -9.81
CA LEU A 511 -3.58 30.84 -8.91
C LEU A 511 -3.16 32.22 -8.40
N PRO A 512 -2.40 32.27 -7.31
CA PRO A 512 -1.77 33.53 -6.94
C PRO A 512 -0.70 33.91 -7.94
N GLY A 513 -0.74 35.17 -8.37
CA GLY A 513 0.25 35.69 -9.29
C GLY A 513 -0.27 36.04 -10.66
N TYR A 514 -1.51 36.49 -10.76
CA TYR A 514 -2.07 36.85 -12.06
C TYR A 514 -2.61 38.28 -12.06
N HIS A 515 -3.30 38.66 -11.00
CA HIS A 515 -3.88 39.97 -10.84
C HIS A 515 -2.83 40.97 -10.38
N PRO A 516 -3.04 42.26 -10.62
CA PRO A 516 -2.30 43.26 -9.86
C PRO A 516 -2.98 43.51 -8.53
N PHE A 517 -2.21 44.09 -7.61
CA PHE A 517 -2.64 44.43 -6.26
C PHE A 517 -1.56 45.34 -5.69
N GLU A 518 -1.92 46.12 -4.66
CA GLU A 518 -0.90 46.96 -4.07
C GLU A 518 -1.15 47.17 -2.59
N TRP A 519 -0.11 47.58 -1.89
CA TRP A 519 -0.19 48.00 -0.50
C TRP A 519 0.12 49.48 -0.43
N GLN A 520 -0.66 50.23 0.33
CA GLN A 520 -0.37 51.66 0.44
C GLN A 520 0.81 51.94 1.39
N PRO A 521 1.00 51.21 2.49
CA PRO A 521 2.32 51.20 3.11
C PRO A 521 3.25 50.29 2.34
N PRO A 522 4.56 50.58 2.30
CA PRO A 522 5.43 49.93 1.31
C PRO A 522 5.89 48.52 1.64
N LEU A 523 5.68 48.01 2.86
CA LEU A 523 5.98 46.62 3.26
C LEU A 523 7.46 46.27 3.12
N LYS A 524 8.25 46.81 4.06
CA LYS A 524 9.66 46.46 4.20
C LYS A 524 9.89 44.95 4.27
N ASN A 525 10.98 44.51 3.62
CA ASN A 525 11.46 43.12 3.52
C ASN A 525 10.51 42.23 2.74
N VAL A 526 9.50 42.79 2.13
CA VAL A 526 8.53 42.06 1.33
C VAL A 526 8.81 42.38 -0.12
N SER A 527 8.98 41.34 -0.93
CA SER A 527 9.19 41.54 -2.35
C SER A 527 7.93 42.12 -2.99
N SER A 528 8.08 43.33 -3.53
CA SER A 528 6.97 44.06 -4.12
C SER A 528 6.58 43.54 -5.50
N ARG A 529 7.23 42.48 -5.98
CA ARG A 529 6.81 41.84 -7.21
C ARG A 529 5.48 41.15 -7.02
N THR A 530 4.60 41.31 -8.01
CA THR A 530 3.26 40.76 -7.96
C THR A 530 3.09 39.51 -8.81
N ASP A 531 4.13 39.08 -9.51
CA ASP A 531 4.08 37.97 -10.46
C ASP A 531 4.72 36.74 -9.89
N VAL A 532 4.63 36.58 -8.58
CA VAL A 532 5.34 35.53 -7.87
C VAL A 532 4.34 34.58 -7.24
N GLY A 533 4.44 33.30 -7.58
CA GLY A 533 3.56 32.29 -7.04
C GLY A 533 4.29 31.26 -6.21
N ILE A 534 4.52 30.09 -6.79
CA ILE A 534 5.09 28.98 -6.03
C ILE A 534 6.61 29.05 -6.07
N ILE A 535 7.21 29.18 -4.89
CA ILE A 535 8.65 29.11 -4.74
C ILE A 535 8.95 28.18 -3.57
N ASP A 536 10.23 27.86 -3.40
CA ASP A 536 10.62 26.92 -2.36
C ASP A 536 10.46 27.55 -0.98
N GLY A 537 10.15 26.72 0.00
CA GLY A 537 10.05 27.22 1.35
C GLY A 537 11.37 27.36 2.07
N LEU A 538 12.46 26.91 1.44
CA LEU A 538 13.76 26.91 2.09
C LEU A 538 14.30 28.31 2.32
N SER A 539 13.82 29.28 1.54
CA SER A 539 14.24 30.69 1.61
C SER A 539 15.75 30.85 1.44
N GLY A 540 16.34 30.01 0.61
CA GLY A 540 17.77 30.07 0.34
C GLY A 540 18.63 29.36 1.37
N LEU A 541 18.13 28.30 1.98
CA LEU A 541 18.92 27.56 2.96
C LEU A 541 19.94 26.70 2.25
N ALA A 542 21.17 26.73 2.74
CA ALA A 542 22.20 25.83 2.24
C ALA A 542 22.07 24.47 2.92
N SER A 543 21.98 23.42 2.12
CA SER A 543 21.96 22.05 2.61
C SER A 543 23.23 21.31 2.22
N SER A 544 24.31 22.07 2.00
CA SER A 544 25.54 21.48 1.49
C SER A 544 26.30 20.73 2.59
N VAL A 545 27.40 20.11 2.18
CA VAL A 545 28.18 19.27 3.07
C VAL A 545 28.91 20.08 4.12
N ASP A 546 29.13 21.38 3.88
CA ASP A 546 29.73 22.24 4.89
C ASP A 546 28.72 22.73 5.91
N GLU A 547 27.43 22.49 5.69
CA GLU A 547 26.39 23.01 6.54
C GLU A 547 25.74 21.90 7.34
N TYR A 548 24.73 22.28 8.11
CA TYR A 548 23.89 21.34 8.83
C TYR A 548 23.07 20.54 7.83
N PRO A 549 22.88 19.24 8.03
CA PRO A 549 22.18 18.42 7.03
C PRO A 549 20.68 18.41 7.21
N VAL A 550 19.98 18.83 6.16
CA VAL A 550 18.53 18.81 6.12
C VAL A 550 18.10 18.11 4.84
N ASP A 551 16.87 17.61 4.86
CA ASP A 551 16.35 16.86 3.72
C ASP A 551 14.95 17.26 3.31
N THR A 552 14.30 18.13 4.07
CA THR A 552 12.86 18.33 3.99
C THR A 552 12.53 19.14 2.75
N ILE A 553 11.70 18.57 1.88
CA ILE A 553 11.33 19.24 0.65
C ILE A 553 10.16 20.18 0.93
N ALA A 554 10.31 21.44 0.56
CA ALA A 554 9.39 22.48 0.98
C ALA A 554 8.79 23.18 -0.23
N LYS A 555 7.48 23.33 -0.21
CA LYS A 555 6.78 24.07 -1.26
C LYS A 555 5.86 25.09 -0.63
N ARG A 556 5.81 26.28 -1.22
CA ARG A 556 5.25 27.43 -0.55
C ARG A 556 4.81 28.48 -1.55
N PHE A 557 3.87 29.32 -1.11
CA PHE A 557 3.58 30.59 -1.74
C PHE A 557 4.19 31.71 -0.92
N ARG A 558 3.80 32.94 -1.21
CA ARG A 558 3.94 34.02 -0.25
C ARG A 558 2.58 34.23 0.41
N TYR A 559 2.58 34.87 1.57
CA TYR A 559 1.33 35.02 2.30
C TYR A 559 0.42 36.06 1.65
N ASP A 560 1.02 37.09 1.05
CA ASP A 560 0.20 38.17 0.51
C ASP A 560 -0.55 37.74 -0.75
N SER A 561 0.11 37.02 -1.65
CA SER A 561 -0.50 36.67 -2.92
C SER A 561 -1.62 35.65 -2.72
N ALA A 562 -1.40 34.72 -1.81
CA ALA A 562 -2.46 33.79 -1.46
C ALA A 562 -3.63 34.50 -0.81
N LEU A 563 -3.35 35.54 -0.04
CA LEU A 563 -4.42 36.29 0.61
C LEU A 563 -5.24 37.06 -0.41
N VAL A 564 -4.58 37.66 -1.39
CA VAL A 564 -5.35 38.40 -2.38
C VAL A 564 -6.11 37.45 -3.28
N SER A 565 -5.57 36.26 -3.52
CA SER A 565 -6.32 35.29 -4.33
C SER A 565 -7.51 34.75 -3.59
N ALA A 566 -7.35 34.46 -2.30
CA ALA A 566 -8.46 33.95 -1.51
C ALA A 566 -9.47 35.04 -1.19
N LEU A 567 -9.09 36.30 -1.37
CA LEU A 567 -10.11 37.33 -1.27
C LEU A 567 -10.80 37.56 -2.60
N MET A 568 -10.09 37.34 -3.71
CA MET A 568 -10.72 37.64 -4.99
C MET A 568 -11.65 36.52 -5.43
N ASP A 569 -11.37 35.28 -5.07
CA ASP A 569 -12.20 34.19 -5.56
C ASP A 569 -13.58 34.17 -4.92
N MET A 570 -13.77 34.79 -3.76
CA MET A 570 -15.07 34.87 -3.11
C MET A 570 -15.83 36.14 -3.48
N GLU A 571 -15.66 36.62 -4.71
CA GLU A 571 -16.14 37.94 -5.09
C GLU A 571 -17.66 37.99 -5.17
N GLU A 572 -18.28 36.92 -5.63
CA GLU A 572 -19.73 36.97 -5.73
C GLU A 572 -20.37 36.84 -4.35
N ASP A 573 -19.68 36.19 -3.42
CA ASP A 573 -20.13 36.18 -2.03
C ASP A 573 -20.18 37.58 -1.45
N ILE A 574 -19.11 38.36 -1.64
CA ILE A 574 -19.11 39.68 -1.03
C ILE A 574 -20.01 40.65 -1.79
N LEU A 575 -20.17 40.45 -3.10
CA LEU A 575 -21.14 41.27 -3.81
C LEU A 575 -22.57 40.96 -3.37
N GLU A 576 -22.87 39.69 -3.14
CA GLU A 576 -24.23 39.36 -2.72
C GLU A 576 -24.45 39.76 -1.26
N GLY A 577 -23.38 39.80 -0.48
CA GLY A 577 -23.49 40.38 0.85
C GLY A 577 -23.75 41.87 0.79
N MET A 578 -23.21 42.54 -0.21
CA MET A 578 -23.47 43.97 -0.35
C MET A 578 -24.87 44.25 -0.86
N ARG A 579 -25.36 43.46 -1.81
CA ARG A 579 -26.74 43.61 -2.27
C ARG A 579 -27.73 43.21 -1.21
N SER A 580 -27.57 42.02 -0.63
CA SER A 580 -28.55 41.42 0.27
C SER A 580 -28.62 42.18 1.58
N GLN A 581 -27.49 42.63 2.10
CA GLN A 581 -27.54 43.48 3.28
C GLN A 581 -27.49 44.96 2.90
N ASP A 582 -28.34 45.29 1.92
CA ASP A 582 -28.94 46.62 1.75
C ASP A 582 -27.90 47.70 1.51
N LEU A 583 -26.86 47.36 0.76
CA LEU A 583 -25.82 48.32 0.42
C LEU A 583 -25.67 48.30 -1.10
N ASP A 584 -24.75 49.09 -1.59
CA ASP A 584 -24.55 49.18 -3.03
C ASP A 584 -23.34 48.35 -3.43
N ASP A 585 -23.04 48.40 -4.72
CA ASP A 585 -21.76 47.93 -5.20
C ASP A 585 -20.66 48.95 -4.96
N TYR A 586 -20.94 50.24 -5.15
CA TYR A 586 -19.91 51.27 -5.15
C TYR A 586 -19.54 51.71 -3.74
N LEU A 587 -19.29 50.77 -2.84
CA LEU A 587 -18.91 51.11 -1.48
C LEU A 587 -17.49 50.63 -1.21
N ASN A 588 -16.64 51.57 -0.81
CA ASN A 588 -15.28 51.24 -0.45
C ASN A 588 -15.26 50.61 0.94
N GLY A 589 -14.09 50.17 1.35
CA GLY A 589 -13.94 49.53 2.62
C GLY A 589 -13.86 50.53 3.76
N PRO A 590 -12.90 50.33 4.67
CA PRO A 590 -11.94 49.22 4.69
C PRO A 590 -12.51 47.98 5.34
N PHE A 591 -12.35 46.86 4.65
CA PHE A 591 -12.87 45.59 5.13
C PHE A 591 -11.89 44.97 6.11
N THR A 592 -12.40 44.61 7.28
CA THR A 592 -11.60 43.92 8.29
C THR A 592 -11.80 42.42 8.09
N VAL A 593 -10.70 41.70 7.97
CA VAL A 593 -10.70 40.31 7.58
C VAL A 593 -10.22 39.46 8.74
N VAL A 594 -11.05 38.52 9.16
CA VAL A 594 -10.73 37.61 10.25
C VAL A 594 -10.12 36.36 9.65
N VAL A 595 -8.81 36.17 9.85
CA VAL A 595 -8.11 35.03 9.28
C VAL A 595 -7.59 34.17 10.43
N LYS A 596 -8.06 32.93 10.51
CA LYS A 596 -7.52 32.00 11.46
C LYS A 596 -6.51 31.10 10.77
N GLU A 597 -5.57 30.60 11.55
CA GLU A 597 -4.46 29.84 10.97
C GLU A 597 -4.26 28.52 11.72
N SER A 598 -3.64 27.57 11.03
CA SER A 598 -3.56 26.19 11.50
C SER A 598 -2.39 25.49 10.82
N CYS A 599 -1.92 24.41 11.46
CA CYS A 599 -0.84 23.62 10.89
C CYS A 599 -0.87 22.25 11.55
N ASP A 600 -0.76 21.19 10.75
CA ASP A 600 -0.91 19.85 11.28
C ASP A 600 -0.08 18.83 10.51
N GLY A 601 0.54 17.92 11.24
CA GLY A 601 1.14 16.75 10.63
C GLY A 601 0.10 15.73 10.24
N MET A 602 0.47 14.87 9.28
CA MET A 602 -0.50 13.98 8.66
C MET A 602 -0.11 12.49 8.75
N GLY A 603 0.89 12.13 9.55
CA GLY A 603 1.23 10.73 9.60
C GLY A 603 2.06 10.30 8.40
N ASP A 604 2.04 9.01 8.10
CA ASP A 604 2.79 8.52 6.95
C ASP A 604 1.96 8.67 5.69
N VAL A 605 2.66 8.92 4.58
CA VAL A 605 2.01 9.26 3.32
C VAL A 605 2.56 8.43 2.15
N SER A 606 3.12 7.26 2.44
CA SER A 606 3.72 6.51 1.34
C SER A 606 3.46 5.02 1.51
N GLU A 607 3.76 4.28 0.44
CA GLU A 607 3.77 2.83 0.41
C GLU A 607 4.54 2.39 -0.82
N LYS A 608 5.31 1.32 -0.67
CA LYS A 608 6.10 0.78 -1.76
C LYS A 608 5.62 -0.63 -2.09
N HIS A 609 6.35 -1.28 -2.99
CA HIS A 609 6.05 -2.65 -3.35
C HIS A 609 7.33 -3.47 -3.35
N GLY A 610 8.46 -2.80 -3.48
CA GLY A 610 9.72 -3.46 -3.80
C GLY A 610 10.34 -4.28 -2.69
N SER A 611 10.75 -3.63 -1.61
CA SER A 611 11.48 -4.33 -0.56
C SER A 611 10.62 -4.47 0.68
N GLY A 612 9.31 -4.60 0.50
CA GLY A 612 8.40 -4.88 1.58
C GLY A 612 8.19 -3.71 2.51
N PRO A 613 8.74 -3.81 3.74
CA PRO A 613 8.62 -2.71 4.71
C PRO A 613 9.24 -1.40 4.25
N ALA A 614 8.40 -0.39 4.05
CA ALA A 614 8.80 0.91 3.51
C ALA A 614 9.17 1.82 4.67
N VAL A 615 9.35 3.12 4.47
CA VAL A 615 9.75 4.02 5.56
C VAL A 615 8.55 4.85 5.99
N PRO A 616 8.52 5.32 7.23
CA PRO A 616 7.42 6.25 7.62
C PRO A 616 7.71 7.70 7.22
N GLU A 617 7.39 8.04 5.98
CA GLU A 617 7.54 9.43 5.53
C GLU A 617 6.49 10.32 6.19
N LYS A 618 6.90 11.09 7.18
CA LYS A 618 6.01 12.00 7.86
C LYS A 618 5.92 13.31 7.10
N ALA A 619 4.76 13.95 7.17
CA ALA A 619 4.51 15.15 6.40
C ALA A 619 3.64 16.10 7.20
N VAL A 620 3.70 17.37 6.83
CA VAL A 620 2.97 18.42 7.54
C VAL A 620 2.78 19.61 6.61
N ARG A 621 1.56 20.13 6.58
CA ARG A 621 1.22 21.35 5.85
C ARG A 621 0.88 22.47 6.81
N PHE A 622 1.10 23.70 6.36
CA PHE A 622 0.72 24.91 7.08
C PHE A 622 -0.33 25.63 6.25
N SER A 623 -1.36 26.14 6.92
CA SER A 623 -2.61 26.49 6.25
C SER A 623 -3.30 27.64 6.96
N PHE A 624 -4.21 28.29 6.23
CA PHE A 624 -5.00 29.38 6.78
C PHE A 624 -6.44 29.27 6.33
N THR A 625 -7.26 30.17 6.85
CA THR A 625 -8.69 30.14 6.56
C THR A 625 -9.24 31.55 6.61
N VAL A 626 -9.86 31.98 5.52
CA VAL A 626 -10.67 33.20 5.56
C VAL A 626 -12.04 32.81 6.08
N MET A 627 -12.49 33.45 7.15
CA MET A 627 -13.77 33.04 7.69
C MET A 627 -14.75 34.18 7.96
N ARG A 628 -14.33 35.43 8.04
CA ARG A 628 -15.29 36.48 8.39
C ARG A 628 -14.85 37.81 7.81
N ILE A 629 -15.65 38.34 6.90
CA ILE A 629 -15.42 39.65 6.27
C ILE A 629 -16.38 40.63 6.88
N THR A 630 -15.84 41.68 7.51
CA THR A 630 -16.65 42.70 8.13
C THR A 630 -16.35 44.05 7.48
N ILE A 631 -17.32 44.95 7.60
CA ILE A 631 -17.16 46.32 7.13
C ILE A 631 -17.94 47.24 8.06
N GLU A 632 -17.26 48.28 8.54
CA GLU A 632 -17.88 49.31 9.35
C GLU A 632 -18.20 50.51 8.46
N HIS A 633 -19.48 50.72 8.21
CA HIS A 633 -19.93 51.93 7.51
C HIS A 633 -21.07 52.52 8.32
N GLY A 634 -21.30 53.82 8.13
CA GLY A 634 -22.35 54.51 8.87
C GLY A 634 -21.95 54.74 10.31
N SER A 635 -22.55 53.95 11.21
CA SER A 635 -22.24 54.04 12.63
C SER A 635 -21.68 52.72 13.15
N GLN A 636 -22.18 51.62 12.60
CA GLN A 636 -21.93 50.28 13.08
C GLN A 636 -21.10 49.51 12.06
N ASN A 637 -20.87 48.24 12.33
CA ASN A 637 -20.21 47.37 11.39
C ASN A 637 -21.13 46.22 11.01
N VAL A 638 -20.91 45.69 9.82
CA VAL A 638 -21.78 44.65 9.29
C VAL A 638 -20.93 43.52 8.72
N LYS A 639 -21.20 42.31 9.20
CA LYS A 639 -20.48 41.13 8.78
C LYS A 639 -21.03 40.71 7.42
N VAL A 640 -20.44 41.25 6.36
CA VAL A 640 -20.88 40.94 5.01
C VAL A 640 -20.49 39.55 4.56
N PHE A 641 -19.62 38.86 5.30
CA PHE A 641 -19.45 37.42 5.07
C PHE A 641 -19.21 36.76 6.41
N GLU A 642 -20.11 35.85 6.77
CA GLU A 642 -19.88 34.88 7.82
C GLU A 642 -19.73 33.52 7.15
N GLU A 643 -18.75 32.76 7.57
CA GLU A 643 -18.58 31.42 7.04
C GLU A 643 -19.57 30.47 7.73
N PRO A 644 -20.39 29.75 6.96
CA PRO A 644 -21.38 28.86 7.58
C PRO A 644 -20.78 27.69 8.33
N LYS A 645 -19.61 27.21 7.93
CA LYS A 645 -18.90 26.17 8.68
C LYS A 645 -17.42 26.32 8.42
N PRO A 646 -16.67 26.83 9.38
CA PRO A 646 -15.23 27.00 9.16
C PRO A 646 -14.45 25.71 9.24
N ASN A 647 -14.98 24.70 9.93
CA ASN A 647 -14.26 23.45 10.07
C ASN A 647 -14.84 22.39 9.13
N SER A 648 -14.48 22.55 7.87
CA SER A 648 -14.79 21.60 6.83
C SER A 648 -13.51 21.27 6.09
N GLU A 649 -13.62 20.42 5.09
CA GLU A 649 -12.49 20.13 4.23
C GLU A 649 -12.59 20.83 2.90
N LEU A 650 -13.31 21.94 2.85
CA LEU A 650 -13.39 22.76 1.66
C LEU A 650 -12.89 24.17 1.91
N CYS A 651 -12.63 24.53 3.17
CA CYS A 651 -12.37 25.93 3.49
C CYS A 651 -11.08 26.12 4.27
N CYS A 652 -10.09 25.27 4.09
CA CYS A 652 -8.79 25.43 4.73
C CYS A 652 -7.73 25.49 3.64
N LYS A 653 -7.48 26.69 3.15
CA LYS A 653 -6.50 26.87 2.10
C LYS A 653 -5.10 26.67 2.67
N PRO A 654 -4.20 26.02 1.94
CA PRO A 654 -2.86 25.75 2.46
C PRO A 654 -1.86 26.83 2.12
N LEU A 655 -0.78 26.87 2.91
CA LEU A 655 0.36 27.73 2.60
C LEU A 655 1.58 26.92 2.19
N CYS A 656 1.95 25.95 3.00
CA CYS A 656 3.23 25.29 2.82
C CYS A 656 3.07 23.79 3.01
N LEU A 657 3.95 23.06 2.34
CA LEU A 657 4.07 21.62 2.48
C LEU A 657 5.52 21.27 2.75
N MET A 658 5.73 20.41 3.75
CA MET A 658 7.06 19.91 4.06
C MET A 658 6.98 18.49 4.58
N LEU A 659 7.97 17.69 4.20
CA LEU A 659 8.03 16.27 4.52
C LEU A 659 8.92 16.01 5.74
N ALA A 660 8.44 16.35 6.93
CA ALA A 660 9.19 16.13 8.16
C ALA A 660 8.25 15.66 9.26
N ASP A 661 8.82 15.45 10.44
CA ASP A 661 8.01 15.14 11.61
C ASP A 661 7.63 16.41 12.35
N GLU A 662 6.55 16.31 13.11
CA GLU A 662 6.12 17.43 13.95
C GLU A 662 7.08 17.64 15.10
N SER A 663 7.79 16.59 15.51
CA SER A 663 8.66 16.71 16.68
C SER A 663 10.00 17.34 16.35
N ASP A 664 10.36 17.46 15.08
CA ASP A 664 11.57 18.19 14.74
C ASP A 664 11.30 19.68 14.92
N HIS A 665 11.88 20.27 15.97
CA HIS A 665 11.70 21.69 16.24
C HIS A 665 12.42 22.54 15.19
N GLU A 666 13.46 21.99 14.60
CA GLU A 666 14.48 22.81 13.97
C GLU A 666 14.11 23.14 12.53
N THR A 667 13.79 22.13 11.72
CA THR A 667 13.27 22.42 10.39
C THR A 667 11.90 23.08 10.46
N LEU A 668 11.14 22.84 11.54
CA LEU A 668 9.91 23.58 11.81
C LEU A 668 10.16 25.07 11.86
N THR A 669 11.06 25.51 12.74
CA THR A 669 11.38 26.93 12.82
C THR A 669 12.02 27.42 11.53
N ALA A 670 12.86 26.58 10.92
CA ALA A 670 13.61 26.95 9.73
C ALA A 670 12.71 27.21 8.53
N ILE A 671 11.55 26.60 8.47
CA ILE A 671 10.65 26.95 7.39
C ILE A 671 9.59 27.94 7.85
N LEU A 672 9.17 27.88 9.10
CA LEU A 672 8.04 28.70 9.52
C LEU A 672 8.42 30.15 9.74
N SER A 673 9.68 30.43 10.12
CA SER A 673 10.07 31.78 10.49
C SER A 673 9.87 32.89 9.44
N PRO A 674 10.12 32.71 8.13
CA PRO A 674 9.87 33.83 7.20
C PRO A 674 8.42 34.26 7.13
N LEU A 675 7.50 33.30 7.11
CA LEU A 675 6.09 33.63 7.06
C LEU A 675 5.64 34.33 8.33
N ILE A 676 6.18 33.92 9.47
CA ILE A 676 5.89 34.58 10.74
C ILE A 676 6.33 36.03 10.71
N ALA A 677 7.55 36.28 10.23
CA ALA A 677 8.08 37.63 10.18
C ALA A 677 7.25 38.51 9.25
N GLU A 678 6.92 38.01 8.06
CA GLU A 678 6.22 38.88 7.13
C GLU A 678 4.75 39.03 7.49
N ARG A 679 4.16 38.08 8.22
CA ARG A 679 2.79 38.31 8.65
C ARG A 679 2.74 39.31 9.79
N GLU A 680 3.78 39.32 10.63
CA GLU A 680 3.87 40.38 11.62
C GLU A 680 4.09 41.74 10.96
N ALA A 681 4.83 41.75 9.84
CA ALA A 681 5.03 43.00 9.12
C ALA A 681 3.76 43.46 8.42
N MET A 682 2.99 42.52 7.89
CA MET A 682 1.80 42.90 7.17
C MET A 682 0.58 43.06 8.07
N LYS A 683 0.74 42.88 9.39
CA LYS A 683 -0.36 43.20 10.28
C LYS A 683 -0.69 44.69 10.26
N SER A 684 0.28 45.54 9.98
CA SER A 684 0.08 46.97 10.14
C SER A 684 0.09 47.72 8.81
N SER A 685 -0.59 47.20 7.80
CA SER A 685 -0.57 47.82 6.48
C SER A 685 -2.00 47.95 5.95
N GLU A 686 -2.08 48.46 4.73
CA GLU A 686 -3.36 48.72 4.07
C GLU A 686 -3.31 48.07 2.69
N LEU A 687 -4.19 47.11 2.46
CA LEU A 687 -4.24 46.45 1.16
C LEU A 687 -5.26 47.12 0.26
N THR A 688 -4.84 47.47 -0.95
CA THR A 688 -5.73 48.09 -1.92
C THR A 688 -5.74 47.24 -3.18
N LEU A 689 -6.94 47.02 -3.70
CA LEU A 689 -7.14 46.00 -4.73
C LEU A 689 -8.42 46.29 -5.50
N GLU A 690 -8.35 46.21 -6.82
CA GLU A 690 -9.54 46.33 -7.64
C GLU A 690 -10.38 45.08 -7.50
N MET A 691 -11.68 45.25 -7.29
CA MET A 691 -12.54 44.11 -7.12
C MET A 691 -13.27 43.76 -8.41
N GLY A 692 -14.08 44.66 -8.92
CA GLY A 692 -14.68 44.48 -10.22
C GLY A 692 -14.21 45.64 -11.06
N GLY A 693 -12.96 46.02 -10.83
CA GLY A 693 -12.51 47.31 -11.29
C GLY A 693 -12.86 48.42 -10.34
N ILE A 694 -13.40 48.10 -9.17
CA ILE A 694 -13.66 49.07 -8.11
C ILE A 694 -12.58 48.89 -7.07
N PRO A 695 -11.85 49.92 -6.69
CA PRO A 695 -10.78 49.76 -5.69
C PRO A 695 -11.38 49.66 -4.30
N ARG A 696 -10.94 48.65 -3.55
CA ARG A 696 -11.34 48.48 -2.17
C ARG A 696 -10.12 48.18 -1.32
N THR A 697 -10.24 48.49 -0.04
CA THR A 697 -9.13 48.41 0.90
C THR A 697 -9.47 47.47 2.05
N PHE A 698 -8.42 46.93 2.64
CA PHE A 698 -8.50 45.80 3.55
C PHE A 698 -7.47 45.93 4.65
N LYS A 699 -7.92 45.67 5.88
CA LYS A 699 -7.06 45.43 7.04
C LYS A 699 -7.45 44.10 7.66
N PHE A 700 -6.52 43.50 8.39
CA PHE A 700 -6.59 42.08 8.71
C PHE A 700 -6.34 41.87 10.19
N ILE A 701 -6.87 40.75 10.69
CA ILE A 701 -6.65 40.33 12.06
C ILE A 701 -6.50 38.82 12.07
N PHE A 702 -5.42 38.33 12.68
CA PHE A 702 -5.06 36.92 12.61
C PHE A 702 -5.24 36.26 13.96
N ARG A 703 -5.80 35.06 13.93
CA ARG A 703 -6.04 34.28 15.13
C ARG A 703 -5.40 32.91 14.96
N GLY A 704 -4.34 32.67 15.72
CA GLY A 704 -3.78 31.35 15.74
C GLY A 704 -4.44 30.59 16.86
N THR A 705 -5.50 29.86 16.51
CA THR A 705 -6.27 29.09 17.47
C THR A 705 -6.31 27.62 17.05
N GLY A 706 -5.60 27.29 15.98
CA GLY A 706 -5.85 26.04 15.30
C GLY A 706 -4.73 25.03 15.36
N TYR A 707 -4.15 24.85 16.55
CA TYR A 707 -3.24 23.75 16.78
C TYR A 707 -3.78 22.90 17.93
N ASP A 708 -3.25 21.70 18.05
CA ASP A 708 -3.65 20.78 19.10
C ASP A 708 -2.94 21.11 20.40
N GLU A 709 -2.88 20.12 21.29
CA GLU A 709 -2.25 20.34 22.60
C GLU A 709 -0.74 20.41 22.46
N LYS A 710 -0.16 19.48 21.70
CA LYS A 710 1.30 19.30 21.71
C LYS A 710 2.01 20.47 21.09
N LEU A 711 1.43 21.05 20.04
CA LEU A 711 2.12 22.10 19.32
C LEU A 711 2.10 23.40 20.12
N VAL A 712 0.96 23.72 20.74
CA VAL A 712 0.89 24.93 21.56
C VAL A 712 1.65 24.77 22.86
N ARG A 713 1.80 23.54 23.34
CA ARG A 713 2.70 23.33 24.47
C ARG A 713 4.14 23.53 24.04
N GLU A 714 4.44 23.16 22.80
CA GLU A 714 5.77 23.30 22.25
C GLU A 714 6.07 24.72 21.78
N VAL A 715 5.10 25.38 21.15
CA VAL A 715 5.34 26.74 20.67
C VAL A 715 5.47 27.70 21.83
N GLU A 716 4.55 27.65 22.79
CA GLU A 716 4.52 28.63 23.87
C GLU A 716 5.62 28.46 24.90
N GLY A 717 6.51 27.49 24.74
CA GLY A 717 7.63 27.36 25.64
C GLY A 717 7.33 26.75 26.99
N LEU A 718 6.10 26.31 27.23
CA LEU A 718 5.84 25.51 28.42
C LEU A 718 6.53 24.17 28.27
N GLU A 719 6.93 23.59 29.40
CA GLU A 719 7.48 22.25 29.44
C GLU A 719 6.45 21.20 29.04
N ALA A 720 6.85 19.93 29.04
CA ALA A 720 6.07 18.86 28.43
C ALA A 720 4.87 18.47 29.26
N SER A 721 4.28 17.31 28.95
CA SER A 721 3.07 16.84 29.63
C SER A 721 3.36 16.21 30.98
N GLY A 722 4.51 16.55 31.57
CA GLY A 722 5.03 16.04 32.82
C GLY A 722 4.74 17.03 33.94
N SER A 723 5.62 18.01 34.11
CA SER A 723 5.77 18.88 35.27
C SER A 723 4.49 19.62 35.62
N VAL A 724 4.54 20.23 36.81
CA VAL A 724 3.37 20.59 37.59
C VAL A 724 2.54 21.69 36.94
N TYR A 725 3.11 22.48 36.03
CA TYR A 725 2.37 23.55 35.38
C TYR A 725 1.61 22.97 34.19
N ILE A 726 0.37 22.55 34.43
CA ILE A 726 -0.39 21.80 33.44
C ILE A 726 -1.54 22.58 32.84
N CYS A 727 -1.42 23.88 32.66
CA CYS A 727 -2.36 24.64 31.84
C CYS A 727 -1.62 25.60 30.93
N THR A 728 -2.32 26.07 29.90
CA THR A 728 -1.79 27.06 28.97
C THR A 728 -2.65 28.31 28.89
N LEU A 729 -3.74 28.37 29.66
CA LEU A 729 -4.56 29.57 29.71
C LEU A 729 -4.45 30.30 31.03
N CYS A 730 -4.22 29.61 32.13
CA CYS A 730 -3.82 30.25 33.37
C CYS A 730 -2.46 29.70 33.77
N ASP A 731 -2.06 30.00 34.99
CA ASP A 731 -0.74 29.67 35.48
C ASP A 731 -0.75 28.72 36.66
N THR A 732 -1.76 27.86 36.76
CA THR A 732 -1.86 27.03 37.95
C THR A 732 -0.85 25.90 37.93
N THR A 733 -0.66 25.31 39.09
CA THR A 733 0.07 24.07 39.21
C THR A 733 -0.92 22.93 39.28
N ARG A 734 -0.38 21.70 39.26
CA ARG A 734 -1.23 20.52 39.32
C ARG A 734 -1.94 20.40 40.66
N LEU A 735 -1.21 20.58 41.76
CA LEU A 735 -1.81 20.37 43.07
C LEU A 735 -2.61 21.59 43.50
N GLU A 736 -2.41 22.74 42.84
CA GLU A 736 -3.21 23.91 43.16
C GLU A 736 -4.63 23.79 42.64
N ALA A 737 -4.79 23.63 41.32
CA ALA A 737 -6.12 23.72 40.73
C ALA A 737 -6.98 22.52 41.08
N SER A 738 -6.35 21.42 41.49
CA SER A 738 -7.13 20.29 41.99
C SER A 738 -7.79 20.62 43.33
N GLN A 739 -7.09 21.37 44.17
CA GLN A 739 -7.70 21.81 45.43
C GLN A 739 -8.55 23.04 45.19
N ASN A 740 -8.18 23.85 44.21
CA ASN A 740 -8.79 25.15 43.97
C ASN A 740 -9.49 25.13 42.61
N LEU A 741 -10.80 24.89 42.62
CA LEU A 741 -11.48 24.51 41.38
C LEU A 741 -11.78 25.73 40.50
N VAL A 742 -12.61 26.65 40.97
CA VAL A 742 -13.01 27.76 40.09
C VAL A 742 -12.60 29.11 40.66
N PHE A 743 -11.34 29.50 40.42
CA PHE A 743 -10.77 30.75 40.92
C PHE A 743 -9.79 31.37 39.93
N HIS A 744 -9.72 30.84 38.72
CA HIS A 744 -8.57 31.08 37.86
C HIS A 744 -9.00 31.57 36.49
N SER A 745 -8.37 32.66 36.04
CA SER A 745 -8.69 33.28 34.76
C SER A 745 -7.41 33.46 33.95
N ILE A 746 -7.55 34.13 32.81
CA ILE A 746 -6.55 34.07 31.75
C ILE A 746 -5.40 35.00 32.07
N THR A 747 -4.18 34.49 31.98
CA THR A 747 -2.98 35.30 32.20
C THR A 747 -1.92 35.02 31.16
N ARG A 748 -2.03 33.90 30.44
CA ARG A 748 -0.96 33.45 29.56
C ARG A 748 -0.97 34.28 28.29
N SER A 749 -0.25 35.38 28.32
CA SER A 749 -0.12 36.27 27.19
C SER A 749 1.26 36.14 26.57
N HIS A 750 1.41 36.79 25.41
CA HIS A 750 2.54 36.54 24.52
C HIS A 750 3.82 37.14 25.07
N ALA A 751 3.87 38.47 25.20
CA ALA A 751 5.06 39.14 25.69
C ALA A 751 5.32 38.84 27.16
N GLU A 752 4.30 38.35 27.88
CA GLU A 752 4.53 37.73 29.18
C GLU A 752 5.52 36.59 29.07
N ASN A 753 5.34 35.74 28.06
CA ASN A 753 6.27 34.63 27.87
C ASN A 753 7.59 35.09 27.28
N LEU A 754 7.59 36.16 26.46
CA LEU A 754 8.86 36.74 26.00
C LEU A 754 9.71 37.26 27.16
N GLN A 755 9.08 38.05 28.05
CA GLN A 755 9.78 38.59 29.21
C GLN A 755 10.22 37.48 30.16
N ARG A 756 9.37 36.46 30.32
CA ARG A 756 9.72 35.36 31.21
C ARG A 756 10.88 34.56 30.67
N TYR A 757 10.93 34.34 29.35
CA TYR A 757 12.07 33.66 28.75
C TYR A 757 13.34 34.48 28.88
N GLU A 758 13.24 35.80 28.73
CA GLU A 758 14.41 36.66 28.83
C GLU A 758 14.97 36.67 30.24
N VAL A 759 14.10 36.75 31.25
CA VAL A 759 14.57 36.77 32.63
C VAL A 759 14.95 35.36 33.08
N TRP A 760 14.49 34.35 32.36
CA TRP A 760 14.98 33.00 32.62
C TRP A 760 16.40 32.84 32.12
N ARG A 761 16.69 33.39 30.94
CA ARG A 761 18.05 33.38 30.43
C ARG A 761 18.97 34.22 31.31
N SER A 762 18.49 35.39 31.75
CA SER A 762 19.35 36.34 32.43
C SER A 762 19.72 35.85 33.82
N ASN A 763 18.72 35.40 34.60
CA ASN A 763 18.79 35.06 36.01
C ASN A 763 19.43 36.18 36.82
N PRO A 764 18.76 37.32 37.01
CA PRO A 764 19.38 38.42 37.74
C PRO A 764 19.35 38.26 39.25
N TYR A 765 18.60 37.29 39.76
CA TYR A 765 18.57 37.02 41.18
C TYR A 765 19.51 35.90 41.59
N HIS A 766 19.97 35.09 40.62
CA HIS A 766 20.91 33.99 40.84
C HIS A 766 20.39 32.97 41.86
N GLU A 767 19.10 32.67 41.78
CA GLU A 767 18.49 31.74 42.71
C GLU A 767 18.74 30.30 42.27
N SER A 768 18.23 29.35 43.05
CA SER A 768 18.29 27.93 42.70
C SER A 768 17.27 27.65 41.60
N VAL A 769 17.19 26.39 41.17
CA VAL A 769 16.46 26.04 39.95
C VAL A 769 14.96 26.22 40.13
N GLU A 770 14.44 25.73 41.26
CA GLU A 770 12.99 25.62 41.42
C GLU A 770 12.32 26.95 41.67
N GLU A 771 13.02 27.87 42.33
CA GLU A 771 12.50 29.23 42.48
C GLU A 771 12.40 29.92 41.13
N LEU A 772 13.35 29.65 40.25
CA LEU A 772 13.28 30.19 38.91
C LEU A 772 12.26 29.44 38.06
N ARG A 773 11.96 28.19 38.41
CA ARG A 773 10.97 27.45 37.66
C ARG A 773 9.58 27.98 37.94
N ASP A 774 9.21 28.09 39.21
CA ASP A 774 7.89 28.62 39.51
C ASP A 774 7.86 30.15 39.47
N ARG A 775 9.02 30.81 39.36
CA ARG A 775 9.04 32.25 39.19
C ARG A 775 8.58 32.63 37.80
N VAL A 776 8.82 31.75 36.81
CA VAL A 776 8.27 31.95 35.48
C VAL A 776 7.15 30.96 35.17
N LYS A 777 6.77 30.11 36.12
CA LYS A 777 5.61 29.21 36.06
C LYS A 777 5.75 28.17 34.95
N GLY A 778 7.00 27.76 34.74
CA GLY A 778 7.28 26.60 33.93
C GLY A 778 7.91 26.88 32.58
N VAL A 779 7.81 28.09 32.06
CA VAL A 779 8.23 28.35 30.68
C VAL A 779 9.75 28.34 30.60
N SER A 780 10.28 27.60 29.62
CA SER A 780 11.72 27.46 29.47
C SER A 780 12.20 27.53 28.02
N ALA A 781 11.31 27.73 27.06
CA ALA A 781 11.67 27.82 25.64
C ALA A 781 11.04 29.07 25.04
N LYS A 782 11.60 29.52 23.94
CA LYS A 782 11.17 30.81 23.40
C LYS A 782 9.95 30.66 22.52
N PRO A 783 8.87 31.38 22.78
CA PRO A 783 7.72 31.38 21.87
C PRO A 783 7.94 32.33 20.71
N PHE A 784 7.32 31.98 19.58
CA PHE A 784 7.60 32.69 18.35
C PHE A 784 6.39 32.91 17.45
N ILE A 785 5.21 32.48 17.84
CA ILE A 785 4.00 32.71 17.06
C ILE A 785 3.03 33.50 17.93
N GLU A 786 2.24 34.38 17.31
CA GLU A 786 1.10 34.93 18.00
C GLU A 786 0.07 33.83 18.16
N THR A 787 0.05 33.19 19.33
CA THR A 787 -0.86 32.10 19.60
C THR A 787 -1.97 32.56 20.52
N VAL A 788 -3.20 32.35 20.08
CA VAL A 788 -4.36 32.49 20.95
C VAL A 788 -4.98 31.11 21.08
N PRO A 789 -4.46 30.27 21.98
CA PRO A 789 -4.84 28.86 22.01
C PRO A 789 -6.26 28.64 22.49
N SER A 790 -6.93 27.69 21.86
CA SER A 790 -8.36 27.49 22.04
C SER A 790 -8.58 26.06 22.51
N ILE A 791 -9.81 25.73 22.92
CA ILE A 791 -10.16 24.40 23.39
C ILE A 791 -11.25 23.84 22.50
N ASP A 792 -11.23 22.53 22.27
CA ASP A 792 -12.36 21.84 21.66
C ASP A 792 -12.91 20.87 22.69
N ALA A 793 -14.22 20.90 22.90
CA ALA A 793 -14.77 20.34 24.13
C ALA A 793 -14.93 18.83 24.07
N LEU A 794 -14.60 18.22 22.93
CA LEU A 794 -14.54 16.77 22.88
C LEU A 794 -13.48 16.25 23.83
N HIS A 795 -12.38 17.00 23.96
CA HIS A 795 -11.45 16.83 25.06
C HIS A 795 -12.12 17.04 26.42
N CYS A 796 -13.00 18.03 26.54
CA CYS A 796 -13.61 18.23 27.84
C CYS A 796 -14.68 17.19 28.12
N ASP A 797 -15.38 16.74 27.07
CA ASP A 797 -16.33 15.66 27.21
C ASP A 797 -15.65 14.40 27.69
N ILE A 798 -14.51 14.02 27.09
CA ILE A 798 -13.82 12.85 27.58
C ILE A 798 -13.15 13.09 28.92
N GLY A 799 -12.84 14.34 29.26
CA GLY A 799 -12.28 14.63 30.57
C GLY A 799 -13.29 14.37 31.69
N ASN A 800 -14.50 14.91 31.55
CA ASN A 800 -15.51 14.66 32.56
C ASN A 800 -16.03 13.23 32.49
N ALA A 801 -15.95 12.61 31.31
CA ALA A 801 -16.36 11.22 31.21
C ALA A 801 -15.41 10.29 31.93
N ALA A 802 -14.11 10.63 31.92
CA ALA A 802 -13.14 9.86 32.68
C ALA A 802 -13.44 9.91 34.16
N GLU A 803 -13.76 11.12 34.66
CA GLU A 803 -14.15 11.27 36.05
C GLU A 803 -15.45 10.54 36.35
N PHE A 804 -16.37 10.53 35.39
CA PHE A 804 -17.62 9.78 35.53
C PHE A 804 -17.34 8.30 35.69
N TYR A 805 -16.43 7.75 34.89
CA TYR A 805 -16.15 6.32 34.97
C TYR A 805 -15.40 5.98 36.25
N LYS A 806 -14.50 6.87 36.67
CA LYS A 806 -13.80 6.67 37.93
C LYS A 806 -14.77 6.68 39.11
N ILE A 807 -15.68 7.66 39.13
CA ILE A 807 -16.59 7.74 40.26
C ILE A 807 -17.61 6.63 40.20
N PHE A 808 -17.91 6.10 39.01
CA PHE A 808 -18.83 4.97 38.94
C PHE A 808 -18.18 3.71 39.47
N GLN A 809 -16.90 3.51 39.16
CA GLN A 809 -16.22 2.33 39.67
C GLN A 809 -16.03 2.40 41.18
N LEU A 810 -15.70 3.57 41.73
CA LEU A 810 -15.57 3.64 43.17
C LEU A 810 -16.90 3.64 43.89
N GLU A 811 -17.94 4.21 43.29
CA GLU A 811 -19.25 4.21 43.91
C GLU A 811 -19.87 2.83 43.91
N ILE A 812 -19.57 2.01 42.91
CA ILE A 812 -19.92 0.61 43.04
C ILE A 812 -18.91 -0.11 43.92
N GLY A 813 -17.74 0.49 44.16
CA GLY A 813 -16.74 -0.17 44.99
C GLY A 813 -16.90 0.10 46.46
N GLU A 814 -17.71 1.11 46.82
CA GLU A 814 -17.98 1.54 48.20
C GLU A 814 -16.69 1.87 48.96
N VAL A 815 -15.78 2.56 48.29
CA VAL A 815 -14.49 2.89 48.90
C VAL A 815 -14.57 4.05 49.88
N TYR A 816 -15.73 4.71 49.99
CA TYR A 816 -15.97 5.54 51.15
C TYR A 816 -15.98 4.71 52.42
N LYS A 817 -16.58 3.52 52.37
CA LYS A 817 -16.47 2.55 53.43
C LYS A 817 -15.12 1.85 53.44
N HIS A 818 -14.43 1.84 52.29
CA HIS A 818 -13.24 1.03 52.09
C HIS A 818 -12.10 1.92 51.63
N PRO A 819 -11.44 2.66 52.52
CA PRO A 819 -10.51 3.71 52.08
C PRO A 819 -9.21 3.21 51.45
N ASN A 820 -8.55 2.24 52.09
CA ASN A 820 -7.37 1.61 51.53
C ASN A 820 -7.70 0.20 51.06
N ALA A 821 -7.35 -0.09 49.81
CA ALA A 821 -7.82 -1.32 49.20
C ALA A 821 -6.81 -1.78 48.17
N SER A 822 -6.84 -3.08 47.86
CA SER A 822 -5.94 -3.68 46.88
C SER A 822 -6.40 -3.37 45.46
N LYS A 823 -5.58 -3.78 44.50
CA LYS A 823 -5.94 -3.60 43.10
C LYS A 823 -7.09 -4.53 42.71
N GLU A 824 -7.16 -5.71 43.31
CA GLU A 824 -8.00 -6.80 42.80
C GLU A 824 -9.48 -6.52 43.00
N GLU A 825 -9.86 -6.05 44.19
CA GLU A 825 -11.28 -5.90 44.52
C GLU A 825 -11.95 -4.86 43.63
N ARG A 826 -11.21 -3.80 43.29
CA ARG A 826 -11.70 -2.82 42.33
C ARG A 826 -11.83 -3.41 40.93
N LYS A 827 -10.96 -4.36 40.56
CA LYS A 827 -11.16 -5.07 39.31
C LYS A 827 -12.42 -5.93 39.36
N ARG A 828 -12.72 -6.48 40.55
CA ARG A 828 -13.92 -7.29 40.69
C ARG A 828 -15.19 -6.45 40.58
N TRP A 829 -15.20 -5.28 41.20
CA TRP A 829 -16.36 -4.42 41.08
C TRP A 829 -16.43 -3.80 39.69
N GLN A 830 -15.28 -3.69 39.01
CA GLN A 830 -15.27 -3.32 37.59
C GLN A 830 -15.89 -4.42 36.74
N ALA A 831 -15.62 -5.67 37.07
CA ALA A 831 -16.20 -6.79 36.34
C ALA A 831 -17.71 -6.84 36.54
N THR A 832 -18.17 -6.57 37.76
CA THR A 832 -19.61 -6.50 38.00
C THR A 832 -20.23 -5.32 37.26
N LEU A 833 -19.52 -4.19 37.19
CA LEU A 833 -20.03 -3.03 36.46
C LEU A 833 -20.13 -3.31 34.97
N ASP A 834 -19.11 -3.94 34.39
CA ASP A 834 -19.13 -4.22 32.95
C ASP A 834 -20.09 -5.35 32.62
N LYS A 835 -20.24 -6.33 33.51
CA LYS A 835 -21.23 -7.37 33.31
C LYS A 835 -22.64 -6.78 33.39
N HIS A 836 -22.84 -5.80 34.27
CA HIS A 836 -24.16 -5.18 34.35
C HIS A 836 -24.41 -4.24 33.18
N LEU A 837 -23.35 -3.61 32.65
CA LEU A 837 -23.52 -2.76 31.49
C LEU A 837 -23.79 -3.56 30.23
N ARG A 838 -23.17 -4.73 30.10
CA ARG A 838 -23.48 -5.65 29.03
C ARG A 838 -24.73 -6.47 29.32
N LYS A 839 -25.28 -6.37 30.53
CA LYS A 839 -26.55 -7.00 30.85
C LYS A 839 -27.74 -6.08 30.59
N ARG A 840 -27.62 -4.78 30.89
CA ARG A 840 -28.74 -3.86 30.68
C ARG A 840 -28.56 -2.99 29.45
N MET A 841 -27.55 -2.14 29.42
CA MET A 841 -27.38 -1.22 28.30
C MET A 841 -26.79 -1.90 27.09
N ASN A 842 -26.11 -3.03 27.31
CA ASN A 842 -25.76 -4.01 26.28
C ASN A 842 -24.79 -3.41 25.25
N LEU A 843 -23.95 -2.49 25.69
CA LEU A 843 -22.99 -1.85 24.81
C LEU A 843 -21.72 -2.69 24.69
N LYS A 844 -20.70 -2.10 24.09
CA LYS A 844 -19.40 -2.74 23.96
C LYS A 844 -18.43 -2.15 24.98
N PRO A 845 -18.27 -2.77 26.16
CA PRO A 845 -17.39 -2.17 27.17
C PRO A 845 -15.93 -2.34 26.80
N ILE A 846 -15.18 -1.26 26.95
CA ILE A 846 -13.81 -1.19 26.45
C ILE A 846 -13.02 -0.23 27.32
N MET A 847 -11.82 -0.66 27.72
CA MET A 847 -10.93 0.19 28.50
C MET A 847 -10.32 1.31 27.68
N ARG A 848 -10.25 1.15 26.37
CA ARG A 848 -9.87 2.25 25.49
C ARG A 848 -11.01 3.26 25.43
N MET A 849 -10.79 4.47 25.94
CA MET A 849 -11.84 5.47 26.04
C MET A 849 -12.15 6.05 24.66
N ASN A 850 -13.45 6.12 24.34
CA ASN A 850 -13.90 6.65 23.05
C ASN A 850 -15.02 7.65 23.23
N GLY A 851 -15.21 8.53 22.25
CA GLY A 851 -16.23 9.55 22.33
C GLY A 851 -17.63 8.98 22.24
N ASN A 852 -17.76 7.84 21.54
CA ASN A 852 -19.08 7.29 21.27
C ASN A 852 -19.70 6.66 22.52
N PHE A 853 -18.93 5.85 23.26
CA PHE A 853 -19.44 5.22 24.47
C PHE A 853 -19.74 6.25 25.56
N ALA A 854 -18.85 7.22 25.72
CA ALA A 854 -19.08 8.30 26.68
C ALA A 854 -20.29 9.14 26.30
N ARG A 855 -20.48 9.39 25.01
CA ARG A 855 -21.66 10.14 24.57
C ARG A 855 -22.93 9.30 24.71
N LYS A 856 -22.79 7.98 24.67
CA LYS A 856 -23.92 7.10 24.94
C LYS A 856 -24.32 7.13 26.41
N LEU A 857 -23.36 7.36 27.30
CA LEU A 857 -23.63 7.22 28.73
C LEU A 857 -24.53 8.30 29.33
N MET A 858 -24.94 9.32 28.57
CA MET A 858 -25.56 10.50 29.19
C MET A 858 -27.09 10.51 29.04
N THR A 859 -27.74 9.72 29.90
CA THR A 859 -29.17 9.85 30.13
C THR A 859 -29.51 9.40 31.53
N GLN A 860 -30.78 9.58 31.91
CA GLN A 860 -31.21 9.23 33.25
C GLN A 860 -31.34 7.73 33.43
N GLU A 861 -31.42 6.98 32.34
CA GLU A 861 -31.50 5.53 32.43
C GLU A 861 -30.18 4.92 32.86
N THR A 862 -29.06 5.50 32.41
CA THR A 862 -27.74 5.01 32.81
C THR A 862 -27.50 5.21 34.29
N VAL A 863 -27.75 6.43 34.79
CA VAL A 863 -27.56 6.69 36.21
C VAL A 863 -28.57 5.92 37.04
N ASP A 864 -29.78 5.72 36.50
CA ASP A 864 -30.80 4.95 37.21
C ASP A 864 -30.37 3.49 37.35
N ALA A 865 -29.89 2.89 36.27
CA ALA A 865 -29.47 1.50 36.27
C ALA A 865 -28.20 1.26 37.07
N VAL A 866 -27.29 2.22 37.12
CA VAL A 866 -26.13 2.02 37.99
C VAL A 866 -26.49 2.24 39.46
N CYS A 867 -27.29 3.24 39.78
CA CYS A 867 -27.55 3.54 41.19
C CYS A 867 -28.57 2.61 41.81
N GLU A 868 -29.30 1.82 41.03
CA GLU A 868 -30.24 0.91 41.69
C GLU A 868 -29.58 -0.29 42.36
N LEU A 869 -28.25 -0.39 42.33
CA LEU A 869 -27.58 -1.56 42.86
C LEU A 869 -27.12 -1.35 44.29
N ILE A 870 -26.35 -0.29 44.54
CA ILE A 870 -25.72 -0.04 45.84
C ILE A 870 -26.79 0.29 46.88
N PRO A 871 -26.52 0.05 48.17
CA PRO A 871 -27.40 0.61 49.21
C PRO A 871 -27.11 2.10 49.42
N SER A 872 -27.54 2.90 48.45
CA SER A 872 -27.25 4.33 48.44
C SER A 872 -28.18 5.04 49.42
N GLU A 873 -27.67 5.34 50.60
CA GLU A 873 -28.38 6.26 51.48
C GLU A 873 -28.20 7.69 51.01
N GLU A 874 -27.19 7.93 50.19
CA GLU A 874 -26.89 9.27 49.70
C GLU A 874 -26.71 9.33 48.20
N ARG A 875 -26.14 8.29 47.59
CA ARG A 875 -25.53 8.45 46.27
C ARG A 875 -26.56 8.51 45.15
N HIS A 876 -27.80 8.08 45.40
CA HIS A 876 -28.87 8.14 44.40
C HIS A 876 -29.09 9.55 43.91
N GLU A 877 -29.51 10.43 44.81
CA GLU A 877 -29.72 11.83 44.49
C GLU A 877 -28.43 12.54 44.15
N ALA A 878 -27.29 12.07 44.69
CA ALA A 878 -26.00 12.68 44.39
C ALA A 878 -25.67 12.53 42.91
N LEU A 879 -25.75 11.31 42.40
CA LEU A 879 -25.47 11.09 40.98
C LEU A 879 -26.58 11.67 40.13
N ARG A 880 -27.80 11.77 40.68
CA ARG A 880 -28.90 12.42 39.99
C ARG A 880 -28.62 13.89 39.75
N GLU A 881 -28.28 14.64 40.79
CA GLU A 881 -27.99 16.05 40.63
C GLU A 881 -26.68 16.28 39.88
N LEU A 882 -25.78 15.31 39.90
CA LEU A 882 -24.63 15.33 39.01
C LEU A 882 -25.08 15.33 37.55
N MET A 883 -26.00 14.43 37.22
CA MET A 883 -26.54 14.36 35.87
C MET A 883 -27.29 15.63 35.51
N ASP A 884 -27.98 16.23 36.47
CA ASP A 884 -28.73 17.45 36.21
C ASP A 884 -27.81 18.63 35.93
N LEU A 885 -26.77 18.81 36.75
CA LEU A 885 -25.81 19.87 36.49
C LEU A 885 -25.04 19.63 35.21
N TYR A 886 -24.71 18.36 34.91
CA TYR A 886 -23.97 18.10 33.69
C TYR A 886 -24.83 18.29 32.45
N LEU A 887 -26.11 17.98 32.54
CA LEU A 887 -26.98 18.26 31.40
C LEU A 887 -27.26 19.73 31.23
N LYS A 888 -27.21 20.53 32.31
CA LYS A 888 -27.31 21.96 32.09
C LYS A 888 -26.01 22.53 31.52
N MET A 889 -24.86 21.95 31.87
CA MET A 889 -23.60 22.43 31.32
C MET A 889 -23.21 21.77 30.01
N LYS A 890 -24.02 20.85 29.51
CA LYS A 890 -23.77 20.32 28.17
C LYS A 890 -23.99 21.33 27.03
N PRO A 891 -25.13 22.05 26.92
CA PRO A 891 -25.36 22.79 25.68
C PRO A 891 -24.56 24.08 25.53
N VAL A 892 -23.72 24.46 26.49
CA VAL A 892 -22.84 25.59 26.24
C VAL A 892 -21.79 25.23 25.20
N TRP A 893 -21.27 24.02 25.27
CA TRP A 893 -20.42 23.55 24.19
C TRP A 893 -21.21 22.84 23.11
N ARG A 894 -22.44 22.42 23.38
CA ARG A 894 -23.26 21.80 22.34
C ARG A 894 -24.14 22.80 21.63
N SER A 895 -23.71 24.04 21.48
CA SER A 895 -24.43 25.05 20.74
C SER A 895 -23.66 25.62 19.56
N SER A 896 -22.38 25.91 19.74
CA SER A 896 -21.42 26.52 18.79
C SER A 896 -21.81 27.93 18.34
N CYS A 897 -22.92 28.47 18.85
CA CYS A 897 -23.31 29.86 18.59
C CYS A 897 -24.14 30.37 19.76
N PRO A 898 -23.56 30.45 20.97
CA PRO A 898 -24.38 30.69 22.16
C PRO A 898 -24.82 32.13 22.32
N ALA A 899 -24.15 33.09 21.66
CA ALA A 899 -24.50 34.50 21.83
C ALA A 899 -25.84 34.82 21.20
N LYS A 900 -26.25 34.04 20.21
CA LYS A 900 -27.55 34.24 19.58
C LYS A 900 -28.61 33.29 20.12
N GLU A 901 -28.38 31.98 20.07
CA GLU A 901 -29.45 31.03 20.36
C GLU A 901 -29.70 30.90 21.85
N CYS A 902 -28.65 30.75 22.64
CA CYS A 902 -28.79 30.40 24.06
C CYS A 902 -28.08 31.41 24.95
N PRO A 903 -28.73 32.54 25.25
CA PRO A 903 -28.26 33.36 26.37
C PRO A 903 -28.54 32.71 27.71
N GLU A 904 -29.54 31.83 27.78
CA GLU A 904 -29.81 31.06 29.00
C GLU A 904 -28.68 30.10 29.33
N SER A 905 -27.85 29.76 28.36
CA SER A 905 -26.75 28.85 28.62
C SER A 905 -25.44 29.61 28.84
N LEU A 906 -25.30 30.79 28.22
CA LEU A 906 -24.15 31.72 28.44
C LEU A 906 -24.25 32.27 29.88
N CYS A 907 -25.47 32.45 30.36
CA CYS A 907 -25.63 32.73 31.78
C CYS A 907 -25.69 31.42 32.57
N GLN A 908 -25.74 31.57 33.89
CA GLN A 908 -25.74 30.53 34.93
C GLN A 908 -24.44 29.74 35.06
N TYR A 909 -23.46 30.01 34.18
CA TYR A 909 -22.29 29.14 34.07
C TYR A 909 -21.40 29.21 35.30
N SER A 910 -21.28 30.39 35.90
CA SER A 910 -20.37 30.58 37.02
C SER A 910 -20.81 29.80 38.26
N PHE A 911 -22.05 30.01 38.70
CA PHE A 911 -22.50 29.23 39.84
C PHE A 911 -22.91 27.81 39.46
N ASN A 912 -23.03 27.50 38.17
CA ASN A 912 -23.12 26.11 37.76
C ASN A 912 -21.83 25.37 38.07
N SER A 913 -20.70 25.92 37.65
CA SER A 913 -19.40 25.35 37.97
C SER A 913 -19.13 25.40 39.46
N GLN A 914 -19.59 26.46 40.14
CA GLN A 914 -19.41 26.57 41.58
C GLN A 914 -20.24 25.52 42.33
N ARG A 915 -21.43 25.21 41.82
CA ARG A 915 -22.25 24.19 42.46
C ARG A 915 -21.68 22.81 42.20
N PHE A 916 -21.11 22.60 41.01
CA PHE A 916 -20.35 21.39 40.75
C PHE A 916 -19.17 21.27 41.72
N ALA A 917 -18.48 22.38 41.97
CA ALA A 917 -17.37 22.39 42.91
C ALA A 917 -17.85 22.04 44.31
N GLU A 918 -19.03 22.58 44.68
CA GLU A 918 -19.63 22.26 45.98
C GLU A 918 -19.96 20.78 46.10
N LEU A 919 -20.54 20.20 45.04
CA LEU A 919 -20.93 18.79 45.08
C LEU A 919 -19.70 17.89 45.18
N LEU A 920 -18.69 18.14 44.35
CA LEU A 920 -17.53 17.26 44.32
C LEU A 920 -16.68 17.43 45.57
N SER A 921 -16.66 18.62 46.16
CA SER A 921 -15.93 18.77 47.41
C SER A 921 -16.66 18.07 48.54
N THR A 922 -17.95 18.36 48.70
CA THR A 922 -18.63 17.93 49.92
C THR A 922 -19.12 16.49 49.89
N LYS A 923 -18.95 15.74 48.81
CA LYS A 923 -19.40 14.36 48.86
C LYS A 923 -18.29 13.33 48.75
N PHE A 924 -17.54 13.33 47.66
CA PHE A 924 -16.48 12.36 47.48
C PHE A 924 -15.13 12.96 47.85
N LYS A 925 -14.89 13.09 49.15
CA LYS A 925 -13.64 13.70 49.60
C LYS A 925 -12.52 12.66 49.72
N TYR A 926 -12.38 11.85 48.68
CA TYR A 926 -11.15 11.13 48.40
C TYR A 926 -10.77 11.17 46.92
N ARG A 927 -11.71 11.41 46.02
CA ARG A 927 -11.45 11.62 44.61
C ARG A 927 -11.01 13.04 44.29
N TYR A 928 -10.84 13.88 45.33
CA TYR A 928 -10.03 15.09 45.22
C TYR A 928 -8.63 14.79 45.73
N GLU A 929 -8.06 13.71 45.18
CA GLU A 929 -6.71 13.28 45.53
C GLU A 929 -5.68 14.29 45.03
N GLY A 930 -5.85 14.80 43.82
CA GLY A 930 -4.99 15.88 43.36
C GLY A 930 -4.46 15.74 41.95
N LYS A 931 -4.54 14.56 41.35
CA LYS A 931 -3.91 14.29 40.07
C LYS A 931 -4.99 14.18 39.01
N ILE A 932 -5.44 15.32 38.50
CA ILE A 932 -6.56 15.36 37.57
C ILE A 932 -6.07 15.90 36.23
N THR A 933 -6.98 15.94 35.28
CA THR A 933 -6.64 16.31 33.92
C THR A 933 -6.76 17.82 33.72
N ASN A 934 -6.12 18.29 32.64
CA ASN A 934 -6.20 19.70 32.29
C ASN A 934 -7.56 20.04 31.69
N TYR A 935 -8.21 19.06 31.08
CA TYR A 935 -9.48 19.31 30.42
C TYR A 935 -10.59 19.58 31.43
N PHE A 936 -10.46 19.00 32.61
CA PHE A 936 -11.22 19.41 33.78
C PHE A 936 -11.07 20.91 34.02
N HIS A 937 -9.82 21.36 34.23
CA HIS A 937 -9.55 22.76 34.52
C HIS A 937 -9.89 23.65 33.33
N LYS A 938 -9.76 23.12 32.12
CA LYS A 938 -10.04 23.92 30.93
C LYS A 938 -11.52 24.12 30.73
N THR A 939 -12.34 23.13 31.09
CA THR A 939 -13.78 23.37 30.94
C THR A 939 -14.40 24.06 32.14
N LEU A 940 -13.75 24.06 33.30
CA LEU A 940 -14.34 24.82 34.39
C LEU A 940 -13.89 26.28 34.39
N ALA A 941 -12.58 26.51 34.26
CA ALA A 941 -12.11 27.87 34.42
C ALA A 941 -12.34 28.76 33.20
N HIS A 942 -11.74 28.42 32.07
CA HIS A 942 -11.49 29.40 31.02
C HIS A 942 -12.67 29.65 30.09
N VAL A 943 -13.74 28.88 30.21
CA VAL A 943 -14.80 28.82 29.19
C VAL A 943 -15.53 30.14 28.95
N PRO A 944 -16.04 30.88 29.97
CA PRO A 944 -16.66 32.17 29.64
C PRO A 944 -15.67 33.21 29.14
N GLU A 945 -14.39 33.09 29.47
CA GLU A 945 -13.39 33.97 28.87
C GLU A 945 -13.24 33.69 27.39
N ILE A 946 -13.34 32.41 27.00
CA ILE A 946 -13.28 32.08 25.58
C ILE A 946 -14.52 32.57 24.84
N ILE A 947 -15.70 32.51 25.48
CA ILE A 947 -16.91 32.98 24.81
C ILE A 947 -16.89 34.50 24.70
N GLU A 948 -16.41 35.18 25.74
CA GLU A 948 -16.23 36.63 25.66
C GLU A 948 -15.15 37.01 24.66
N ARG A 949 -14.18 36.14 24.42
CA ARG A 949 -13.19 36.37 23.37
C ARG A 949 -13.82 36.26 21.99
N ASP A 950 -14.50 35.15 21.72
CA ASP A 950 -15.02 34.89 20.38
C ASP A 950 -16.52 34.66 20.32
N GLY A 951 -17.07 33.86 21.23
CA GLY A 951 -18.47 33.49 21.13
C GLY A 951 -18.77 32.32 20.21
N SER A 952 -17.86 31.35 20.12
CA SER A 952 -18.09 30.13 19.35
C SER A 952 -17.15 29.07 19.88
N ILE A 953 -17.48 27.81 19.63
CA ILE A 953 -16.59 26.72 19.97
C ILE A 953 -16.10 25.96 18.73
N GLY A 954 -16.82 26.03 17.62
CA GLY A 954 -16.41 25.36 16.40
C GLY A 954 -16.65 23.86 16.44
N ALA A 955 -16.30 23.21 15.34
CA ALA A 955 -16.42 21.76 15.20
C ALA A 955 -15.20 21.17 14.49
N TRP A 956 -14.00 21.55 14.93
CA TRP A 956 -12.80 21.02 14.30
C TRP A 956 -12.40 19.69 14.92
N ALA A 957 -11.30 19.13 14.41
CA ALA A 957 -10.80 17.84 14.89
C ALA A 957 -9.31 17.70 14.68
N ASN A 961 -8.93 17.19 11.50
CA ASN A 961 -8.95 15.73 11.64
C ASN A 961 -7.79 15.09 10.89
N GLN A 962 -7.91 13.78 10.72
CA GLN A 962 -7.04 13.01 9.87
C GLN A 962 -7.49 13.02 8.42
N SER A 963 -8.59 13.72 8.12
CA SER A 963 -9.24 13.63 6.81
C SER A 963 -8.37 14.22 5.71
N GLY A 964 -7.43 15.09 6.07
CA GLY A 964 -6.53 15.61 5.07
C GLY A 964 -5.54 14.58 4.57
N ASN A 965 -5.32 13.51 5.34
CA ASN A 965 -4.33 12.51 4.95
C ASN A 965 -4.77 11.75 3.73
N LYS A 966 -6.00 11.26 3.74
CA LYS A 966 -6.46 10.43 2.63
C LYS A 966 -6.62 11.26 1.38
N LEU A 967 -7.00 12.52 1.52
CA LEU A 967 -7.12 13.40 0.37
C LEU A 967 -5.75 13.77 -0.17
N PHE A 968 -4.77 13.95 0.73
CA PHE A 968 -3.43 14.26 0.29
C PHE A 968 -2.81 13.07 -0.44
N ARG A 969 -3.05 11.87 0.07
CA ARG A 969 -2.56 10.68 -0.62
C ARG A 969 -3.28 10.47 -1.93
N ARG A 970 -4.56 10.88 -1.99
CA ARG A 970 -5.31 10.86 -3.23
C ARG A 970 -4.66 11.75 -4.28
N PHE A 971 -4.33 12.98 -3.92
CA PHE A 971 -3.61 13.82 -4.87
C PHE A 971 -2.21 13.32 -5.15
N ARG A 972 -1.64 12.57 -4.21
CA ARG A 972 -0.25 12.17 -4.40
C ARG A 972 -0.12 11.02 -5.37
N LYS A 973 -0.87 9.95 -5.15
CA LYS A 973 -0.60 8.74 -5.91
C LYS A 973 -1.23 8.76 -7.29
N MET A 974 -2.38 9.43 -7.42
CA MET A 974 -3.15 9.38 -8.64
C MET A 974 -2.57 10.30 -9.72
N ASN A 975 -2.43 11.58 -9.40
CA ASN A 975 -2.16 12.62 -10.40
C ASN A 975 -0.91 13.40 -10.01
N ALA A 976 0.26 12.91 -10.41
CA ALA A 976 1.49 13.58 -10.04
C ALA A 976 2.62 13.19 -10.97
N ARG A 977 3.67 14.00 -10.95
CA ARG A 977 4.95 13.69 -11.55
C ARG A 977 5.84 13.06 -10.50
N GLN A 978 7.12 13.04 -10.77
CA GLN A 978 8.12 12.33 -9.99
C GLN A 978 9.13 13.32 -9.41
N SER A 979 10.26 12.76 -8.96
CA SER A 979 11.56 13.40 -8.75
C SER A 979 11.67 14.16 -7.44
N LYS A 980 10.72 13.98 -6.51
CA LYS A 980 10.74 14.48 -5.14
C LYS A 980 10.71 16.00 -5.03
N CYS A 981 10.74 16.73 -6.14
CA CYS A 981 10.61 18.18 -6.16
C CYS A 981 9.48 18.62 -7.07
N TYR A 982 9.39 18.01 -8.25
CA TYR A 982 8.30 18.28 -9.17
C TYR A 982 6.97 17.80 -8.64
N GLU A 983 6.95 16.71 -7.86
CA GLU A 983 5.69 16.16 -7.39
C GLU A 983 5.07 17.06 -6.35
N MET A 984 5.90 17.62 -5.47
CA MET A 984 5.36 18.40 -4.36
C MET A 984 4.80 19.74 -4.81
N GLU A 985 5.21 20.21 -5.98
CA GLU A 985 4.53 21.36 -6.58
C GLU A 985 3.09 21.02 -6.89
N ASP A 986 2.90 19.95 -7.65
CA ASP A 986 1.64 19.71 -8.33
C ASP A 986 0.57 19.32 -7.34
N VAL A 987 0.96 18.66 -6.26
CA VAL A 987 -0.02 18.32 -5.24
C VAL A 987 -0.49 19.58 -4.54
N LEU A 988 0.39 20.56 -4.36
CA LEU A 988 -0.05 21.78 -3.71
C LEU A 988 -0.95 22.59 -4.63
N LYS A 989 -0.65 22.56 -5.92
CA LYS A 989 -1.48 23.26 -6.90
C LYS A 989 -2.87 22.65 -6.97
N HIS A 990 -2.94 21.34 -7.10
CA HIS A 990 -4.23 20.66 -7.18
C HIS A 990 -4.97 20.75 -5.85
N HIS A 991 -4.23 20.78 -4.75
CA HIS A 991 -4.83 20.92 -3.45
C HIS A 991 -5.41 22.30 -3.26
N TRP A 992 -4.80 23.30 -3.89
CA TRP A 992 -5.42 24.61 -3.91
C TRP A 992 -6.68 24.60 -4.74
N LEU A 993 -6.59 23.98 -5.91
CA LEU A 993 -7.70 24.00 -6.86
C LEU A 993 -8.92 23.27 -6.34
N TYR A 994 -8.71 22.30 -5.45
CA TYR A 994 -9.83 21.57 -4.87
C TYR A 994 -10.70 22.46 -4.02
N THR A 995 -10.11 23.49 -3.42
CA THR A 995 -10.83 24.26 -2.41
C THR A 995 -10.91 25.74 -2.77
N SER A 996 -10.98 26.05 -4.05
CA SER A 996 -11.31 27.41 -4.45
C SER A 996 -12.82 27.53 -4.56
N LYS A 997 -13.39 28.47 -3.81
CA LYS A 997 -14.83 28.46 -3.61
C LYS A 997 -15.57 29.03 -4.80
N TYR A 998 -14.86 29.61 -5.77
CA TYR A 998 -15.49 29.94 -7.02
C TYR A 998 -15.88 28.69 -7.77
N LEU A 999 -15.09 27.63 -7.60
CA LEU A 999 -15.44 26.37 -8.22
C LEU A 999 -16.49 25.61 -7.42
N GLN A 1000 -16.52 25.82 -6.10
CA GLN A 1000 -17.38 24.98 -5.26
C GLN A 1000 -18.84 25.39 -5.39
N LYS A 1001 -19.10 26.57 -5.95
CA LYS A 1001 -20.46 26.93 -6.33
C LYS A 1001 -20.98 26.02 -7.42
N PHE A 1002 -20.09 25.55 -8.30
CA PHE A 1002 -20.56 24.78 -9.43
C PHE A 1002 -20.91 23.36 -9.01
N MET A 1003 -20.11 22.76 -8.15
CA MET A 1003 -20.28 21.35 -7.86
C MET A 1003 -21.35 21.07 -6.83
N ASN A 1004 -22.19 22.05 -6.52
CA ASN A 1004 -23.50 21.78 -5.93
C ASN A 1004 -24.59 22.54 -6.66
N ALA A 1005 -24.58 22.48 -7.98
CA ALA A 1005 -25.62 23.11 -8.79
C ALA A 1005 -26.84 22.23 -8.95
N HIS A 1006 -26.84 21.04 -8.34
CA HIS A 1006 -27.98 20.14 -8.41
C HIS A 1006 -29.17 20.68 -7.64
N ASN A 1007 -28.95 21.23 -6.45
CA ASN A 1007 -30.04 21.86 -5.71
C ASN A 1007 -30.10 23.35 -5.98
N ALA A 1008 -29.41 23.82 -7.01
CA ALA A 1008 -29.57 25.18 -7.48
C ALA A 1008 -30.82 25.24 -8.34
N MET B 1 45.90 6.08 16.14
CA MET B 1 46.54 4.78 16.04
C MET B 1 45.59 3.68 16.44
N SER B 2 44.38 4.06 16.85
CA SER B 2 43.43 3.08 17.35
C SER B 2 42.01 3.62 17.22
N LEU B 3 41.21 3.00 16.34
CA LEU B 3 39.83 3.41 16.13
C LEU B 3 38.89 2.38 16.76
N GLN B 4 37.76 2.87 17.28
CA GLN B 4 36.93 2.10 18.20
C GLN B 4 35.46 2.31 17.91
N MET B 5 34.69 1.23 17.96
CA MET B 5 33.24 1.32 17.95
C MET B 5 32.70 1.41 19.38
N VAL B 6 31.74 2.30 19.59
CA VAL B 6 31.18 2.56 20.91
C VAL B 6 29.77 1.98 20.94
N THR B 7 29.42 1.34 22.05
CA THR B 7 28.03 0.98 22.25
C THR B 7 27.27 2.18 22.80
N VAL B 8 25.96 2.15 22.64
CA VAL B 8 25.15 3.35 22.74
C VAL B 8 24.28 3.32 23.99
N GLY B 9 23.82 4.50 24.39
CA GLY B 9 22.96 4.65 25.54
C GLY B 9 21.48 4.68 25.14
N HIS B 10 20.72 5.49 25.87
CA HIS B 10 19.28 5.52 25.64
C HIS B 10 18.82 6.79 24.95
N ASN B 11 19.22 7.96 25.45
CA ASN B 11 18.75 9.22 24.87
C ASN B 11 19.65 9.60 23.69
N ILE B 12 19.48 8.83 22.62
CA ILE B 12 20.29 9.04 21.41
C ILE B 12 19.71 10.18 20.59
N ALA B 13 18.47 10.57 20.88
CA ALA B 13 17.92 11.78 20.29
C ALA B 13 18.59 13.03 20.80
N LEU B 14 19.34 12.93 21.89
CA LEU B 14 20.04 14.08 22.45
C LEU B 14 21.25 14.47 21.61
N ILE B 15 21.70 13.60 20.70
CA ILE B 15 22.84 13.96 19.87
C ILE B 15 22.36 14.67 18.61
N GLN B 16 23.22 15.54 18.09
CA GLN B 16 23.01 16.23 16.83
C GLN B 16 24.37 16.70 16.33
N PRO B 17 24.58 16.80 15.02
CA PRO B 17 25.82 17.39 14.53
C PRO B 17 25.89 18.87 14.86
N GLY B 18 27.00 19.27 15.45
CA GLY B 18 27.14 20.63 15.94
C GLY B 18 26.90 20.72 17.43
N PHE B 19 27.49 19.79 18.16
CA PHE B 19 27.46 19.83 19.60
C PHE B 19 28.78 20.41 20.11
N SER B 20 29.01 20.31 21.40
CA SER B 20 30.28 20.67 21.99
C SER B 20 30.63 19.67 23.08
N LEU B 21 31.91 19.38 23.23
CA LEU B 21 32.41 18.47 24.24
C LEU B 21 33.51 19.17 25.02
N MET B 22 33.21 19.54 26.26
CA MET B 22 34.07 20.45 27.00
C MET B 22 34.67 19.77 28.21
N ASN B 23 35.98 19.94 28.40
CA ASN B 23 36.70 19.20 29.42
C ASN B 23 37.08 20.11 30.58
N PHE B 24 37.00 19.56 31.78
CA PHE B 24 37.61 20.12 32.98
C PHE B 24 38.12 18.94 33.78
N ASP B 25 39.43 18.94 34.07
CA ASP B 25 40.04 18.05 35.06
C ASP B 25 39.85 16.58 34.70
N GLY B 26 39.92 16.28 33.41
CA GLY B 26 39.71 14.94 32.90
C GLY B 26 38.25 14.52 32.77
N GLN B 27 37.32 15.28 33.33
CA GLN B 27 35.91 15.01 33.17
C GLN B 27 35.40 15.85 32.01
N VAL B 28 34.77 15.20 31.03
CA VAL B 28 34.30 15.91 29.84
C VAL B 28 32.77 15.91 29.86
N PHE B 29 32.19 16.90 29.21
CA PHE B 29 30.78 17.18 29.32
C PHE B 29 30.19 17.45 27.94
N PHE B 30 28.98 16.97 27.75
CA PHE B 30 28.24 17.16 26.51
C PHE B 30 27.35 18.37 26.61
N PHE B 31 27.41 19.22 25.59
CA PHE B 31 26.57 20.38 25.44
C PHE B 31 26.07 20.42 24.01
N GLY B 32 24.88 20.98 23.80
CA GLY B 32 24.36 21.07 22.46
C GLY B 32 23.37 19.98 22.14
N GLN B 33 22.35 19.85 22.99
CA GLN B 33 21.32 18.85 22.80
C GLN B 33 20.41 19.24 21.65
N LYS B 34 19.54 18.32 21.26
CA LYS B 34 18.55 18.58 20.23
C LYS B 34 17.26 19.07 20.89
N GLY B 35 16.54 19.89 20.17
CA GLY B 35 15.26 20.39 20.66
C GLY B 35 15.45 21.45 21.72
N TRP B 36 15.00 21.14 22.93
CA TRP B 36 15.05 22.11 24.01
C TRP B 36 15.32 21.37 25.30
N PRO B 37 15.69 22.08 26.37
CA PRO B 37 15.69 21.45 27.70
C PRO B 37 14.33 20.89 28.06
N LYS B 38 14.33 19.78 28.77
CA LYS B 38 13.12 19.01 29.03
C LYS B 38 12.84 18.93 30.53
N ARG B 39 11.85 18.10 30.89
CA ARG B 39 11.55 17.85 32.30
C ARG B 39 12.66 17.09 32.99
N SER B 40 13.20 16.05 32.34
CA SER B 40 14.29 15.27 32.93
C SER B 40 15.53 16.13 33.11
N CYS B 41 16.08 16.66 32.03
CA CYS B 41 17.18 17.61 32.13
C CYS B 41 16.71 18.96 31.62
N PRO B 42 16.38 19.91 32.49
CA PRO B 42 16.24 21.30 32.04
C PRO B 42 17.54 22.06 32.06
N THR B 43 18.66 21.39 32.30
CA THR B 43 19.94 22.05 32.47
C THR B 43 20.64 22.26 31.13
N GLY B 44 20.91 21.18 30.41
CA GLY B 44 21.53 21.26 29.11
C GLY B 44 22.92 20.65 29.03
N VAL B 45 23.65 20.51 30.12
CA VAL B 45 24.99 19.93 30.10
C VAL B 45 24.92 18.54 30.70
N PHE B 46 25.89 17.70 30.33
CA PHE B 46 25.83 16.31 30.75
C PHE B 46 27.22 15.76 31.07
N HIS B 47 27.26 14.87 32.06
CA HIS B 47 28.44 14.13 32.50
C HIS B 47 28.82 13.15 31.40
N PHE B 48 29.58 13.59 30.40
CA PHE B 48 29.92 12.62 29.38
C PHE B 48 31.04 11.74 29.89
N ASP B 49 30.67 10.58 30.44
CA ASP B 49 31.63 9.67 31.04
C ASP B 49 31.47 8.28 30.42
N ILE B 50 32.60 7.69 30.08
CA ILE B 50 32.64 6.48 29.25
C ILE B 50 33.29 5.35 30.03
N LYS B 51 32.60 4.23 30.13
CA LYS B 51 33.07 3.05 30.82
C LYS B 51 33.10 1.89 29.84
N GLN B 52 34.24 1.16 29.84
CA GLN B 52 34.62 0.08 28.90
C GLN B 52 34.16 0.37 27.47
N ASN B 53 34.47 1.58 26.99
CA ASN B 53 34.12 2.09 25.67
C ASN B 53 32.60 2.05 25.47
N HIS B 54 31.89 2.60 26.45
CA HIS B 54 30.44 2.76 26.39
C HIS B 54 30.04 4.07 27.06
N LEU B 55 29.17 4.83 26.40
CA LEU B 55 28.74 6.14 26.87
C LEU B 55 27.76 6.02 28.03
N LYS B 56 27.82 6.99 28.94
CA LYS B 56 26.77 7.17 29.93
C LYS B 56 26.47 8.66 30.07
N LEU B 57 25.46 9.13 29.35
CA LEU B 57 25.11 10.55 29.34
C LEU B 57 24.27 10.86 30.56
N LYS B 58 24.91 11.36 31.61
CA LYS B 58 24.26 11.61 32.87
C LYS B 58 23.89 13.08 32.98
N PRO B 59 22.73 13.40 33.54
CA PRO B 59 22.39 14.81 33.79
C PRO B 59 23.35 15.44 34.79
N ALA B 60 23.49 16.75 34.66
CA ALA B 60 24.43 17.51 35.48
C ALA B 60 23.71 18.71 36.08
N ILE B 61 24.05 19.04 37.31
CA ILE B 61 23.34 20.05 38.08
C ILE B 61 24.17 21.34 38.11
N PHE B 62 23.54 22.42 38.56
CA PHE B 62 24.12 23.75 38.49
C PHE B 62 24.29 24.38 39.86
N SER B 63 25.16 25.38 39.89
CA SER B 63 25.15 26.34 40.98
C SER B 63 24.06 27.37 40.72
N LYS B 64 23.67 28.09 41.77
CA LYS B 64 22.51 28.95 41.67
C LYS B 64 22.83 30.22 40.90
N ASP B 65 24.09 30.63 40.89
CA ASP B 65 24.51 31.81 40.16
C ASP B 65 24.93 31.48 38.74
N SER B 66 24.89 30.22 38.33
CA SER B 66 25.22 29.85 36.97
C SER B 66 24.15 30.33 36.01
N CYS B 67 24.53 31.27 35.16
CA CYS B 67 23.60 31.95 34.27
C CYS B 67 23.15 30.99 33.18
N TYR B 68 21.84 30.99 32.92
CA TYR B 68 21.23 30.01 32.06
C TYR B 68 21.39 30.42 30.61
N LEU B 69 21.38 29.43 29.73
CA LEU B 69 21.82 29.62 28.36
C LEU B 69 21.34 28.43 27.55
N PRO B 70 20.94 28.63 26.30
CA PRO B 70 20.32 27.56 25.55
C PRO B 70 21.34 26.67 24.89
N PRO B 71 20.96 25.47 24.49
CA PRO B 71 21.86 24.65 23.68
C PRO B 71 21.99 25.22 22.27
N LEU B 72 23.23 25.30 21.80
CA LEU B 72 23.55 25.98 20.56
C LEU B 72 23.96 24.97 19.51
N ARG B 73 24.19 25.43 18.28
CA ARG B 73 24.49 24.50 17.19
C ARG B 73 25.83 24.76 16.52
N TYR B 74 26.22 26.00 16.26
CA TYR B 74 27.58 26.28 15.80
C TYR B 74 28.14 27.49 16.52
N PRO B 75 28.56 27.33 17.76
CA PRO B 75 29.37 28.35 18.41
C PRO B 75 30.83 28.08 18.16
N ALA B 76 31.70 28.83 18.82
CA ALA B 76 33.11 28.44 18.87
C ALA B 76 33.64 28.67 20.27
N THR B 77 34.62 27.86 20.65
CA THR B 77 35.14 27.87 22.00
C THR B 77 36.64 28.08 21.98
N CYS B 78 37.17 28.33 23.17
CA CYS B 78 38.59 28.32 23.45
C CYS B 78 38.77 28.14 24.95
N SER B 79 39.98 27.75 25.34
CA SER B 79 40.29 27.47 26.74
C SER B 79 40.89 28.69 27.42
N TYR B 80 40.87 28.68 28.74
CA TYR B 80 41.45 29.75 29.55
C TYR B 80 42.15 29.08 30.71
N LYS B 81 43.43 28.82 30.54
CA LYS B 81 44.25 28.20 31.58
C LYS B 81 44.96 29.34 32.31
N GLY B 82 44.18 30.20 32.96
CA GLY B 82 44.74 31.29 33.72
C GLY B 82 43.79 31.67 34.86
N LYS B 88 43.07 29.35 37.89
CA LYS B 88 42.02 28.39 37.57
C LYS B 88 41.99 28.14 36.08
N HIS B 89 40.80 27.79 35.57
CA HIS B 89 40.61 27.46 34.17
C HIS B 89 39.14 27.55 33.83
N GLN B 90 38.83 28.13 32.68
CA GLN B 90 37.44 28.23 32.23
C GLN B 90 37.40 28.16 30.71
N TYR B 91 36.21 28.32 30.16
CA TYR B 91 35.98 28.20 28.72
C TYR B 91 35.25 29.43 28.19
N ILE B 92 35.62 29.81 26.97
CA ILE B 92 35.02 30.94 26.26
C ILE B 92 34.25 30.36 25.09
N ILE B 93 32.95 30.64 25.03
CA ILE B 93 32.09 30.16 23.96
C ILE B 93 31.34 31.36 23.39
N HIS B 94 31.16 31.38 22.07
CA HIS B 94 30.59 32.56 21.44
C HIS B 94 29.81 32.15 20.21
N GLY B 95 28.70 32.85 19.99
CA GLY B 95 27.96 32.76 18.75
C GLY B 95 26.79 31.83 18.85
N GLY B 96 26.93 30.66 18.24
CA GLY B 96 25.92 29.64 18.33
C GLY B 96 24.75 29.88 17.42
N LYS B 97 23.98 28.81 17.21
CA LYS B 97 22.71 28.88 16.53
C LYS B 97 21.64 28.42 17.52
N THR B 98 20.60 29.23 17.65
CA THR B 98 19.54 28.98 18.62
C THR B 98 18.77 27.73 18.24
N PRO B 99 18.10 27.08 19.20
CA PRO B 99 17.21 25.96 18.83
C PRO B 99 16.06 26.38 17.95
N ASN B 100 15.58 27.62 18.08
CA ASN B 100 14.62 28.18 17.15
C ASN B 100 15.29 28.83 15.96
N ASN B 101 16.60 28.56 15.80
CA ASN B 101 17.37 28.84 14.58
C ASN B 101 17.43 30.33 14.29
N GLU B 102 18.06 31.04 15.21
CA GLU B 102 18.46 32.42 15.03
C GLU B 102 19.94 32.52 15.36
N LEU B 103 20.45 33.75 15.39
CA LEU B 103 21.86 33.98 15.63
C LEU B 103 22.02 34.74 16.93
N SER B 104 22.55 34.08 17.95
CA SER B 104 22.92 34.81 19.13
C SER B 104 24.24 35.52 18.89
N ASP B 105 24.46 36.57 19.67
CA ASP B 105 25.72 37.30 19.65
C ASP B 105 26.11 37.67 21.07
N LYS B 106 25.98 36.74 21.99
CA LYS B 106 26.34 36.94 23.39
C LYS B 106 27.35 35.88 23.79
N ILE B 107 28.41 36.30 24.48
CA ILE B 107 29.57 35.45 24.70
C ILE B 107 29.49 34.87 26.11
N TYR B 108 29.46 33.55 26.22
CA TYR B 108 29.32 32.93 27.52
C TYR B 108 30.62 32.31 27.99
N ILE B 109 30.75 32.14 29.30
CA ILE B 109 31.94 31.62 29.94
C ILE B 109 31.53 30.43 30.79
N MET B 110 32.15 29.28 30.52
CA MET B 110 31.82 28.01 31.16
C MET B 110 32.92 27.62 32.13
N SER B 111 32.60 27.62 33.43
CA SER B 111 33.55 27.29 34.47
C SER B 111 32.91 26.32 35.45
N VAL B 112 33.76 25.53 36.11
CA VAL B 112 33.28 24.57 37.10
C VAL B 112 33.09 25.29 38.43
N ALA B 113 31.86 25.27 38.94
CA ALA B 113 31.59 25.87 40.25
C ALA B 113 32.17 25.02 41.35
N CYS B 114 31.67 23.79 41.49
CA CYS B 114 32.13 22.90 42.56
C CYS B 114 32.00 21.47 42.08
N LYS B 115 32.62 20.56 42.82
CA LYS B 115 32.62 19.16 42.49
C LYS B 115 32.77 18.36 43.77
N ASN B 116 31.68 17.76 44.24
CA ASN B 116 31.69 16.98 45.46
C ASN B 116 30.89 15.70 45.26
N ASN B 117 31.47 14.57 45.73
CA ASN B 117 30.84 13.25 45.70
C ASN B 117 30.52 12.80 44.28
N LYS B 118 31.36 13.25 43.33
CA LYS B 118 31.08 13.20 41.90
C LYS B 118 29.68 13.70 41.58
N LYS B 119 29.36 14.88 42.12
CA LYS B 119 28.20 15.66 41.73
C LYS B 119 28.71 17.06 41.46
N VAL B 120 28.84 17.41 40.18
CA VAL B 120 29.58 18.61 39.79
C VAL B 120 28.58 19.74 39.59
N THR B 121 29.11 20.96 39.59
CA THR B 121 28.30 22.14 39.33
C THR B 121 29.08 23.11 38.45
N PHE B 122 28.34 23.89 37.70
CA PHE B 122 28.90 24.90 36.81
C PHE B 122 28.52 26.28 37.31
N ARG B 123 29.27 27.27 36.85
CA ARG B 123 29.11 28.66 37.24
C ARG B 123 29.15 29.54 36.01
N CYS B 124 28.37 29.17 35.00
CA CYS B 124 28.41 29.81 33.70
C CYS B 124 27.90 31.23 33.77
N THR B 125 28.54 32.12 33.01
CA THR B 125 28.11 33.51 32.93
C THR B 125 28.03 33.94 31.49
N GLU B 126 27.54 35.16 31.29
CA GLU B 126 27.46 35.78 29.97
C GLU B 126 28.34 37.01 29.93
N LYS B 127 28.46 37.57 28.74
CA LYS B 127 29.26 38.76 28.51
C LYS B 127 28.83 39.40 27.21
N ASP B 128 28.54 40.70 27.27
CA ASP B 128 28.32 41.54 26.12
C ASP B 128 29.50 42.49 25.97
N LEU B 129 29.57 43.16 24.83
CA LEU B 129 30.78 43.88 24.45
C LEU B 129 30.46 45.35 24.18
N VAL B 130 31.49 46.18 24.25
CA VAL B 130 31.42 47.57 23.87
C VAL B 130 32.58 47.88 22.94
N GLY B 131 32.36 48.86 22.07
CA GLY B 131 33.35 49.17 21.05
C GLY B 131 32.92 48.58 19.72
N ASP B 132 33.85 47.94 19.02
CA ASP B 132 33.53 47.27 17.76
C ASP B 132 32.97 45.89 18.08
N VAL B 133 31.68 45.88 18.37
CA VAL B 133 30.93 44.68 18.76
C VAL B 133 30.86 43.75 17.56
N PRO B 134 31.12 42.46 17.71
CA PRO B 134 30.96 41.53 16.60
C PRO B 134 29.52 41.38 16.17
N GLU B 135 29.33 41.40 14.86
CA GLU B 135 28.05 41.14 14.25
C GLU B 135 27.63 39.69 14.54
N PRO B 136 26.34 39.43 14.67
CA PRO B 136 25.89 38.06 14.94
C PRO B 136 26.12 37.16 13.73
N ARG B 137 26.74 36.01 13.99
CA ARG B 137 27.21 35.15 12.92
C ARG B 137 27.43 33.76 13.49
N TYR B 138 27.84 32.83 12.62
CA TYR B 138 28.14 31.47 13.03
C TYR B 138 29.18 30.90 12.08
N GLY B 139 29.70 29.72 12.42
CA GLY B 139 30.84 29.18 11.69
C GLY B 139 32.11 29.96 11.89
N HIS B 140 32.23 30.67 13.00
CA HIS B 140 33.24 31.67 13.27
C HIS B 140 34.45 31.04 13.94
N SER B 141 35.49 31.85 14.14
CA SER B 141 36.71 31.37 14.80
C SER B 141 37.07 32.30 15.95
N ILE B 142 37.14 31.73 17.15
CA ILE B 142 37.65 32.41 18.32
C ILE B 142 38.82 31.60 18.84
N ASP B 143 39.84 32.29 19.34
CA ASP B 143 40.85 31.71 20.21
C ASP B 143 41.34 32.79 21.16
N VAL B 144 42.29 32.44 22.00
CA VAL B 144 42.90 33.39 22.91
C VAL B 144 44.41 33.33 22.69
N VAL B 145 45.08 34.44 22.92
CA VAL B 145 46.52 34.52 22.82
C VAL B 145 47.00 35.49 23.91
N TYR B 146 48.23 35.30 24.36
CA TYR B 146 48.77 36.09 25.44
C TYR B 146 49.94 36.94 24.96
N SER B 147 50.24 37.96 25.77
CA SER B 147 51.18 39.01 25.41
C SER B 147 51.60 39.73 26.67
N ARG B 148 52.90 39.67 26.99
CA ARG B 148 53.47 40.00 28.30
C ARG B 148 52.78 39.24 29.42
N GLY B 149 52.36 38.00 29.16
CA GLY B 149 51.54 37.27 30.10
C GLY B 149 50.15 37.81 30.32
N LYS B 150 49.65 38.65 29.43
CA LYS B 150 48.32 39.22 29.54
C LYS B 150 47.45 38.69 28.42
N SER B 151 46.20 38.35 28.76
CA SER B 151 45.35 37.53 27.91
C SER B 151 44.45 38.40 27.04
N MET B 152 44.21 37.93 25.80
CA MET B 152 43.36 38.66 24.87
C MET B 152 42.84 37.70 23.80
N GLY B 153 41.56 37.81 23.47
CA GLY B 153 40.93 36.92 22.54
C GLY B 153 40.98 37.44 21.11
N VAL B 154 41.29 36.53 20.19
CA VAL B 154 41.38 36.80 18.76
C VAL B 154 40.16 36.20 18.07
N LEU B 155 39.42 37.04 17.35
CA LEU B 155 38.21 36.62 16.66
C LEU B 155 38.32 36.93 15.18
N PHE B 156 38.14 35.89 14.36
CA PHE B 156 37.98 36.06 12.93
C PHE B 156 36.66 35.44 12.53
N GLY B 157 36.02 36.02 11.51
CA GLY B 157 34.63 35.74 11.25
C GLY B 157 34.38 34.47 10.46
N GLY B 158 33.13 34.02 10.55
CA GLY B 158 32.64 32.87 9.82
C GLY B 158 31.67 33.27 8.73
N ARG B 159 30.37 33.20 9.03
CA ARG B 159 29.34 33.60 8.09
C ARG B 159 28.09 33.99 8.87
N SER B 160 27.29 34.85 8.26
CA SER B 160 26.09 35.37 8.91
C SER B 160 24.93 35.36 7.91
N TYR B 161 23.82 35.97 8.30
CA TYR B 161 22.69 36.11 7.40
C TYR B 161 22.92 37.29 6.47
N MET B 162 21.92 37.59 5.67
CA MET B 162 21.88 38.85 4.97
C MET B 162 21.63 39.97 5.97
N PRO B 163 22.13 41.16 5.70
CA PRO B 163 21.81 42.31 6.55
C PRO B 163 20.34 42.69 6.40
N SER B 164 19.82 43.34 7.45
CA SER B 164 18.39 43.49 7.66
C SER B 164 17.69 44.28 6.55
N THR B 165 18.40 45.22 5.92
CA THR B 165 17.78 45.96 4.85
C THR B 165 17.76 45.16 3.56
N GLN B 166 18.80 44.38 3.30
CA GLN B 166 18.93 43.63 2.06
C GLN B 166 18.32 42.25 2.15
N ARG B 167 17.66 41.92 3.25
CA ARG B 167 17.12 40.60 3.48
C ARG B 167 15.62 40.64 3.21
N THR B 168 15.17 39.77 2.30
CA THR B 168 13.77 39.73 1.94
C THR B 168 13.11 38.48 2.49
N THR B 169 11.84 38.27 2.17
CA THR B 169 11.14 37.09 2.66
C THR B 169 11.64 35.83 1.98
N GLU B 170 11.72 35.86 0.65
CA GLU B 170 12.07 34.67 -0.10
C GLU B 170 13.56 34.34 -0.04
N LYS B 171 14.36 35.13 0.66
CA LYS B 171 15.75 34.81 0.92
C LYS B 171 16.08 35.00 2.39
N TRP B 172 15.06 34.93 3.25
CA TRP B 172 15.19 35.20 4.67
C TRP B 172 16.12 34.22 5.36
N ASN B 173 16.30 33.04 4.79
CA ASN B 173 17.21 32.07 5.37
C ASN B 173 18.56 32.07 4.70
N SER B 174 18.77 32.90 3.69
CA SER B 174 20.02 32.86 2.95
C SER B 174 21.14 33.49 3.74
N VAL B 175 22.32 32.87 3.66
CA VAL B 175 23.48 33.25 4.44
C VAL B 175 24.56 33.78 3.50
N ALA B 176 25.60 34.36 4.09
CA ALA B 176 26.64 35.03 3.34
C ALA B 176 27.91 35.12 4.18
N ASP B 177 29.04 35.23 3.49
CA ASP B 177 30.31 35.40 4.18
C ASP B 177 30.41 36.81 4.76
N CYS B 178 30.83 36.89 6.02
CA CYS B 178 30.93 38.17 6.71
C CYS B 178 32.18 38.92 6.28
N LEU B 179 32.43 40.03 6.94
CA LEU B 179 33.46 40.94 6.49
C LEU B 179 34.82 40.55 7.04
N PRO B 180 35.89 40.63 6.23
CA PRO B 180 37.21 40.15 6.67
C PRO B 180 37.88 41.08 7.66
N HIS B 181 37.29 41.22 8.83
CA HIS B 181 37.83 42.06 9.88
C HIS B 181 38.19 41.17 11.04
N VAL B 182 39.30 41.50 11.70
CA VAL B 182 39.69 40.75 12.88
C VAL B 182 39.24 41.56 14.08
N PHE B 183 38.87 40.84 15.14
CA PHE B 183 38.31 41.44 16.33
C PHE B 183 39.18 41.04 17.51
N LEU B 184 39.33 41.97 18.45
CA LEU B 184 40.16 41.76 19.63
C LEU B 184 39.29 41.95 20.86
N ILE B 185 39.35 41.01 21.79
CA ILE B 185 38.40 40.94 22.89
C ILE B 185 39.18 40.91 24.20
N ASP B 186 38.88 41.87 25.08
CA ASP B 186 39.30 41.78 26.46
C ASP B 186 38.11 41.43 27.35
N PHE B 187 38.32 40.52 28.28
CA PHE B 187 37.29 40.12 29.23
C PHE B 187 37.36 40.93 30.51
N GLU B 188 38.49 41.57 30.79
CA GLU B 188 38.63 42.38 32.00
C GLU B 188 37.80 43.66 31.91
N PHE B 189 37.44 44.09 30.70
CA PHE B 189 36.64 45.28 30.51
C PHE B 189 35.52 45.12 29.48
N GLY B 190 35.45 44.02 28.76
CA GLY B 190 34.53 43.94 27.65
C GLY B 190 35.00 44.77 26.47
N CYS B 191 36.31 44.88 26.28
CA CYS B 191 36.85 45.69 25.20
C CYS B 191 36.72 44.95 23.87
N ALA B 192 36.17 45.62 22.87
CA ALA B 192 36.02 45.06 21.55
C ALA B 192 36.49 46.09 20.53
N THR B 193 37.47 45.71 19.71
CA THR B 193 37.92 46.55 18.61
C THR B 193 38.09 45.68 17.38
N SER B 194 38.00 46.30 16.22
CA SER B 194 38.25 45.59 14.98
C SER B 194 39.44 46.18 14.24
N TYR B 195 39.84 45.47 13.19
CA TYR B 195 40.93 45.93 12.35
C TYR B 195 40.65 45.62 10.90
N ILE B 196 41.48 46.17 10.03
CA ILE B 196 41.37 45.98 8.59
C ILE B 196 42.72 45.48 8.09
N LEU B 197 42.72 44.33 7.43
CA LEU B 197 43.93 43.69 6.96
C LEU B 197 43.90 43.66 5.44
N PRO B 198 44.85 44.27 4.76
CA PRO B 198 44.76 44.35 3.30
C PRO B 198 45.09 43.03 2.61
N GLU B 199 45.95 42.20 3.19
CA GLU B 199 46.30 40.95 2.53
C GLU B 199 45.18 39.91 2.59
N LEU B 200 44.28 40.04 3.54
CA LEU B 200 43.16 39.10 3.63
C LEU B 200 42.10 39.47 2.61
N GLN B 201 41.32 38.49 2.18
CA GLN B 201 40.45 38.68 1.03
C GLN B 201 38.96 38.68 1.39
N ASP B 202 38.44 37.59 1.92
CA ASP B 202 36.98 37.48 2.03
C ASP B 202 36.56 36.86 3.36
N GLY B 203 35.31 36.45 3.45
CA GLY B 203 34.89 35.63 4.55
C GLY B 203 35.28 34.19 4.36
N LEU B 204 35.71 33.59 5.47
CA LEU B 204 36.09 32.19 5.50
C LEU B 204 35.25 31.53 6.58
N SER B 205 34.95 30.26 6.40
CA SER B 205 34.07 29.56 7.33
C SER B 205 34.57 28.14 7.56
N PHE B 206 34.51 27.73 8.83
CA PHE B 206 34.97 26.42 9.30
C PHE B 206 36.46 26.22 9.04
N HIS B 207 37.24 27.25 9.36
CA HIS B 207 38.69 27.19 9.30
C HIS B 207 39.26 26.90 10.67
N VAL B 208 40.23 26.00 10.70
CA VAL B 208 40.84 25.55 11.94
C VAL B 208 41.83 26.60 12.41
N SER B 209 41.70 26.99 13.67
CA SER B 209 42.46 28.09 14.26
C SER B 209 43.31 27.54 15.39
N ILE B 210 44.61 27.85 15.36
CA ILE B 210 45.56 27.42 16.38
C ILE B 210 46.19 28.66 16.99
N ALA B 211 46.26 28.71 18.32
CA ALA B 211 46.81 29.89 18.98
C ALA B 211 47.70 29.47 20.14
N ARG B 212 49.01 29.74 20.01
CA ARG B 212 49.98 29.44 21.06
C ARG B 212 50.82 30.69 21.31
N ASN B 213 50.25 31.57 22.14
CA ASN B 213 50.97 32.52 22.99
C ASN B 213 51.66 33.67 22.26
N ASP B 214 51.77 33.64 20.94
CA ASP B 214 52.33 34.77 20.23
C ASP B 214 51.66 35.11 18.91
N THR B 215 51.06 34.15 18.22
CA THR B 215 50.75 34.29 16.80
C THR B 215 49.76 33.20 16.44
N VAL B 216 48.68 33.56 15.78
CA VAL B 216 47.58 32.64 15.52
C VAL B 216 47.67 32.14 14.09
N TYR B 217 47.45 30.84 13.91
CA TYR B 217 47.62 30.19 12.62
C TYR B 217 46.30 29.63 12.14
N ILE B 218 46.00 29.87 10.87
CA ILE B 218 44.71 29.54 10.29
C ILE B 218 44.93 28.59 9.12
N LEU B 219 44.17 27.50 9.10
CA LEU B 219 44.25 26.62 7.95
C LEU B 219 42.86 26.22 7.52
N GLY B 220 42.68 26.00 6.21
CA GLY B 220 41.48 25.38 5.68
C GLY B 220 40.31 26.34 5.60
N GLY B 221 39.13 25.79 5.79
CA GLY B 221 37.91 26.57 5.77
C GLY B 221 37.40 26.82 4.37
N HIS B 222 36.10 26.99 4.27
CA HIS B 222 35.44 27.17 2.99
C HIS B 222 35.16 28.64 2.79
N SER B 223 35.27 29.09 1.54
CA SER B 223 34.94 30.44 1.15
C SER B 223 33.67 30.40 0.32
N LEU B 224 32.56 30.84 0.92
CA LEU B 224 31.27 30.81 0.23
C LEU B 224 31.22 31.83 -0.90
N ALA B 225 31.93 32.95 -0.75
CA ALA B 225 31.96 33.96 -1.80
C ALA B 225 32.67 33.47 -3.06
N SER B 226 33.53 32.45 -2.94
CA SER B 226 34.19 31.88 -4.10
C SER B 226 33.87 30.39 -4.27
N ASN B 227 33.03 29.83 -3.40
CA ASN B 227 32.43 28.49 -3.54
C ASN B 227 33.47 27.36 -3.48
N ILE B 228 34.68 27.68 -3.03
CA ILE B 228 35.74 26.69 -2.90
C ILE B 228 36.47 26.90 -1.59
N ARG B 229 37.50 26.09 -1.38
CA ARG B 229 38.46 26.31 -0.30
C ARG B 229 39.80 26.64 -0.93
N PRO B 230 40.24 27.90 -0.88
CA PRO B 230 41.62 28.21 -1.30
C PRO B 230 42.59 27.60 -0.30
N ALA B 231 43.77 27.23 -0.79
CA ALA B 231 44.72 26.44 0.01
C ALA B 231 45.86 27.28 0.56
N ASN B 232 45.59 28.48 1.05
CA ASN B 232 46.62 29.29 1.69
C ASN B 232 46.33 29.36 3.18
N LEU B 233 47.36 29.10 3.97
CA LEU B 233 47.23 29.21 5.41
C LEU B 233 47.51 30.65 5.83
N TYR B 234 47.41 30.92 7.13
CA TYR B 234 47.62 32.26 7.63
C TYR B 234 48.37 32.20 8.94
N ARG B 235 49.13 33.26 9.19
CA ARG B 235 50.00 33.39 10.35
C ARG B 235 49.92 34.84 10.76
N ILE B 236 49.24 35.11 11.87
CA ILE B 236 48.88 36.45 12.27
C ILE B 236 49.58 36.73 13.59
N ARG B 237 50.57 37.61 13.54
CA ARG B 237 51.36 37.99 14.70
C ARG B 237 50.69 39.13 15.44
N VAL B 238 50.44 38.95 16.73
CA VAL B 238 49.81 39.99 17.52
C VAL B 238 50.60 40.20 18.80
N ASP B 239 51.05 41.42 19.02
CA ASP B 239 51.58 41.84 20.31
C ASP B 239 50.58 42.81 20.92
N LEU B 240 50.49 42.81 22.25
CA LEU B 240 49.88 43.93 22.96
C LEU B 240 50.99 44.73 23.62
N PRO B 241 51.34 45.88 23.09
CA PRO B 241 52.14 46.84 23.84
C PRO B 241 51.29 47.60 24.84
N LEU B 242 51.85 48.64 25.45
CA LEU B 242 51.19 49.37 26.52
C LEU B 242 49.93 50.08 26.02
N GLY B 243 49.87 50.44 24.74
CA GLY B 243 48.70 51.07 24.19
C GLY B 243 47.89 50.16 23.29
N THR B 244 47.60 50.63 22.08
CA THR B 244 46.85 49.82 21.13
C THR B 244 47.72 48.68 20.61
N PRO B 245 47.13 47.51 20.40
CA PRO B 245 47.93 46.35 20.00
C PRO B 245 48.42 46.42 18.56
N ALA B 246 49.38 45.55 18.28
CA ALA B 246 50.00 45.44 16.97
C ALA B 246 49.63 44.11 16.35
N VAL B 247 49.23 44.14 15.08
CA VAL B 247 48.78 42.97 14.33
C VAL B 247 49.50 42.95 12.99
N ASN B 248 49.95 41.78 12.57
CA ASN B 248 50.63 41.57 11.30
C ASN B 248 50.06 40.33 10.64
N CYS B 249 49.84 40.42 9.34
CA CYS B 249 49.26 39.32 8.58
C CYS B 249 50.31 38.72 7.66
N THR B 250 50.44 37.41 7.69
CA THR B 250 51.38 36.71 6.81
C THR B 250 50.73 35.44 6.29
N VAL B 251 51.20 35.00 5.13
CA VAL B 251 50.80 33.74 4.51
C VAL B 251 52.03 32.87 4.39
N LEU B 252 51.82 31.58 4.16
CA LEU B 252 52.90 30.64 3.91
C LEU B 252 52.45 29.56 2.92
N PRO B 253 53.31 29.18 1.98
CA PRO B 253 52.91 28.22 0.96
C PRO B 253 52.91 26.80 1.51
N GLY B 254 52.48 25.88 0.66
CA GLY B 254 52.25 24.51 1.07
C GLY B 254 50.99 24.30 1.86
N GLY B 255 50.11 25.31 1.93
CA GLY B 255 48.88 25.16 2.68
C GLY B 255 47.93 24.20 1.98
N ILE B 256 47.12 23.52 2.77
CA ILE B 256 46.31 22.40 2.30
C ILE B 256 44.85 22.81 2.39
N SER B 257 43.99 22.16 1.59
CA SER B 257 42.63 22.65 1.36
C SER B 257 41.62 21.71 2.02
N VAL B 258 41.09 22.12 3.16
CA VAL B 258 40.10 21.35 3.90
C VAL B 258 38.98 22.28 4.36
N SER B 259 38.01 21.72 5.06
CA SER B 259 36.95 22.47 5.72
C SER B 259 36.38 21.65 6.86
N SER B 260 36.15 22.33 7.99
CA SER B 260 35.50 21.81 9.20
C SER B 260 36.15 20.52 9.68
N ALA B 261 37.41 20.64 10.06
CA ALA B 261 38.15 19.52 10.62
C ALA B 261 38.08 19.57 12.14
N ILE B 262 38.83 18.67 12.78
CA ILE B 262 38.87 18.57 14.23
C ILE B 262 40.31 18.59 14.70
N LEU B 263 40.59 19.49 15.65
CA LEU B 263 41.87 19.70 16.29
C LEU B 263 42.00 18.82 17.53
N THR B 264 43.18 18.18 17.65
CA THR B 264 43.48 17.34 18.79
C THR B 264 44.92 17.55 19.22
N GLN B 265 45.20 17.29 20.49
CA GLN B 265 46.57 17.29 20.98
C GLN B 265 46.91 15.94 21.60
N THR B 266 47.94 15.29 21.07
CA THR B 266 48.50 14.09 21.70
C THR B 266 49.71 14.43 22.55
N ASN B 267 50.61 15.26 22.03
CA ASN B 267 51.84 15.63 22.72
C ASN B 267 51.95 17.15 22.81
N ASN B 268 52.84 17.61 23.69
CA ASN B 268 53.05 19.04 23.90
C ASN B 268 53.62 19.69 22.65
N ASP B 269 53.08 20.87 22.32
CA ASP B 269 53.18 21.61 21.05
C ASP B 269 53.12 20.69 19.83
N GLU B 270 52.25 19.69 19.88
CA GLU B 270 52.04 18.78 18.77
C GLU B 270 50.53 18.63 18.63
N PHE B 271 50.03 18.77 17.41
CA PHE B 271 48.61 18.67 17.20
C PHE B 271 48.32 17.81 15.99
N VAL B 272 47.14 17.21 16.01
CA VAL B 272 46.65 16.36 14.93
C VAL B 272 45.31 16.92 14.46
N ILE B 273 45.21 17.11 13.15
CA ILE B 273 44.02 17.64 12.51
C ILE B 273 43.41 16.49 11.72
N VAL B 274 42.14 16.22 11.93
CA VAL B 274 41.49 15.12 11.23
C VAL B 274 41.20 15.59 9.82
N GLY B 275 40.90 14.65 8.92
CA GLY B 275 40.42 15.02 7.60
C GLY B 275 39.03 15.64 7.69
N GLY B 276 38.91 16.88 7.27
CA GLY B 276 37.64 17.58 7.37
C GLY B 276 36.82 17.39 6.12
N TYR B 277 36.67 18.44 5.33
CA TYR B 277 35.98 18.31 4.06
C TYR B 277 36.74 19.07 3.00
N GLN B 278 37.05 18.38 1.91
CA GLN B 278 37.97 18.88 0.91
C GLN B 278 37.28 19.43 -0.32
N LEU B 279 36.31 18.73 -0.86
CA LEU B 279 35.46 19.27 -1.91
C LEU B 279 34.01 19.10 -1.49
N GLU B 280 33.13 19.80 -2.19
CA GLU B 280 31.71 19.85 -1.85
C GLU B 280 30.99 18.54 -2.11
N ASN B 281 31.60 17.64 -2.85
CA ASN B 281 31.00 16.35 -3.17
C ASN B 281 31.66 15.19 -2.45
N GLN B 282 32.93 15.33 -2.10
CA GLN B 282 33.71 14.21 -1.63
C GLN B 282 34.33 14.49 -0.27
N LYS B 283 34.33 13.46 0.57
CA LYS B 283 34.97 13.53 1.87
C LYS B 283 36.48 13.38 1.73
N ARG B 284 37.21 13.86 2.73
CA ARG B 284 38.66 13.74 2.72
C ARG B 284 39.11 12.74 3.78
N MET B 285 39.92 11.76 3.36
CA MET B 285 40.34 10.67 4.22
C MET B 285 41.58 11.00 5.03
N VAL B 286 42.66 11.38 4.37
CA VAL B 286 43.97 11.52 5.00
C VAL B 286 43.96 12.70 5.97
N CYS B 287 44.56 12.49 7.14
CA CYS B 287 44.56 13.47 8.20
C CYS B 287 45.98 13.93 8.48
N SER B 288 46.11 15.13 9.03
CA SER B 288 47.38 15.82 9.12
C SER B 288 47.81 15.96 10.58
N LEU B 289 49.04 16.41 10.74
CA LEU B 289 49.63 16.79 12.01
C LEU B 289 50.34 18.13 11.83
N VAL B 290 50.80 18.70 12.93
CA VAL B 290 51.60 19.92 12.86
C VAL B 290 52.57 19.94 14.03
N SER B 291 53.80 20.32 13.73
CA SER B 291 54.79 20.62 14.75
C SER B 291 54.87 22.12 14.91
N LEU B 292 54.58 22.60 16.10
CA LEU B 292 54.66 24.02 16.41
C LEU B 292 56.04 24.33 16.98
N GLY B 293 56.45 25.57 16.81
CA GLY B 293 57.62 26.06 17.49
C GLY B 293 57.36 27.44 18.06
N ASP B 294 58.42 28.14 18.43
CA ASP B 294 58.28 29.52 18.88
C ASP B 294 57.86 30.42 17.72
N ASN B 295 58.33 30.11 16.52
CA ASN B 295 57.79 30.71 15.32
C ASN B 295 57.65 29.75 14.15
N THR B 296 58.04 28.49 14.29
CA THR B 296 57.82 27.56 13.20
C THR B 296 56.57 26.73 13.45
N ILE B 297 55.82 26.51 12.37
CA ILE B 297 54.71 25.57 12.36
C ILE B 297 54.88 24.74 11.10
N GLU B 298 54.59 23.45 11.18
CA GLU B 298 54.75 22.68 9.96
C GLU B 298 53.76 21.53 9.94
N ILE B 299 52.99 21.47 8.86
CA ILE B 299 52.00 20.43 8.65
C ILE B 299 52.70 19.15 8.21
N SER B 300 52.02 18.03 8.38
CA SER B 300 52.66 16.73 8.28
C SER B 300 51.59 15.65 8.17
N GLU B 301 52.01 14.43 7.90
CA GLU B 301 51.09 13.36 7.55
C GLU B 301 51.29 12.16 8.46
N MET B 302 50.18 11.51 8.84
CA MET B 302 50.21 10.24 9.54
C MET B 302 50.18 9.10 8.53
N GLU B 303 50.06 7.86 9.00
CA GLU B 303 50.05 6.72 8.07
C GLU B 303 48.64 6.28 7.67
N THR B 304 47.78 7.28 7.33
CA THR B 304 46.42 7.21 6.78
C THR B 304 45.60 6.08 7.40
N PRO B 305 45.11 6.25 8.62
CA PRO B 305 44.54 5.11 9.36
C PRO B 305 43.25 4.59 8.73
N ASP B 306 42.98 3.33 9.01
CA ASP B 306 41.82 2.65 8.46
C ASP B 306 40.54 3.24 9.04
N TRP B 307 39.46 3.11 8.30
CA TRP B 307 38.13 3.39 8.81
C TRP B 307 37.32 2.11 8.84
N THR B 308 36.11 2.21 9.37
CA THR B 308 35.17 1.14 9.10
C THR B 308 34.55 1.34 7.73
N SER B 309 33.94 0.27 7.22
CA SER B 309 33.40 0.28 5.86
C SER B 309 32.21 1.20 5.71
N ASP B 310 31.37 1.32 6.74
CA ASP B 310 30.22 2.21 6.66
C ASP B 310 30.65 3.67 6.63
N ILE B 311 31.75 3.99 7.30
CA ILE B 311 32.33 5.33 7.24
C ILE B 311 32.73 5.67 5.82
N LYS B 312 33.46 4.77 5.17
CA LYS B 312 33.89 5.02 3.80
C LYS B 312 32.75 4.87 2.80
N HIS B 313 31.61 4.30 3.22
CA HIS B 313 30.40 4.31 2.41
C HIS B 313 29.35 5.28 2.91
N SER B 314 29.71 6.17 3.84
CA SER B 314 28.84 7.27 4.22
C SER B 314 29.14 8.48 3.35
N LYS B 315 28.62 9.65 3.73
CA LYS B 315 28.84 10.87 2.97
C LYS B 315 29.20 12.06 3.85
N ILE B 316 28.83 12.03 5.13
CA ILE B 316 29.19 13.10 6.06
C ILE B 316 29.66 12.49 7.38
N TRP B 317 30.30 13.33 8.18
CA TRP B 317 30.64 13.01 9.56
C TRP B 317 30.79 14.31 10.33
N PHE B 318 31.18 14.19 11.60
CA PHE B 318 31.39 15.31 12.52
C PHE B 318 32.21 14.79 13.69
N GLY B 319 32.28 15.57 14.75
CA GLY B 319 32.87 15.09 15.99
C GLY B 319 33.61 16.20 16.72
N SER B 320 34.28 15.79 17.80
CA SER B 320 35.09 16.68 18.61
C SER B 320 36.09 15.85 19.41
N ASN B 321 36.71 16.46 20.41
CA ASN B 321 37.69 15.80 21.24
C ASN B 321 37.31 15.88 22.70
N MET B 322 37.98 15.08 23.53
CA MET B 322 37.62 14.94 24.94
C MET B 322 38.60 15.61 25.89
N GLY B 323 39.70 16.18 25.39
CA GLY B 323 40.69 16.79 26.24
C GLY B 323 42.04 16.09 26.21
N ASN B 324 42.05 14.76 26.20
CA ASN B 324 43.29 14.04 25.90
C ASN B 324 43.34 13.64 24.42
N GLY B 325 43.00 14.60 23.55
CA GLY B 325 43.15 14.49 22.12
C GLY B 325 42.48 13.33 21.43
N THR B 326 41.39 12.81 21.98
CA THR B 326 40.77 11.62 21.42
C THR B 326 39.51 12.04 20.67
N ILE B 327 39.41 11.62 19.41
CA ILE B 327 38.27 11.93 18.56
C ILE B 327 37.06 11.17 19.08
N PHE B 328 35.93 11.86 19.22
CA PHE B 328 34.62 11.25 19.17
C PHE B 328 33.91 11.73 17.92
N LEU B 329 33.49 10.80 17.07
CA LEU B 329 32.94 11.11 15.76
C LEU B 329 31.61 10.36 15.59
N GLY B 330 30.78 10.87 14.68
CA GLY B 330 29.53 10.23 14.34
C GLY B 330 29.25 10.30 12.85
N ILE B 331 28.38 9.40 12.40
CA ILE B 331 28.08 9.18 10.99
C ILE B 331 26.57 8.94 10.84
N PRO B 332 25.96 9.34 9.72
CA PRO B 332 24.52 9.15 9.56
C PRO B 332 24.15 7.69 9.37
N GLY B 333 22.98 7.32 9.88
CA GLY B 333 22.57 5.94 9.92
C GLY B 333 22.08 5.40 8.60
N ASP B 334 21.78 4.11 8.59
CA ASP B 334 21.42 3.37 7.39
C ASP B 334 19.94 3.54 7.13
N ASN B 335 19.57 4.65 6.49
CA ASN B 335 18.19 4.90 6.15
C ASN B 335 17.72 4.10 4.94
N LYS B 336 18.65 3.66 4.08
CA LYS B 336 18.26 2.77 3.00
C LYS B 336 18.08 1.35 3.50
N GLN B 337 18.92 0.92 4.43
CA GLN B 337 18.79 -0.40 5.04
C GLN B 337 17.70 -0.43 6.10
N ALA B 338 17.34 0.73 6.65
CA ALA B 338 16.30 0.91 7.68
C ALA B 338 16.54 0.07 8.91
N MET B 339 17.81 -0.16 9.27
CA MET B 339 18.18 -0.96 10.43
C MET B 339 19.12 -0.17 11.32
N SER B 340 18.77 1.09 11.58
CA SER B 340 19.60 1.99 12.35
C SER B 340 18.76 2.93 13.20
N GLU B 341 19.44 3.54 14.17
CA GLU B 341 18.90 4.67 14.91
C GLU B 341 19.44 6.00 14.38
N ALA B 342 19.63 6.09 13.06
CA ALA B 342 19.94 7.31 12.30
C ALA B 342 21.32 7.90 12.58
N PHE B 343 22.08 7.28 13.47
CA PHE B 343 23.45 7.71 13.72
C PHE B 343 24.23 6.50 14.21
N TYR B 344 25.52 6.49 13.92
CA TYR B 344 26.47 5.59 14.53
C TYR B 344 27.70 6.38 14.92
N PHE B 345 28.51 5.82 15.81
CA PHE B 345 29.57 6.61 16.42
C PHE B 345 30.84 5.79 16.52
N TYR B 346 31.96 6.50 16.61
CA TYR B 346 33.28 5.89 16.79
C TYR B 346 34.15 6.83 17.60
N THR B 347 35.21 6.29 18.17
CA THR B 347 36.19 7.11 18.88
C THR B 347 37.60 6.67 18.49
N LEU B 348 38.47 7.65 18.29
CA LEU B 348 39.78 7.45 17.66
C LEU B 348 40.86 8.06 18.56
N ARG B 349 41.74 7.21 19.09
CA ARG B 349 42.93 7.71 19.74
C ARG B 349 44.09 7.72 18.74
N CYS B 350 44.72 8.89 18.60
CA CYS B 350 45.75 9.08 17.58
C CYS B 350 47.13 8.62 18.02
N SER B 351 47.48 8.86 19.29
CA SER B 351 48.76 8.45 19.92
C SER B 351 50.00 8.96 19.19
N ARG C 393 -51.76 34.59 -21.75
CA ARG C 393 -52.18 35.87 -22.32
C ARG C 393 -50.98 36.80 -22.51
N GLN C 394 -50.05 36.78 -21.55
CA GLN C 394 -48.81 37.55 -21.71
C GLN C 394 -47.95 36.94 -22.81
N HIS C 395 -47.50 35.72 -22.59
CA HIS C 395 -46.95 34.85 -23.63
C HIS C 395 -47.00 33.44 -23.08
N LEU C 396 -46.95 32.46 -23.98
CA LEU C 396 -46.91 31.07 -23.56
C LEU C 396 -45.65 30.74 -22.79
N LEU C 397 -44.53 31.36 -23.14
CA LEU C 397 -43.27 31.16 -22.44
C LEU C 397 -43.17 31.97 -21.16
N SER C 398 -43.98 33.02 -21.00
CA SER C 398 -44.09 33.64 -19.70
C SER C 398 -45.14 32.98 -18.83
N LEU C 399 -45.86 32.00 -19.38
CA LEU C 399 -46.91 31.33 -18.64
C LEU C 399 -46.32 30.19 -17.82
N THR C 400 -46.97 29.89 -16.70
CA THR C 400 -46.47 28.91 -15.75
C THR C 400 -46.90 27.50 -16.15
N ARG C 401 -46.76 26.56 -15.20
CA ARG C 401 -46.76 25.12 -15.42
C ARG C 401 -48.00 24.55 -16.10
N ARG C 402 -49.18 25.03 -15.70
CA ARG C 402 -50.40 24.66 -16.39
C ARG C 402 -51.18 25.89 -16.83
N ALA C 403 -50.54 27.06 -16.78
CA ALA C 403 -51.15 28.29 -17.26
C ALA C 403 -51.42 28.22 -18.76
N GLN C 404 -50.40 27.81 -19.54
CA GLN C 404 -50.59 27.65 -20.97
C GLN C 404 -51.56 26.51 -21.26
N LYS C 405 -51.61 25.50 -20.40
CA LYS C 405 -52.49 24.37 -20.56
C LYS C 405 -53.95 24.80 -20.47
N HIS C 406 -54.31 25.48 -19.39
CA HIS C 406 -55.70 25.91 -19.23
C HIS C 406 -56.01 27.14 -20.06
N ARG C 407 -54.99 27.83 -20.58
CA ARG C 407 -55.25 28.91 -21.51
C ARG C 407 -55.73 28.37 -22.85
N LEU C 408 -54.93 27.52 -23.49
CA LEU C 408 -55.29 27.02 -24.82
C LEU C 408 -55.76 25.57 -24.80
N ARG C 409 -56.38 25.12 -23.69
CA ARG C 409 -56.88 23.76 -23.55
C ARG C 409 -57.90 23.35 -24.59
N GLU C 410 -58.85 24.22 -24.94
CA GLU C 410 -59.92 23.82 -25.84
C GLU C 410 -59.40 23.67 -27.26
N LEU C 411 -58.57 24.62 -27.69
CA LEU C 411 -57.90 24.53 -28.98
C LEU C 411 -57.03 23.29 -29.04
N LYS C 412 -56.28 23.03 -27.97
CA LYS C 412 -55.44 21.86 -27.84
C LYS C 412 -56.21 20.57 -28.03
N ILE C 413 -57.29 20.40 -27.27
CA ILE C 413 -57.99 19.13 -27.31
C ILE C 413 -58.78 18.98 -28.61
N GLN C 414 -59.24 20.10 -29.18
CA GLN C 414 -60.04 19.97 -30.38
C GLN C 414 -59.18 19.60 -31.58
N VAL C 415 -57.96 20.14 -31.66
CA VAL C 415 -57.15 19.76 -32.80
C VAL C 415 -56.51 18.40 -32.54
N LYS C 416 -56.27 18.04 -31.27
CA LYS C 416 -55.68 16.75 -30.99
C LYS C 416 -56.67 15.63 -31.27
N GLU C 417 -57.90 15.78 -30.81
CA GLU C 417 -58.90 14.74 -31.05
C GLU C 417 -59.33 14.73 -32.50
N PHE C 418 -59.26 15.89 -33.18
CA PHE C 418 -59.50 15.91 -34.62
C PHE C 418 -58.41 15.15 -35.36
N ALA C 419 -57.17 15.24 -34.88
CA ALA C 419 -56.08 14.52 -35.53
C ALA C 419 -56.16 13.03 -35.29
N ASP C 420 -56.38 12.60 -34.04
CA ASP C 420 -56.39 11.17 -33.78
C ASP C 420 -57.70 10.52 -34.23
N LYS C 421 -58.75 11.32 -34.46
CA LYS C 421 -59.90 10.83 -35.20
C LYS C 421 -59.68 10.95 -36.70
N GLU C 422 -58.68 11.71 -37.12
CA GLU C 422 -58.43 11.88 -38.53
C GLU C 422 -57.46 10.82 -39.04
N GLU C 423 -56.28 10.74 -38.44
CA GLU C 423 -55.19 9.95 -38.99
C GLU C 423 -54.94 8.65 -38.23
N GLY C 424 -56.00 8.03 -37.71
CA GLY C 424 -55.88 6.71 -37.15
C GLY C 424 -55.15 6.64 -35.82
N GLY C 425 -55.43 7.59 -34.94
CA GLY C 425 -54.99 7.50 -33.56
C GLY C 425 -53.52 7.69 -33.29
N ASP C 426 -52.97 8.83 -33.71
CA ASP C 426 -51.68 9.32 -33.24
C ASP C 426 -51.66 10.82 -33.46
N VAL C 427 -51.21 11.55 -32.46
CA VAL C 427 -51.11 13.01 -32.57
C VAL C 427 -49.66 13.48 -32.53
N LYS C 428 -48.77 12.71 -31.91
CA LYS C 428 -47.40 13.16 -31.68
C LYS C 428 -46.60 13.23 -32.98
N ALA C 429 -46.69 12.20 -33.83
CA ALA C 429 -45.92 12.17 -35.07
C ALA C 429 -46.41 13.22 -36.06
N VAL C 430 -47.71 13.32 -36.23
CA VAL C 430 -48.26 14.30 -37.17
C VAL C 430 -48.03 15.72 -36.65
N CYS C 431 -48.11 15.91 -35.33
CA CYS C 431 -47.89 17.23 -34.75
C CYS C 431 -46.43 17.66 -34.85
N LEU C 432 -45.50 16.71 -34.65
CA LEU C 432 -44.10 17.04 -34.79
C LEU C 432 -43.77 17.38 -36.23
N THR C 433 -44.30 16.63 -37.20
CA THR C 433 -44.01 16.91 -38.60
C THR C 433 -44.57 18.25 -39.03
N LEU C 434 -45.77 18.61 -38.56
CA LEU C 434 -46.30 19.92 -38.95
C LEU C 434 -45.58 21.04 -38.23
N PHE C 435 -45.02 20.79 -37.04
CA PHE C 435 -44.21 21.81 -36.40
C PHE C 435 -42.88 22.01 -37.12
N LEU C 436 -42.30 20.91 -37.64
CA LEU C 436 -41.09 21.03 -38.46
C LEU C 436 -41.38 21.85 -39.71
N LEU C 437 -42.51 21.58 -40.36
CA LEU C 437 -42.90 22.32 -41.56
C LEU C 437 -43.12 23.80 -41.25
N ALA C 438 -43.83 24.08 -40.16
CA ALA C 438 -44.15 25.47 -39.81
C ALA C 438 -42.92 26.25 -39.36
N LEU C 439 -41.94 25.60 -38.77
CA LEU C 439 -40.72 26.31 -38.40
C LEU C 439 -39.82 26.49 -39.62
N ARG C 440 -39.60 25.43 -40.38
CA ARG C 440 -38.70 25.46 -41.52
C ARG C 440 -39.23 26.25 -42.69
N ALA C 441 -40.52 26.60 -42.70
CA ALA C 441 -40.99 27.55 -43.69
C ALA C 441 -40.45 28.97 -43.45
N ARG C 442 -39.99 29.26 -42.24
CA ARG C 442 -39.55 30.61 -41.87
C ARG C 442 -38.04 30.78 -41.93
N ASN C 443 -37.37 30.08 -42.87
CA ASN C 443 -35.93 30.20 -43.14
C ASN C 443 -35.08 29.91 -41.90
N GLU C 444 -35.43 28.85 -41.19
CA GLU C 444 -34.77 28.48 -39.95
C GLU C 444 -34.49 26.98 -39.95
N HIS C 445 -33.91 26.50 -41.05
CA HIS C 445 -33.81 25.07 -41.28
C HIS C 445 -32.78 24.38 -40.41
N ARG C 446 -31.98 25.15 -39.67
CA ARG C 446 -30.91 24.58 -38.86
C ARG C 446 -31.47 23.80 -37.68
N GLN C 447 -32.35 24.44 -36.91
CA GLN C 447 -32.98 23.78 -35.77
C GLN C 447 -33.89 22.65 -36.22
N ALA C 448 -34.53 22.83 -37.39
CA ALA C 448 -35.35 21.77 -37.95
C ALA C 448 -34.52 20.56 -38.35
N ASP C 449 -33.33 20.80 -38.90
CA ASP C 449 -32.51 19.70 -39.36
C ASP C 449 -31.91 18.94 -38.19
N GLU C 450 -31.47 19.65 -37.15
CA GLU C 450 -30.95 18.93 -35.99
C GLU C 450 -32.06 18.23 -35.22
N LEU C 451 -33.28 18.77 -35.26
CA LEU C 451 -34.41 18.11 -34.62
C LEU C 451 -34.79 16.84 -35.37
N GLU C 452 -34.78 16.90 -36.71
CA GLU C 452 -35.02 15.71 -37.51
C GLU C 452 -33.88 14.71 -37.37
N ALA C 453 -32.69 15.19 -37.01
CA ALA C 453 -31.60 14.27 -36.69
C ALA C 453 -31.87 13.55 -35.37
N ILE C 454 -32.20 14.31 -34.32
CA ILE C 454 -32.23 13.71 -32.99
C ILE C 454 -33.50 12.90 -32.74
N MET C 455 -34.62 13.27 -33.35
CA MET C 455 -35.79 12.42 -33.32
C MET C 455 -35.78 11.52 -34.55
N GLN C 456 -36.15 10.26 -34.35
CA GLN C 456 -35.88 9.16 -35.28
C GLN C 456 -34.41 9.14 -35.69
N GLY C 457 -33.52 9.18 -34.71
CA GLY C 457 -32.10 9.11 -35.03
C GLY C 457 -31.27 9.57 -33.85
N ARG C 458 -29.99 9.81 -34.17
CA ARG C 458 -28.98 10.13 -33.15
C ARG C 458 -28.73 11.64 -33.13
N GLY C 459 -27.81 12.07 -32.28
CA GLY C 459 -27.47 13.48 -32.20
C GLY C 459 -26.93 13.86 -30.84
N SER C 460 -27.52 14.89 -30.23
CA SER C 460 -27.12 15.30 -28.90
C SER C 460 -27.49 14.22 -27.88
N GLY C 461 -26.81 14.25 -26.75
CA GLY C 461 -26.92 13.18 -25.78
C GLY C 461 -26.15 11.96 -26.23
N LEU C 462 -26.14 10.94 -25.38
CA LEU C 462 -25.33 9.78 -25.66
C LEU C 462 -26.14 8.50 -25.54
N GLN C 463 -25.80 7.54 -26.40
CA GLN C 463 -26.29 6.18 -26.24
C GLN C 463 -25.72 5.62 -24.95
N PRO C 464 -26.40 4.69 -24.31
CA PRO C 464 -25.87 4.12 -23.05
C PRO C 464 -24.58 3.35 -23.24
N ALA C 465 -24.37 2.74 -24.41
CA ALA C 465 -23.14 2.02 -24.66
C ALA C 465 -21.95 2.97 -24.69
N VAL C 466 -22.15 4.18 -25.20
CA VAL C 466 -21.10 5.18 -25.24
C VAL C 466 -20.66 5.55 -23.83
N CYS C 467 -21.63 5.82 -22.97
CA CYS C 467 -21.28 6.30 -21.64
C CYS C 467 -20.74 5.16 -20.80
N LEU C 468 -21.15 3.93 -21.08
CA LEU C 468 -20.53 2.79 -20.41
C LEU C 468 -19.07 2.64 -20.82
N ALA C 469 -18.80 2.76 -22.13
CA ALA C 469 -17.44 2.62 -22.63
C ALA C 469 -16.52 3.68 -22.05
N ILE C 470 -17.03 4.89 -21.92
CA ILE C 470 -16.15 5.95 -21.46
C ILE C 470 -16.12 5.97 -19.94
N ARG C 471 -17.08 5.33 -19.28
CA ARG C 471 -16.90 5.07 -17.87
C ARG C 471 -15.80 4.05 -17.63
N VAL C 472 -15.84 2.94 -18.36
CA VAL C 472 -14.90 1.87 -18.04
C VAL C 472 -13.50 2.16 -18.57
N ASN C 473 -13.37 2.86 -19.68
CA ASN C 473 -12.03 3.07 -20.21
C ASN C 473 -11.33 4.24 -19.57
N THR C 474 -11.86 4.78 -18.48
CA THR C 474 -11.14 5.70 -17.62
C THR C 474 -11.04 5.20 -16.19
N PHE C 475 -11.60 4.02 -15.93
CA PHE C 475 -11.59 3.35 -14.63
C PHE C 475 -12.22 4.20 -13.53
N LEU C 476 -13.23 5.00 -13.87
CA LEU C 476 -13.87 5.81 -12.85
C LEU C 476 -14.94 5.02 -12.11
N SER C 477 -14.94 5.17 -10.78
CA SER C 477 -15.96 4.58 -9.93
C SER C 477 -17.33 5.18 -10.20
N CYS C 478 -18.36 4.56 -9.64
CA CYS C 478 -19.73 4.94 -9.95
C CYS C 478 -20.12 6.28 -9.35
N SER C 479 -19.68 6.55 -8.12
CA SER C 479 -20.15 7.72 -7.38
C SER C 479 -19.68 9.01 -8.03
N GLN C 480 -18.43 9.03 -8.46
CA GLN C 480 -17.89 10.20 -9.12
C GLN C 480 -18.51 10.36 -10.49
N TYR C 481 -18.85 9.25 -11.13
CA TYR C 481 -19.58 9.32 -12.38
C TYR C 481 -20.95 9.92 -12.19
N HIS C 482 -21.60 9.58 -11.08
CA HIS C 482 -22.89 10.17 -10.77
C HIS C 482 -22.78 11.66 -10.55
N LYS C 483 -21.72 12.08 -9.86
CA LYS C 483 -21.52 13.50 -9.60
C LYS C 483 -21.28 14.26 -10.89
N MET C 484 -20.50 13.67 -11.79
CA MET C 484 -20.29 14.26 -13.12
C MET C 484 -21.60 14.38 -13.87
N TYR C 485 -22.43 13.34 -13.78
CA TYR C 485 -23.73 13.35 -14.43
C TYR C 485 -24.61 14.47 -13.91
N ARG C 486 -24.69 14.59 -12.59
CA ARG C 486 -25.62 15.54 -12.00
C ARG C 486 -25.17 16.96 -12.23
N THR C 487 -23.85 17.21 -12.27
CA THR C 487 -23.48 18.59 -12.51
C THR C 487 -23.55 18.96 -13.98
N VAL C 488 -23.41 17.99 -14.90
CA VAL C 488 -23.57 18.31 -16.31
C VAL C 488 -25.03 18.63 -16.61
N LYS C 489 -25.94 17.83 -16.04
CA LYS C 489 -27.36 18.10 -16.21
C LYS C 489 -27.76 19.39 -15.51
N ALA C 490 -27.07 19.75 -14.43
CA ALA C 490 -27.38 21.00 -13.76
C ALA C 490 -26.86 22.20 -14.55
N ILE C 491 -25.74 22.06 -15.26
CA ILE C 491 -25.19 23.21 -15.97
C ILE C 491 -25.89 23.42 -17.31
N THR C 492 -26.00 22.39 -18.13
CA THR C 492 -26.39 22.68 -19.50
C THR C 492 -27.87 22.50 -19.75
N GLY C 493 -28.61 21.96 -18.80
CA GLY C 493 -30.03 21.73 -19.00
C GLY C 493 -30.34 20.47 -19.77
N ARG C 494 -29.45 20.06 -20.67
CA ARG C 494 -29.65 18.84 -21.42
C ARG C 494 -29.34 17.62 -20.55
N GLN C 495 -29.42 16.46 -21.17
CA GLN C 495 -29.12 15.19 -20.51
C GLN C 495 -28.24 14.42 -21.49
N ILE C 496 -26.94 14.46 -21.25
CA ILE C 496 -26.00 13.85 -22.18
C ILE C 496 -25.50 12.52 -21.64
N PHE C 497 -25.14 12.49 -20.36
CA PHE C 497 -24.81 11.23 -19.74
C PHE C 497 -26.08 10.50 -19.33
N GLN C 498 -25.93 9.23 -19.03
CA GLN C 498 -27.08 8.47 -18.61
C GLN C 498 -27.01 8.16 -17.13
N PRO C 499 -28.12 7.96 -16.49
CA PRO C 499 -28.11 7.50 -15.10
C PRO C 499 -27.71 6.04 -14.96
N LEU C 500 -27.55 5.61 -13.71
CA LEU C 500 -26.77 4.42 -13.41
C LEU C 500 -27.57 3.14 -13.61
N HIS C 501 -28.86 3.20 -13.31
CA HIS C 501 -29.69 2.04 -13.56
C HIS C 501 -29.83 1.80 -15.04
N ALA C 502 -29.86 2.88 -15.81
CA ALA C 502 -29.86 2.84 -17.25
C ALA C 502 -28.57 2.38 -17.77
N LEU C 503 -27.52 2.56 -17.00
CA LEU C 503 -26.24 1.98 -17.32
C LEU C 503 -26.21 0.48 -17.15
N ARG C 504 -26.71 -0.03 -16.03
CA ARG C 504 -26.64 -1.47 -15.80
C ARG C 504 -27.56 -2.23 -16.74
N ASN C 505 -28.72 -1.65 -17.05
CA ASN C 505 -29.64 -2.34 -17.94
C ASN C 505 -29.19 -2.30 -19.39
N ALA C 506 -28.17 -1.51 -19.72
CA ALA C 506 -27.46 -1.68 -20.96
C ALA C 506 -26.19 -2.48 -20.79
N GLU C 507 -25.71 -2.63 -19.57
CA GLU C 507 -24.56 -3.47 -19.31
C GLU C 507 -24.87 -4.95 -19.48
N LYS C 508 -26.03 -5.41 -19.00
CA LYS C 508 -26.36 -6.82 -18.97
C LYS C 508 -26.45 -7.51 -20.33
N VAL C 509 -26.42 -6.74 -21.41
CA VAL C 509 -26.35 -7.31 -22.74
C VAL C 509 -24.92 -7.67 -23.11
N LEU C 510 -23.95 -7.31 -22.28
CA LEU C 510 -22.56 -7.43 -22.67
C LEU C 510 -21.76 -8.42 -21.85
N LEU C 511 -22.31 -9.00 -20.80
CA LEU C 511 -21.64 -10.05 -20.09
C LEU C 511 -21.76 -11.36 -20.85
N PRO C 512 -21.23 -12.44 -20.33
CA PRO C 512 -21.74 -13.75 -20.74
C PRO C 512 -23.12 -13.99 -20.18
N GLY C 513 -23.78 -14.98 -20.76
CA GLY C 513 -25.10 -15.38 -20.31
C GLY C 513 -26.17 -14.39 -20.66
N TYR C 514 -26.43 -14.19 -21.95
CA TYR C 514 -27.62 -13.44 -22.29
C TYR C 514 -28.36 -14.03 -23.48
N HIS C 515 -27.68 -14.66 -24.32
CA HIS C 515 -28.36 -14.91 -25.59
C HIS C 515 -28.58 -16.40 -25.79
N PRO C 516 -29.69 -16.78 -26.41
CA PRO C 516 -29.98 -18.20 -26.55
C PRO C 516 -29.12 -18.84 -27.62
N PHE C 517 -28.88 -20.14 -27.45
CA PHE C 517 -28.05 -20.91 -28.35
C PHE C 517 -28.34 -22.38 -28.11
N GLU C 518 -27.78 -23.22 -28.97
CA GLU C 518 -28.09 -24.64 -28.93
C GLU C 518 -26.85 -25.42 -29.28
N TRP C 519 -26.43 -26.29 -28.37
CA TRP C 519 -25.30 -27.15 -28.63
C TRP C 519 -25.74 -28.39 -29.38
N GLN C 520 -25.14 -28.61 -30.54
CA GLN C 520 -25.56 -29.79 -31.27
C GLN C 520 -24.39 -30.47 -31.96
N PRO C 521 -24.19 -31.78 -31.74
CA PRO C 521 -24.82 -32.67 -30.76
C PRO C 521 -24.42 -32.34 -29.33
N PRO C 522 -25.36 -32.45 -28.39
CA PRO C 522 -25.22 -31.77 -27.10
C PRO C 522 -24.11 -32.37 -26.26
N LEU C 523 -23.80 -31.68 -25.17
CA LEU C 523 -22.59 -31.92 -24.39
C LEU C 523 -22.90 -32.66 -23.11
N LYS C 524 -22.22 -33.79 -22.91
CA LYS C 524 -22.32 -34.49 -21.64
C LYS C 524 -21.69 -33.67 -20.53
N ASN C 525 -22.19 -33.85 -19.31
CA ASN C 525 -21.77 -33.22 -18.06
C ASN C 525 -21.94 -31.72 -18.06
N VAL C 526 -22.76 -31.18 -18.94
CA VAL C 526 -22.90 -29.75 -19.14
C VAL C 526 -24.36 -29.37 -18.92
N SER C 527 -24.59 -28.46 -17.97
CA SER C 527 -25.93 -27.97 -17.77
C SER C 527 -26.35 -27.10 -18.94
N SER C 528 -27.51 -27.40 -19.49
CA SER C 528 -27.92 -26.83 -20.76
C SER C 528 -28.56 -25.46 -20.64
N ARG C 529 -28.56 -24.85 -19.46
CA ARG C 529 -29.20 -23.55 -19.37
C ARG C 529 -28.29 -22.47 -19.91
N THR C 530 -28.91 -21.46 -20.52
CA THR C 530 -28.20 -20.38 -21.19
C THR C 530 -28.32 -19.08 -20.41
N ASP C 531 -28.49 -19.18 -19.11
CA ASP C 531 -28.60 -18.03 -18.22
C ASP C 531 -27.53 -18.12 -17.14
N VAL C 532 -26.28 -18.28 -17.58
CA VAL C 532 -25.17 -18.54 -16.68
C VAL C 532 -24.19 -17.37 -16.75
N GLY C 533 -23.99 -16.70 -15.63
CA GLY C 533 -23.02 -15.65 -15.56
C GLY C 533 -21.92 -15.99 -14.59
N ILE C 534 -21.89 -15.31 -13.44
CA ILE C 534 -20.92 -15.66 -12.43
C ILE C 534 -21.41 -16.85 -11.63
N ILE C 535 -20.59 -17.89 -11.58
CA ILE C 535 -20.75 -18.93 -10.56
C ILE C 535 -19.42 -19.00 -9.84
N ASP C 536 -19.43 -19.73 -8.73
CA ASP C 536 -18.20 -19.87 -7.98
C ASP C 536 -17.29 -20.87 -8.66
N GLY C 537 -15.98 -20.68 -8.50
CA GLY C 537 -15.03 -21.51 -9.20
C GLY C 537 -14.80 -22.85 -8.55
N LEU C 538 -15.22 -22.99 -7.28
CA LEU C 538 -14.98 -24.24 -6.56
C LEU C 538 -15.88 -25.36 -7.04
N SER C 539 -16.86 -25.05 -7.89
CA SER C 539 -17.89 -25.98 -8.36
C SER C 539 -18.65 -26.60 -7.20
N GLY C 540 -18.80 -25.82 -6.12
CA GLY C 540 -19.40 -26.30 -4.90
C GLY C 540 -18.59 -27.40 -4.24
N LEU C 541 -17.27 -27.25 -4.20
CA LEU C 541 -16.41 -28.20 -3.49
C LEU C 541 -16.73 -28.12 -2.01
N ALA C 542 -17.28 -29.21 -1.48
CA ALA C 542 -17.63 -29.32 -0.07
C ALA C 542 -16.38 -29.15 0.77
N SER C 543 -16.45 -28.28 1.76
CA SER C 543 -15.27 -27.80 2.46
C SER C 543 -15.61 -27.57 3.92
N SER C 544 -15.39 -28.59 4.73
CA SER C 544 -15.62 -28.46 6.16
C SER C 544 -14.43 -29.06 6.90
N VAL C 545 -14.53 -29.12 8.23
CA VAL C 545 -13.39 -29.34 9.11
C VAL C 545 -12.89 -30.78 9.06
N ASP C 546 -13.64 -31.65 8.40
CA ASP C 546 -13.22 -33.03 8.23
C ASP C 546 -12.56 -33.28 6.89
N GLU C 547 -12.75 -32.40 5.92
CA GLU C 547 -12.20 -32.62 4.60
C GLU C 547 -10.90 -31.88 4.48
N TYR C 548 -10.40 -31.82 3.26
CA TYR C 548 -9.19 -31.09 2.98
C TYR C 548 -9.44 -29.61 3.17
N PRO C 549 -8.56 -28.89 3.84
CA PRO C 549 -8.80 -27.46 4.03
C PRO C 549 -8.46 -26.69 2.77
N VAL C 550 -9.38 -25.84 2.34
CA VAL C 550 -9.14 -24.97 1.20
C VAL C 550 -9.13 -23.54 1.70
N ASP C 551 -8.51 -22.66 0.94
CA ASP C 551 -8.27 -21.31 1.40
C ASP C 551 -8.46 -20.28 0.30
N THR C 552 -8.88 -20.72 -0.89
CA THR C 552 -8.82 -19.85 -2.04
C THR C 552 -10.20 -19.43 -2.49
N ILE C 553 -10.22 -18.28 -3.17
CA ILE C 553 -11.41 -17.75 -3.78
C ILE C 553 -11.18 -17.71 -5.28
N ALA C 554 -12.17 -18.16 -6.04
CA ALA C 554 -12.04 -18.17 -7.48
C ALA C 554 -13.40 -17.97 -8.10
N LYS C 555 -13.49 -17.05 -9.04
CA LYS C 555 -14.71 -16.81 -9.76
C LYS C 555 -14.47 -17.07 -11.23
N ARG C 556 -15.51 -17.55 -11.90
CA ARG C 556 -15.35 -17.88 -13.31
C ARG C 556 -16.70 -17.91 -13.97
N PHE C 557 -16.66 -17.88 -15.29
CA PHE C 557 -17.83 -18.18 -16.09
C PHE C 557 -17.85 -19.67 -16.40
N ARG C 558 -18.69 -20.05 -17.34
CA ARG C 558 -18.52 -21.30 -18.03
C ARG C 558 -17.86 -21.01 -19.37
N TYR C 559 -17.43 -22.05 -20.06
CA TYR C 559 -16.60 -21.81 -21.23
C TYR C 559 -17.46 -21.40 -22.42
N ASP C 560 -18.57 -22.13 -22.65
CA ASP C 560 -19.42 -21.84 -23.80
C ASP C 560 -20.10 -20.49 -23.64
N SER C 561 -20.40 -20.09 -22.40
CA SER C 561 -21.09 -18.84 -22.17
C SER C 561 -20.24 -17.65 -22.58
N ALA C 562 -19.00 -17.61 -22.09
CA ALA C 562 -18.09 -16.55 -22.49
C ALA C 562 -17.72 -16.69 -23.95
N LEU C 563 -17.77 -17.90 -24.49
CA LEU C 563 -17.42 -18.06 -25.89
C LEU C 563 -18.49 -17.48 -26.80
N VAL C 564 -19.77 -17.73 -26.51
CA VAL C 564 -20.80 -17.14 -27.34
C VAL C 564 -20.90 -15.65 -27.10
N SER C 565 -20.58 -15.20 -25.89
CA SER C 565 -20.64 -13.76 -25.65
C SER C 565 -19.53 -13.05 -26.40
N ALA C 566 -18.36 -13.68 -26.50
CA ALA C 566 -17.30 -13.09 -27.31
C ALA C 566 -17.60 -13.19 -28.78
N LEU C 567 -18.35 -14.22 -29.19
CA LEU C 567 -18.68 -14.31 -30.59
C LEU C 567 -19.69 -13.25 -30.99
N MET C 568 -20.70 -13.03 -30.17
CA MET C 568 -21.67 -11.99 -30.49
C MET C 568 -21.10 -10.60 -30.27
N ASP C 569 -20.02 -10.46 -29.52
CA ASP C 569 -19.41 -9.15 -29.36
C ASP C 569 -18.43 -8.81 -30.47
N MET C 570 -18.50 -9.50 -31.59
CA MET C 570 -17.79 -9.06 -32.77
C MET C 570 -18.60 -9.24 -34.04
N GLU C 571 -19.93 -9.08 -33.96
CA GLU C 571 -20.79 -9.23 -35.12
C GLU C 571 -20.47 -8.22 -36.20
N GLU C 572 -20.10 -7.01 -35.77
CA GLU C 572 -19.71 -5.97 -36.72
C GLU C 572 -18.48 -6.38 -37.50
N ASP C 573 -17.50 -6.99 -36.83
CA ASP C 573 -16.26 -7.34 -37.51
C ASP C 573 -16.45 -8.49 -38.48
N ILE C 574 -17.20 -9.51 -38.08
CA ILE C 574 -17.36 -10.65 -38.99
C ILE C 574 -18.27 -10.29 -40.15
N LEU C 575 -19.24 -9.42 -39.94
CA LEU C 575 -20.07 -8.99 -41.04
C LEU C 575 -19.29 -8.06 -41.97
N GLU C 576 -18.38 -7.27 -41.41
CA GLU C 576 -17.51 -6.44 -42.23
C GLU C 576 -16.58 -7.29 -43.08
N GLY C 577 -16.06 -8.37 -42.49
CA GLY C 577 -15.18 -9.25 -43.23
C GLY C 577 -15.91 -9.96 -44.35
N MET C 578 -17.14 -10.39 -44.09
CA MET C 578 -17.90 -11.08 -45.12
C MET C 578 -18.32 -10.11 -46.22
N ARG C 579 -18.56 -8.84 -45.87
CA ARG C 579 -18.89 -7.87 -46.90
C ARG C 579 -17.69 -7.54 -47.75
N SER C 580 -16.51 -7.45 -47.13
CA SER C 580 -15.34 -6.96 -47.84
C SER C 580 -14.72 -8.05 -48.71
N GLN C 581 -14.93 -9.32 -48.35
CA GLN C 581 -14.31 -10.38 -49.12
C GLN C 581 -15.16 -10.92 -50.24
N ASP C 582 -16.13 -10.13 -50.71
CA ASP C 582 -17.03 -10.48 -51.81
C ASP C 582 -17.82 -11.76 -51.49
N LEU C 583 -18.32 -11.82 -50.28
CA LEU C 583 -19.21 -12.90 -49.89
C LEU C 583 -20.63 -12.36 -49.74
N ASP C 584 -21.52 -13.23 -49.34
CA ASP C 584 -22.91 -12.87 -49.09
C ASP C 584 -23.13 -12.84 -47.59
N ASP C 585 -23.89 -11.86 -47.13
CA ASP C 585 -24.23 -11.80 -45.72
C ASP C 585 -25.14 -12.95 -45.30
N TYR C 586 -25.87 -13.54 -46.23
CA TYR C 586 -26.81 -14.58 -45.85
C TYR C 586 -26.17 -15.96 -45.91
N LEU C 587 -24.97 -16.10 -45.36
CA LEU C 587 -24.26 -17.36 -45.45
C LEU C 587 -24.03 -17.90 -44.05
N ASN C 588 -24.57 -19.09 -43.79
CA ASN C 588 -24.44 -19.72 -42.48
C ASN C 588 -23.69 -21.04 -42.61
N GLY C 589 -22.62 -21.01 -43.38
CA GLY C 589 -21.73 -22.14 -43.47
C GLY C 589 -21.00 -22.36 -42.16
N PRO C 590 -20.49 -23.55 -41.96
CA PRO C 590 -19.81 -23.87 -40.70
C PRO C 590 -18.46 -23.20 -40.57
N PHE C 591 -18.46 -22.00 -39.99
CA PHE C 591 -17.23 -21.30 -39.65
C PHE C 591 -16.33 -22.14 -38.76
N THR C 592 -15.04 -21.89 -38.85
CA THR C 592 -14.04 -22.52 -38.00
C THR C 592 -13.34 -21.42 -37.22
N VAL C 593 -13.30 -21.57 -35.90
CA VAL C 593 -12.65 -20.62 -35.01
C VAL C 593 -11.42 -21.25 -34.42
N VAL C 594 -10.32 -20.51 -34.40
CA VAL C 594 -9.08 -20.93 -33.80
C VAL C 594 -8.78 -19.97 -32.67
N VAL C 595 -8.62 -20.51 -31.47
CA VAL C 595 -8.61 -19.77 -30.22
C VAL C 595 -7.35 -20.07 -29.43
N LYS C 596 -6.67 -19.01 -29.00
CA LYS C 596 -5.48 -19.10 -28.18
C LYS C 596 -5.87 -19.02 -26.71
N GLU C 597 -5.21 -19.82 -25.87
CA GLU C 597 -5.39 -19.76 -24.42
C GLU C 597 -4.12 -19.25 -23.78
N SER C 598 -4.21 -18.85 -22.50
CA SER C 598 -3.03 -18.38 -21.80
C SER C 598 -3.27 -18.44 -20.30
N CYS C 599 -2.18 -18.69 -19.56
CA CYS C 599 -2.25 -18.78 -18.10
C CYS C 599 -0.87 -18.53 -17.51
N ASP C 600 -0.74 -17.47 -16.71
CA ASP C 600 0.54 -17.14 -16.02
C ASP C 600 0.23 -16.43 -14.70
N GLY C 601 0.58 -17.04 -13.56
CA GLY C 601 0.32 -16.42 -12.29
C GLY C 601 0.91 -15.02 -12.23
N MET C 602 0.33 -14.20 -11.38
CA MET C 602 0.72 -12.81 -11.26
C MET C 602 1.09 -12.51 -9.82
N GLY C 603 1.95 -13.35 -9.26
CA GLY C 603 2.27 -13.33 -7.85
C GLY C 603 2.77 -12.04 -7.27
N ASP C 604 2.68 -11.93 -5.94
CA ASP C 604 2.97 -10.72 -5.16
C ASP C 604 2.14 -9.53 -5.64
N VAL C 605 0.83 -9.68 -5.44
CA VAL C 605 -0.11 -8.58 -5.66
C VAL C 605 -0.75 -8.24 -4.33
N SER C 606 0.00 -8.42 -3.27
CA SER C 606 -0.50 -8.25 -1.92
C SER C 606 -0.56 -6.77 -1.57
N GLU C 607 -1.29 -6.47 -0.50
CA GLU C 607 -1.40 -5.11 0.01
C GLU C 607 -1.52 -5.11 1.52
N LYS C 608 -0.76 -4.21 2.15
CA LYS C 608 -0.78 -4.05 3.60
C LYS C 608 -1.56 -2.81 4.01
N PRO C 613 7.07 -7.31 9.24
CA PRO C 613 6.14 -8.43 9.13
C PRO C 613 5.23 -8.31 7.91
N ALA C 614 5.68 -8.81 6.76
CA ALA C 614 4.93 -8.70 5.51
C ALA C 614 4.86 -10.09 4.89
N VAL C 615 3.65 -10.67 4.87
CA VAL C 615 3.42 -11.98 4.28
C VAL C 615 2.66 -11.78 2.96
N PRO C 616 3.07 -12.42 1.87
CA PRO C 616 2.48 -12.12 0.57
C PRO C 616 1.36 -13.07 0.17
N GLU C 617 0.83 -12.88 -1.03
CA GLU C 617 -0.09 -13.83 -1.65
C GLU C 617 0.14 -13.78 -3.15
N LYS C 618 -0.44 -14.74 -3.87
CA LYS C 618 -0.25 -14.87 -5.30
C LYS C 618 -1.62 -15.01 -5.95
N ALA C 619 -1.66 -14.95 -7.28
CA ALA C 619 -2.92 -15.07 -8.00
C ALA C 619 -2.64 -15.56 -9.40
N VAL C 620 -3.55 -16.38 -9.91
CA VAL C 620 -3.41 -17.02 -11.21
C VAL C 620 -4.60 -16.63 -12.07
N ARG C 621 -4.33 -16.18 -13.28
CA ARG C 621 -5.37 -15.79 -14.21
C ARG C 621 -5.33 -16.74 -15.39
N PHE C 622 -6.50 -17.19 -15.83
CA PHE C 622 -6.66 -18.10 -16.96
C PHE C 622 -7.55 -17.44 -18.00
N SER C 623 -7.03 -17.31 -19.22
CA SER C 623 -7.55 -16.34 -20.16
C SER C 623 -7.40 -16.83 -21.58
N PHE C 624 -8.22 -16.24 -22.46
CA PHE C 624 -8.21 -16.63 -23.87
C PHE C 624 -8.55 -15.47 -24.80
N THR C 625 -8.50 -15.72 -26.11
CA THR C 625 -8.64 -14.67 -27.12
C THR C 625 -8.95 -15.32 -28.45
N VAL C 626 -9.98 -14.83 -29.14
CA VAL C 626 -10.26 -15.31 -30.48
C VAL C 626 -9.15 -14.87 -31.41
N MET C 627 -8.67 -15.78 -32.21
CA MET C 627 -7.50 -15.43 -32.99
C MET C 627 -7.73 -15.49 -34.48
N ARG C 628 -8.30 -16.56 -35.00
CA ARG C 628 -8.53 -16.56 -36.44
C ARG C 628 -9.83 -17.27 -36.80
N ILE C 629 -10.68 -16.60 -37.58
CA ILE C 629 -11.95 -17.18 -37.99
C ILE C 629 -11.97 -17.31 -39.49
N THR C 630 -12.30 -18.50 -39.98
CA THR C 630 -12.38 -18.75 -41.41
C THR C 630 -13.64 -19.53 -41.73
N ILE C 631 -13.86 -19.76 -43.03
CA ILE C 631 -15.02 -20.51 -43.50
C ILE C 631 -14.65 -21.22 -44.80
N GLU C 632 -14.93 -22.52 -44.85
CA GLU C 632 -14.63 -23.35 -46.01
C GLU C 632 -15.68 -23.07 -47.07
N HIS C 633 -15.30 -22.28 -48.06
CA HIS C 633 -16.20 -21.89 -49.13
C HIS C 633 -15.80 -22.55 -50.44
N GLY C 634 -16.67 -23.43 -50.94
CA GLY C 634 -16.38 -24.18 -52.14
C GLY C 634 -15.28 -25.19 -51.91
N SER C 635 -14.16 -25.05 -52.61
CA SER C 635 -13.03 -25.95 -52.45
C SER C 635 -11.92 -25.38 -51.58
N GLN C 636 -12.13 -24.22 -50.97
CA GLN C 636 -11.09 -23.60 -50.16
C GLN C 636 -11.71 -22.92 -48.94
N ASN C 637 -10.86 -22.59 -47.99
CA ASN C 637 -11.28 -21.77 -46.87
C ASN C 637 -10.70 -20.37 -47.01
N VAL C 638 -11.31 -19.42 -46.32
CA VAL C 638 -10.97 -18.01 -46.47
C VAL C 638 -11.18 -17.31 -45.13
N LYS C 639 -10.22 -16.47 -44.77
CA LYS C 639 -10.27 -15.80 -43.48
C LYS C 639 -11.30 -14.69 -43.51
N VAL C 640 -12.21 -14.72 -42.55
CA VAL C 640 -13.02 -13.56 -42.24
C VAL C 640 -12.39 -12.75 -41.12
N PHE C 641 -11.50 -13.32 -40.33
CA PHE C 641 -11.03 -12.56 -39.19
C PHE C 641 -9.62 -12.95 -38.83
N GLU C 642 -8.71 -11.98 -38.90
CA GLU C 642 -7.37 -12.08 -38.38
C GLU C 642 -7.24 -11.08 -37.23
N GLU C 643 -6.06 -10.95 -36.73
CA GLU C 643 -5.97 -9.95 -35.67
C GLU C 643 -4.92 -8.92 -36.00
N PRO C 644 -5.14 -7.64 -35.68
CA PRO C 644 -4.10 -6.66 -35.89
C PRO C 644 -2.94 -6.89 -34.94
N LYS C 645 -3.26 -7.03 -33.66
CA LYS C 645 -2.27 -7.25 -32.61
C LYS C 645 -2.70 -8.42 -31.74
N PRO C 646 -2.08 -9.57 -31.91
CA PRO C 646 -2.50 -10.76 -31.17
C PRO C 646 -2.24 -10.63 -29.70
N ASN C 647 -1.00 -10.36 -29.36
CA ASN C 647 -0.58 -10.27 -27.98
C ASN C 647 -0.74 -8.86 -27.43
N SER C 648 -1.89 -8.26 -27.67
CA SER C 648 -2.13 -6.94 -27.14
C SER C 648 -2.50 -7.06 -25.68
N GLU C 649 -2.52 -5.94 -25.00
CA GLU C 649 -3.12 -5.99 -23.69
C GLU C 649 -4.63 -5.85 -23.74
N LEU C 650 -5.16 -5.06 -24.65
CA LEU C 650 -6.59 -4.80 -24.63
C LEU C 650 -7.37 -5.80 -25.48
N CYS C 651 -6.74 -6.90 -25.88
CA CYS C 651 -7.48 -7.96 -26.56
C CYS C 651 -7.13 -9.32 -25.96
N CYS C 652 -7.11 -9.42 -24.63
CA CYS C 652 -6.87 -10.68 -23.94
C CYS C 652 -7.99 -10.86 -22.93
N LYS C 653 -8.90 -11.73 -23.23
CA LYS C 653 -10.12 -11.77 -22.43
C LYS C 653 -9.96 -12.78 -21.30
N PRO C 654 -10.37 -12.42 -20.06
CA PRO C 654 -10.25 -13.32 -18.91
C PRO C 654 -11.31 -14.43 -18.94
N LEU C 655 -11.09 -15.49 -18.15
CA LEU C 655 -12.04 -16.64 -18.08
C LEU C 655 -12.16 -17.10 -16.63
N CYS C 656 -11.07 -17.01 -15.87
CA CYS C 656 -11.07 -17.43 -14.43
C CYS C 656 -9.84 -16.89 -13.73
N LEU C 657 -9.99 -16.61 -12.44
CA LEU C 657 -8.85 -16.10 -11.70
C LEU C 657 -8.99 -16.51 -10.24
N MET C 658 -7.86 -16.75 -9.62
CA MET C 658 -7.89 -17.36 -8.30
C MET C 658 -6.76 -16.80 -7.45
N LEU C 659 -7.00 -16.81 -6.14
CA LEU C 659 -6.01 -16.37 -5.17
C LEU C 659 -5.30 -17.61 -4.66
N ALA C 660 -4.49 -18.19 -5.53
CA ALA C 660 -3.74 -19.38 -5.19
C ALA C 660 -2.35 -19.24 -5.78
N ASP C 661 -1.65 -20.35 -5.89
CA ASP C 661 -0.28 -20.35 -6.37
C ASP C 661 -0.24 -20.98 -7.76
N GLU C 662 0.92 -20.86 -8.40
CA GLU C 662 1.22 -21.72 -9.53
C GLU C 662 1.96 -22.97 -9.12
N SER C 663 2.38 -23.06 -7.87
CA SER C 663 3.10 -24.22 -7.38
C SER C 663 2.32 -25.05 -6.37
N ASP C 664 1.29 -24.49 -5.76
CA ASP C 664 0.41 -25.30 -4.94
C ASP C 664 -0.46 -26.14 -5.85
N HIS C 665 -0.06 -27.39 -6.08
CA HIS C 665 -0.62 -28.14 -7.19
C HIS C 665 -2.05 -28.58 -6.93
N GLU C 666 -2.42 -28.74 -5.66
CA GLU C 666 -3.70 -29.33 -5.32
C GLU C 666 -4.85 -28.42 -5.70
N THR C 667 -4.81 -27.19 -5.19
CA THR C 667 -5.90 -26.25 -5.41
C THR C 667 -5.99 -25.88 -6.88
N LEU C 668 -4.83 -25.81 -7.55
CA LEU C 668 -4.80 -25.48 -8.97
C LEU C 668 -5.49 -26.55 -9.79
N THR C 669 -5.22 -27.83 -9.48
CA THR C 669 -5.93 -28.92 -10.15
C THR C 669 -7.42 -28.85 -9.88
N ALA C 670 -7.79 -28.67 -8.62
CA ALA C 670 -9.18 -28.81 -8.23
C ALA C 670 -10.01 -27.65 -8.75
N ILE C 671 -9.37 -26.54 -9.06
CA ILE C 671 -10.11 -25.47 -9.70
C ILE C 671 -10.16 -25.66 -11.20
N LEU C 672 -9.02 -25.89 -11.83
CA LEU C 672 -9.01 -25.85 -13.28
C LEU C 672 -9.59 -27.08 -13.95
N SER C 673 -9.87 -28.15 -13.21
CA SER C 673 -10.38 -29.33 -13.90
C SER C 673 -11.78 -29.24 -14.51
N PRO C 674 -12.73 -28.47 -13.96
CA PRO C 674 -13.95 -28.22 -14.74
C PRO C 674 -13.72 -27.55 -16.07
N LEU C 675 -12.77 -26.63 -16.12
CA LEU C 675 -12.50 -25.93 -17.36
C LEU C 675 -11.91 -26.86 -18.40
N ILE C 676 -11.03 -27.75 -17.97
CA ILE C 676 -10.48 -28.68 -18.94
C ILE C 676 -11.50 -29.75 -19.30
N ALA C 677 -12.48 -30.00 -18.42
CA ALA C 677 -13.58 -30.89 -18.77
C ALA C 677 -14.43 -30.30 -19.88
N GLU C 678 -14.81 -29.03 -19.72
CA GLU C 678 -15.60 -28.37 -20.75
C GLU C 678 -14.80 -28.21 -22.04
N ARG C 679 -13.50 -27.94 -21.91
CA ARG C 679 -12.66 -27.80 -23.08
C ARG C 679 -12.55 -29.09 -23.85
N GLU C 680 -12.48 -30.21 -23.15
CA GLU C 680 -12.51 -31.47 -23.88
C GLU C 680 -13.88 -31.76 -24.43
N ALA C 681 -14.93 -31.26 -23.77
CA ALA C 681 -16.29 -31.53 -24.22
C ALA C 681 -16.57 -30.86 -25.55
N MET C 682 -16.23 -29.59 -25.69
CA MET C 682 -16.66 -28.92 -26.91
C MET C 682 -15.61 -28.99 -27.99
N LYS C 683 -15.03 -30.16 -28.21
CA LYS C 683 -14.17 -30.34 -29.35
C LYS C 683 -14.81 -31.21 -30.41
N SER C 684 -16.04 -31.64 -30.18
CA SER C 684 -16.74 -32.54 -31.08
C SER C 684 -18.19 -32.10 -31.24
N SER C 685 -18.41 -30.81 -31.49
CA SER C 685 -19.77 -30.34 -31.72
C SER C 685 -19.86 -29.15 -32.66
N GLU C 686 -21.08 -28.75 -32.96
CA GLU C 686 -21.35 -27.54 -33.71
C GLU C 686 -22.06 -26.59 -32.77
N LEU C 687 -22.00 -25.30 -33.08
CA LEU C 687 -22.65 -24.30 -32.26
C LEU C 687 -23.60 -23.49 -33.13
N THR C 688 -24.75 -23.14 -32.58
CA THR C 688 -25.82 -22.52 -33.36
C THR C 688 -26.39 -21.35 -32.60
N LEU C 689 -26.32 -20.16 -33.17
CA LEU C 689 -26.96 -19.02 -32.53
C LEU C 689 -27.26 -17.94 -33.56
N GLU C 690 -28.13 -17.01 -33.17
CA GLU C 690 -28.56 -15.97 -34.08
C GLU C 690 -27.53 -14.86 -34.14
N MET C 691 -26.97 -14.63 -35.32
CA MET C 691 -25.95 -13.61 -35.53
C MET C 691 -26.54 -12.57 -36.47
N GLY C 692 -27.29 -11.63 -35.91
CA GLY C 692 -27.86 -10.51 -36.62
C GLY C 692 -28.74 -10.86 -37.80
N GLY C 693 -29.89 -11.46 -37.55
CA GLY C 693 -30.70 -11.97 -38.64
C GLY C 693 -30.74 -13.48 -38.70
N ILE C 694 -29.99 -14.07 -39.63
CA ILE C 694 -30.02 -15.53 -39.74
C ILE C 694 -29.16 -16.15 -38.66
N PRO C 695 -29.54 -17.30 -38.13
CA PRO C 695 -28.66 -18.03 -37.23
C PRO C 695 -27.58 -18.77 -37.98
N ARG C 696 -26.43 -18.93 -37.34
CA ARG C 696 -25.28 -19.55 -37.96
C ARG C 696 -24.69 -20.59 -37.02
N THR C 697 -23.72 -21.34 -37.55
CA THR C 697 -23.10 -22.47 -36.90
C THR C 697 -21.59 -22.27 -36.75
N PHE C 698 -20.99 -23.13 -35.94
CA PHE C 698 -19.60 -22.98 -35.54
C PHE C 698 -18.97 -24.32 -35.19
N LYS C 699 -17.66 -24.40 -35.38
CA LYS C 699 -16.82 -25.46 -34.85
C LYS C 699 -15.65 -24.81 -34.12
N PHE C 700 -14.74 -25.62 -33.58
CA PHE C 700 -13.64 -25.08 -32.81
C PHE C 700 -12.38 -25.92 -32.97
N ILE C 701 -11.23 -25.27 -32.80
CA ILE C 701 -9.93 -25.89 -32.68
C ILE C 701 -9.18 -25.09 -31.62
N PHE C 702 -8.66 -25.75 -30.60
CA PHE C 702 -7.96 -25.02 -29.56
C PHE C 702 -6.46 -25.26 -29.63
N ARG C 703 -5.71 -24.27 -29.19
CA ARG C 703 -4.26 -24.37 -29.10
C ARG C 703 -3.87 -23.66 -27.81
N GLY C 704 -3.77 -24.42 -26.73
CA GLY C 704 -3.23 -23.89 -25.50
C GLY C 704 -1.75 -23.64 -25.67
N THR C 705 -1.36 -22.38 -25.73
CA THR C 705 0.01 -22.03 -26.04
C THR C 705 0.63 -21.05 -25.08
N GLY C 706 -0.13 -20.12 -24.54
CA GLY C 706 0.43 -19.00 -23.82
C GLY C 706 0.95 -19.29 -22.44
N TYR C 707 1.13 -20.55 -22.09
CA TYR C 707 1.84 -20.88 -20.87
C TYR C 707 3.31 -20.53 -21.05
N ASP C 708 3.95 -20.07 -19.97
CA ASP C 708 5.40 -19.76 -20.01
C ASP C 708 6.16 -21.08 -20.16
N GLU C 709 7.40 -21.16 -19.64
CA GLU C 709 8.15 -22.39 -19.72
C GLU C 709 8.01 -23.23 -18.46
N LYS C 710 7.94 -22.57 -17.30
CA LYS C 710 7.89 -23.31 -16.04
C LYS C 710 6.57 -24.04 -15.87
N LEU C 711 5.47 -23.40 -16.25
CA LEU C 711 4.15 -24.02 -16.11
C LEU C 711 3.99 -25.22 -17.01
N VAL C 712 4.46 -25.13 -18.25
CA VAL C 712 4.28 -26.23 -19.17
C VAL C 712 5.24 -27.36 -18.81
N ARG C 713 6.28 -27.06 -18.05
CA ARG C 713 7.06 -28.11 -17.43
C ARG C 713 6.39 -28.69 -16.21
N GLU C 714 5.32 -28.07 -15.72
CA GLU C 714 4.75 -28.46 -14.45
C GLU C 714 3.40 -29.16 -14.60
N VAL C 715 2.68 -28.90 -15.69
CA VAL C 715 1.36 -29.47 -15.83
C VAL C 715 1.33 -30.57 -16.89
N GLU C 716 2.20 -30.48 -17.90
CA GLU C 716 2.17 -31.52 -18.92
C GLU C 716 2.79 -32.82 -18.41
N GLY C 717 3.65 -32.75 -17.42
CA GLY C 717 4.15 -33.94 -16.78
C GLY C 717 5.64 -34.05 -16.72
N LEU C 718 6.36 -33.00 -17.04
CA LEU C 718 7.79 -33.09 -16.90
C LEU C 718 8.16 -32.80 -15.45
N GLU C 719 9.45 -32.94 -15.17
CA GLU C 719 10.02 -32.69 -13.86
C GLU C 719 10.24 -31.20 -13.70
N ALA C 720 11.08 -30.80 -12.74
CA ALA C 720 11.40 -29.39 -12.59
C ALA C 720 12.34 -28.91 -13.69
N SER C 721 12.84 -27.68 -13.59
CA SER C 721 13.55 -27.09 -14.72
C SER C 721 14.98 -27.63 -14.83
N GLY C 722 15.62 -27.89 -13.71
CA GLY C 722 17.02 -28.26 -13.73
C GLY C 722 17.30 -29.71 -14.07
N SER C 723 16.63 -30.25 -15.06
CA SER C 723 16.73 -31.67 -15.34
C SER C 723 17.94 -31.94 -16.22
N VAL C 724 17.93 -33.14 -16.81
CA VAL C 724 18.87 -33.44 -17.88
C VAL C 724 18.16 -33.41 -19.21
N TYR C 725 16.91 -33.83 -19.25
CA TYR C 725 16.08 -33.74 -20.44
C TYR C 725 15.54 -32.32 -20.49
N ILE C 726 15.93 -31.54 -21.49
CA ILE C 726 15.66 -30.11 -21.38
C ILE C 726 14.58 -29.65 -22.33
N CYS C 727 14.57 -30.16 -23.54
CA CYS C 727 13.65 -29.65 -24.54
C CYS C 727 12.25 -30.16 -24.30
N THR C 728 11.30 -29.26 -24.21
CA THR C 728 9.94 -29.75 -24.03
C THR C 728 9.34 -30.22 -25.27
N LEU C 729 10.03 -30.16 -26.40
CA LEU C 729 9.53 -30.66 -27.67
C LEU C 729 10.24 -31.92 -28.10
N CYS C 730 11.57 -31.93 -28.09
CA CYS C 730 12.29 -33.12 -28.46
C CYS C 730 12.59 -33.90 -27.19
N ASP C 731 13.41 -34.92 -27.31
CA ASP C 731 13.81 -35.73 -26.15
C ASP C 731 15.31 -35.94 -26.24
N THR C 732 16.07 -35.00 -25.67
CA THR C 732 17.51 -35.09 -25.68
C THR C 732 18.04 -34.69 -24.32
N THR C 733 19.20 -35.21 -23.99
CA THR C 733 19.84 -34.79 -22.76
C THR C 733 20.39 -33.40 -22.95
N ARG C 734 20.58 -32.70 -21.83
CA ARG C 734 21.31 -31.44 -21.85
C ARG C 734 22.73 -31.67 -22.33
N LEU C 735 23.32 -32.80 -21.95
CA LEU C 735 24.67 -33.13 -22.37
C LEU C 735 24.72 -33.43 -23.87
N GLU C 736 23.60 -33.87 -24.44
CA GLU C 736 23.62 -34.19 -25.86
C GLU C 736 23.67 -32.94 -26.71
N ALA C 737 23.04 -31.85 -26.25
CA ALA C 737 22.97 -30.65 -27.06
C ALA C 737 24.32 -29.99 -27.20
N SER C 738 25.25 -30.33 -26.31
CA SER C 738 26.61 -29.84 -26.44
C SER C 738 27.33 -30.48 -27.61
N GLN C 739 27.12 -31.76 -27.89
CA GLN C 739 27.76 -32.37 -29.04
C GLN C 739 27.04 -32.01 -30.34
N ASN C 740 25.81 -32.47 -30.49
CA ASN C 740 25.02 -32.16 -31.66
C ASN C 740 24.19 -30.93 -31.34
N LEU C 741 24.20 -29.95 -32.23
CA LEU C 741 23.53 -28.69 -31.92
C LEU C 741 22.12 -28.64 -32.49
N VAL C 742 22.01 -28.71 -33.81
CA VAL C 742 20.72 -28.45 -34.43
C VAL C 742 20.30 -29.55 -35.41
N PHE C 743 19.73 -30.65 -34.89
CA PHE C 743 19.27 -31.68 -35.80
C PHE C 743 18.04 -32.45 -35.34
N HIS C 744 17.25 -31.92 -34.43
CA HIS C 744 16.16 -32.69 -33.84
C HIS C 744 14.87 -32.43 -34.60
N SER C 745 13.75 -32.80 -33.98
CA SER C 745 12.43 -32.49 -34.48
C SER C 745 11.49 -32.54 -33.29
N ILE C 746 10.29 -31.99 -33.45
CA ILE C 746 9.33 -32.06 -32.35
C ILE C 746 8.80 -33.48 -32.27
N THR C 747 8.84 -34.07 -31.09
CA THR C 747 8.40 -35.45 -30.94
C THR C 747 7.71 -35.70 -29.61
N ARG C 748 6.90 -34.75 -29.16
CA ARG C 748 6.24 -34.91 -27.87
C ARG C 748 4.77 -34.55 -28.01
N SER C 749 3.91 -35.56 -28.12
CA SER C 749 2.48 -35.30 -28.16
C SER C 749 1.95 -35.14 -26.75
N HIS C 750 0.63 -35.13 -26.61
CA HIS C 750 0.04 -35.19 -25.28
C HIS C 750 -0.25 -36.63 -24.87
N ALA C 751 -0.91 -37.38 -25.75
CA ALA C 751 -1.28 -38.74 -25.43
C ALA C 751 -0.07 -39.65 -25.28
N GLU C 752 1.04 -39.28 -25.94
CA GLU C 752 2.27 -40.02 -25.73
C GLU C 752 2.77 -39.85 -24.30
N ASN C 753 2.62 -38.66 -23.76
CA ASN C 753 2.99 -38.46 -22.37
C ASN C 753 2.03 -39.18 -21.43
N LEU C 754 0.77 -39.32 -21.85
CA LEU C 754 -0.16 -40.13 -21.08
C LEU C 754 0.27 -41.59 -21.02
N GLN C 755 0.60 -42.16 -22.19
CA GLN C 755 0.96 -43.58 -22.19
C GLN C 755 2.33 -43.81 -21.55
N ARG C 756 3.21 -42.81 -21.63
CA ARG C 756 4.50 -42.94 -20.95
C ARG C 756 4.33 -42.88 -19.45
N TYR C 757 3.36 -42.08 -18.98
CA TYR C 757 3.04 -42.09 -17.56
C TYR C 757 2.51 -43.44 -17.15
N GLU C 758 1.73 -44.07 -18.03
CA GLU C 758 1.25 -45.41 -17.74
C GLU C 758 2.40 -46.40 -17.62
N VAL C 759 3.38 -46.28 -18.51
CA VAL C 759 4.55 -47.17 -18.45
C VAL C 759 5.34 -46.91 -17.17
N TRP C 760 5.37 -45.66 -16.74
CA TRP C 760 6.09 -45.34 -15.51
C TRP C 760 5.41 -45.95 -14.30
N ARG C 761 4.09 -45.86 -14.24
CA ARG C 761 3.40 -46.34 -13.05
C ARG C 761 3.39 -47.85 -13.00
N SER C 762 3.31 -48.50 -14.15
CA SER C 762 3.23 -49.95 -14.17
C SER C 762 4.58 -50.57 -13.84
N ASN C 763 5.66 -50.04 -14.43
CA ASN C 763 7.01 -50.60 -14.45
C ASN C 763 6.95 -52.03 -14.97
N PRO C 764 6.73 -52.23 -16.27
CA PRO C 764 6.54 -53.59 -16.76
C PRO C 764 7.82 -54.40 -16.82
N TYR C 765 8.92 -53.79 -17.25
CA TYR C 765 10.14 -54.55 -17.49
C TYR C 765 10.94 -54.78 -16.24
N HIS C 766 10.46 -54.27 -15.09
CA HIS C 766 11.12 -54.38 -13.79
C HIS C 766 12.53 -53.80 -13.82
N GLU C 767 12.65 -52.68 -14.52
CA GLU C 767 13.93 -51.99 -14.62
C GLU C 767 14.19 -51.23 -13.33
N SER C 768 15.31 -50.52 -13.30
CA SER C 768 15.66 -49.73 -12.13
C SER C 768 14.79 -48.48 -12.06
N VAL C 769 15.04 -47.69 -11.02
CA VAL C 769 14.57 -46.31 -11.05
C VAL C 769 15.24 -45.57 -12.20
N GLU C 770 16.53 -45.76 -12.36
CA GLU C 770 17.31 -44.91 -13.24
C GLU C 770 17.14 -45.32 -14.69
N GLU C 771 17.16 -46.63 -14.97
CA GLU C 771 16.99 -47.08 -16.35
C GLU C 771 15.60 -46.81 -16.87
N LEU C 772 14.60 -46.86 -15.99
CA LEU C 772 13.24 -46.53 -16.40
C LEU C 772 13.11 -45.06 -16.68
N ARG C 773 13.71 -44.23 -15.82
CA ARG C 773 13.78 -42.80 -16.09
C ARG C 773 14.53 -42.52 -17.38
N ASP C 774 15.51 -43.37 -17.71
CA ASP C 774 16.14 -43.27 -19.01
C ASP C 774 15.20 -43.71 -20.13
N ARG C 775 14.26 -44.62 -19.84
CA ARG C 775 13.38 -45.07 -20.90
C ARG C 775 12.28 -44.05 -21.16
N VAL C 776 11.65 -43.55 -20.10
CA VAL C 776 10.47 -42.70 -20.28
C VAL C 776 10.80 -41.30 -20.73
N LYS C 777 12.08 -40.93 -20.71
CA LYS C 777 12.57 -39.61 -21.10
C LYS C 777 11.89 -38.50 -20.30
N GLY C 778 12.02 -38.61 -18.98
CA GLY C 778 11.79 -37.50 -18.09
C GLY C 778 10.48 -37.50 -17.35
N VAL C 779 9.43 -38.11 -17.91
CA VAL C 779 8.09 -37.90 -17.38
C VAL C 779 7.89 -38.69 -16.09
N SER C 780 7.44 -37.99 -15.05
CA SER C 780 7.23 -38.64 -13.76
C SER C 780 5.99 -38.13 -13.07
N ALA C 781 5.02 -37.63 -13.83
CA ALA C 781 3.76 -37.21 -13.24
C ALA C 781 2.67 -37.43 -14.28
N LYS C 782 1.44 -37.48 -13.83
CA LYS C 782 0.35 -37.64 -14.76
C LYS C 782 0.16 -36.35 -15.53
N PRO C 783 0.06 -36.38 -16.85
CA PRO C 783 -0.32 -35.19 -17.59
C PRO C 783 -1.70 -34.73 -17.17
N PHE C 784 -1.79 -33.47 -16.79
CA PHE C 784 -2.98 -32.91 -16.19
C PHE C 784 -3.86 -32.18 -17.18
N ILE C 785 -3.28 -31.65 -18.24
CA ILE C 785 -3.96 -30.76 -19.17
C ILE C 785 -3.37 -31.03 -20.54
N GLU C 786 -4.00 -30.55 -21.58
CA GLU C 786 -3.43 -30.66 -22.91
C GLU C 786 -2.71 -29.37 -23.25
N THR C 787 -1.85 -29.41 -24.25
CA THR C 787 -1.25 -28.22 -24.83
C THR C 787 -0.91 -28.49 -26.27
N VAL C 788 -0.45 -27.45 -26.96
CA VAL C 788 0.33 -27.65 -28.17
C VAL C 788 1.75 -27.30 -27.77
N PRO C 789 2.76 -27.87 -28.42
CA PRO C 789 4.13 -27.51 -28.06
C PRO C 789 4.66 -26.41 -28.96
N SER C 790 5.29 -25.40 -28.34
CA SER C 790 5.88 -24.29 -29.07
C SER C 790 6.82 -23.53 -28.14
N ILE C 791 7.23 -22.35 -28.59
CA ILE C 791 8.21 -21.51 -27.93
C ILE C 791 7.56 -20.17 -27.58
N ASP C 792 7.71 -19.75 -26.33
CA ASP C 792 7.26 -18.42 -25.90
C ASP C 792 8.28 -17.41 -26.35
N ALA C 793 7.82 -16.27 -26.87
CA ALA C 793 8.75 -15.29 -27.43
C ALA C 793 9.40 -14.44 -26.36
N LEU C 794 8.61 -13.97 -25.40
CA LEU C 794 9.05 -13.00 -24.41
C LEU C 794 10.19 -13.54 -23.56
N HIS C 795 9.99 -14.72 -23.00
CA HIS C 795 11.01 -15.27 -22.12
C HIS C 795 12.19 -15.81 -22.91
N CYS C 796 11.99 -16.11 -24.19
CA CYS C 796 13.13 -16.38 -25.08
C CYS C 796 14.03 -15.17 -25.17
N ASP C 797 13.44 -14.00 -25.40
CA ASP C 797 14.23 -12.77 -25.49
C ASP C 797 14.92 -12.47 -24.17
N ILE C 798 14.18 -12.62 -23.07
CA ILE C 798 14.73 -12.26 -21.77
C ILE C 798 15.86 -13.19 -21.37
N GLY C 799 15.71 -14.48 -21.64
CA GLY C 799 16.75 -15.43 -21.29
C GLY C 799 18.00 -15.24 -22.13
N ASN C 800 17.81 -14.90 -23.41
CA ASN C 800 18.97 -14.64 -24.25
C ASN C 800 19.71 -13.40 -23.78
N ALA C 801 18.96 -12.38 -23.33
CA ALA C 801 19.61 -11.17 -22.85
C ALA C 801 20.38 -11.44 -21.57
N ALA C 802 19.82 -12.27 -20.68
CA ALA C 802 20.52 -12.60 -19.45
C ALA C 802 21.78 -13.40 -19.73
N GLU C 803 21.72 -14.28 -20.70
CA GLU C 803 22.88 -15.07 -21.06
C GLU C 803 23.97 -14.21 -21.69
N PHE C 804 23.57 -13.21 -22.48
CA PHE C 804 24.58 -12.33 -23.06
C PHE C 804 25.19 -11.39 -22.01
N TYR C 805 24.39 -10.99 -21.03
CA TYR C 805 24.90 -10.24 -19.88
C TYR C 805 25.93 -11.05 -19.13
N LYS C 806 25.64 -12.35 -18.97
CA LYS C 806 26.59 -13.28 -18.36
C LYS C 806 27.87 -13.37 -19.17
N ILE C 807 27.76 -13.45 -20.50
CA ILE C 807 28.99 -13.65 -21.28
C ILE C 807 29.81 -12.38 -21.33
N PHE C 808 29.18 -11.21 -21.16
CA PHE C 808 29.97 -10.00 -21.08
C PHE C 808 30.68 -9.89 -19.75
N GLN C 809 29.96 -10.21 -18.65
CA GLN C 809 30.56 -10.22 -17.32
C GLN C 809 31.70 -11.23 -17.23
N LEU C 810 31.60 -12.29 -18.02
CA LEU C 810 32.74 -13.19 -18.17
C LEU C 810 33.87 -12.52 -18.93
N GLU C 811 33.59 -12.02 -20.15
CA GLU C 811 34.66 -11.68 -21.08
C GLU C 811 35.44 -10.45 -20.67
N ILE C 812 34.90 -9.63 -19.78
CA ILE C 812 35.73 -8.58 -19.21
C ILE C 812 36.80 -9.17 -18.30
N GLY C 813 36.49 -10.28 -17.64
CA GLY C 813 37.44 -10.87 -16.71
C GLY C 813 38.55 -11.66 -17.37
N GLU C 814 38.51 -11.77 -18.70
CA GLU C 814 39.60 -12.30 -19.53
C GLU C 814 39.93 -13.75 -19.17
N VAL C 815 38.92 -14.50 -18.74
CA VAL C 815 39.17 -15.81 -18.18
C VAL C 815 39.34 -16.89 -19.25
N TYR C 816 39.29 -16.52 -20.52
CA TYR C 816 39.66 -17.43 -21.60
C TYR C 816 41.12 -17.84 -21.50
N LYS C 817 41.98 -16.94 -21.03
CA LYS C 817 43.38 -17.29 -20.85
C LYS C 817 43.55 -18.13 -19.60
N HIS C 818 43.09 -17.63 -18.46
CA HIS C 818 43.21 -18.34 -17.18
C HIS C 818 41.84 -18.58 -16.58
N PRO C 819 41.44 -19.81 -16.35
CA PRO C 819 40.11 -20.04 -15.78
C PRO C 819 40.09 -20.01 -14.26
N ASN C 820 38.90 -20.28 -13.71
CA ASN C 820 38.60 -20.56 -12.29
C ASN C 820 39.25 -19.59 -11.30
N ALA C 821 38.87 -18.33 -11.41
CA ALA C 821 39.28 -17.36 -10.40
C ALA C 821 38.32 -17.42 -9.21
N SER C 822 38.42 -16.46 -8.31
CA SER C 822 37.50 -16.41 -7.18
C SER C 822 36.13 -15.94 -7.63
N LYS C 823 35.13 -16.19 -6.80
CA LYS C 823 33.81 -15.64 -7.05
C LYS C 823 33.62 -14.32 -6.31
N GLU C 824 34.61 -13.47 -6.37
CA GLU C 824 34.49 -12.11 -5.89
C GLU C 824 34.95 -11.12 -6.94
N GLU C 825 36.00 -11.46 -7.68
CA GLU C 825 36.45 -10.61 -8.78
C GLU C 825 35.41 -10.56 -9.89
N ARG C 826 34.59 -11.59 -10.00
CA ARG C 826 33.52 -11.57 -10.99
C ARG C 826 32.43 -10.59 -10.57
N LYS C 827 32.16 -10.48 -9.27
CA LYS C 827 31.27 -9.43 -8.80
C LYS C 827 31.87 -8.05 -9.05
N ARG C 828 33.20 -7.95 -8.94
CA ARG C 828 33.88 -6.70 -9.27
C ARG C 828 33.74 -6.36 -10.74
N TRP C 829 33.85 -7.37 -11.61
CA TRP C 829 33.69 -7.14 -13.04
C TRP C 829 32.26 -6.75 -13.37
N GLN C 830 31.30 -7.31 -12.62
CA GLN C 830 29.91 -6.91 -12.73
C GLN C 830 29.74 -5.43 -12.41
N ALA C 831 30.37 -4.99 -11.32
CA ALA C 831 30.32 -3.59 -10.93
C ALA C 831 30.93 -2.69 -11.99
N THR C 832 32.09 -3.07 -12.53
CA THR C 832 32.74 -2.20 -13.51
C THR C 832 32.02 -2.22 -14.85
N LEU C 833 31.31 -3.31 -15.17
CA LEU C 833 30.56 -3.33 -16.41
C LEU C 833 29.35 -2.42 -16.32
N ASP C 834 28.65 -2.46 -15.19
CA ASP C 834 27.50 -1.58 -15.03
C ASP C 834 27.93 -0.12 -14.99
N LYS C 835 29.05 0.16 -14.32
CA LYS C 835 29.52 1.54 -14.21
C LYS C 835 29.98 2.06 -15.55
N HIS C 836 30.69 1.24 -16.32
CA HIS C 836 31.20 1.71 -17.60
C HIS C 836 30.08 1.88 -18.61
N LEU C 837 29.09 0.99 -18.59
CA LEU C 837 28.00 1.10 -19.55
C LEU C 837 27.07 2.25 -19.18
N ARG C 838 27.02 2.59 -17.91
CA ARG C 838 26.35 3.83 -17.52
C ARG C 838 27.20 5.03 -17.91
N LYS C 839 28.50 4.85 -18.01
CA LYS C 839 29.34 5.94 -18.49
C LYS C 839 29.32 6.07 -20.01
N ARG C 840 28.82 5.08 -20.74
CA ARG C 840 28.83 5.13 -22.19
C ARG C 840 27.45 5.03 -22.83
N MET C 841 26.46 4.54 -22.10
CA MET C 841 25.10 4.51 -22.62
C MET C 841 24.09 5.05 -21.63
N ASN C 842 24.52 5.41 -20.43
CA ASN C 842 23.73 6.11 -19.40
C ASN C 842 22.50 5.29 -19.01
N LEU C 843 22.78 4.15 -18.41
CA LEU C 843 21.78 3.13 -18.15
C LEU C 843 21.57 3.02 -16.65
N LYS C 844 20.31 3.02 -16.23
CA LYS C 844 19.98 2.75 -14.85
C LYS C 844 20.20 1.27 -14.53
N PRO C 845 20.71 0.96 -13.34
CA PRO C 845 21.01 -0.44 -13.01
C PRO C 845 19.84 -1.15 -12.33
N ILE C 846 19.47 -2.29 -12.91
CA ILE C 846 18.39 -3.14 -12.41
C ILE C 846 18.78 -4.60 -12.67
N MET C 847 18.06 -5.51 -12.00
CA MET C 847 18.33 -6.93 -12.13
C MET C 847 17.20 -7.70 -12.79
N ARG C 848 15.94 -7.45 -12.42
CA ARG C 848 14.82 -8.07 -13.11
C ARG C 848 14.77 -7.48 -14.50
N MET C 849 15.23 -8.25 -15.48
CA MET C 849 15.51 -7.70 -16.79
C MET C 849 14.23 -7.44 -17.55
N ASN C 850 13.81 -6.18 -17.53
CA ASN C 850 12.61 -5.76 -18.21
C ASN C 850 12.82 -5.80 -19.71
N GLY C 851 11.72 -5.80 -20.45
CA GLY C 851 11.80 -5.89 -21.89
C GLY C 851 12.44 -4.66 -22.52
N ASN C 852 12.25 -3.49 -21.90
CA ASN C 852 12.90 -2.29 -22.39
C ASN C 852 14.40 -2.37 -22.19
N PHE C 853 14.82 -2.86 -21.02
CA PHE C 853 16.21 -3.18 -20.77
C PHE C 853 16.72 -4.23 -21.75
N ALA C 854 15.86 -5.20 -22.07
CA ALA C 854 16.25 -6.27 -22.96
C ALA C 854 16.49 -5.77 -24.37
N ARG C 855 15.69 -4.81 -24.82
CA ARG C 855 15.91 -4.23 -26.14
C ARG C 855 17.11 -3.30 -26.11
N LYS C 856 17.25 -2.52 -25.03
CA LYS C 856 18.30 -1.52 -24.94
C LYS C 856 19.68 -2.14 -24.89
N LEU C 857 19.81 -3.31 -24.26
CA LEU C 857 21.14 -3.87 -24.08
C LEU C 857 21.67 -4.44 -25.40
N MET C 858 20.78 -4.77 -26.33
CA MET C 858 21.22 -5.34 -27.60
C MET C 858 21.38 -4.26 -28.66
N THR C 859 22.55 -3.65 -28.66
CA THR C 859 23.00 -2.78 -29.74
C THR C 859 24.34 -3.30 -30.24
N GLN C 860 24.63 -3.04 -31.51
CA GLN C 860 25.98 -3.19 -32.01
C GLN C 860 26.93 -2.25 -31.29
N GLU C 861 26.44 -1.09 -30.87
CA GLU C 861 27.26 -0.11 -30.20
C GLU C 861 27.60 -0.56 -28.80
N THR C 862 26.83 -1.48 -28.22
CA THR C 862 27.23 -2.05 -26.94
C THR C 862 28.44 -2.94 -27.09
N VAL C 863 28.51 -3.67 -28.21
CA VAL C 863 29.72 -4.42 -28.54
C VAL C 863 30.88 -3.46 -28.78
N ASP C 864 30.58 -2.32 -29.42
CA ASP C 864 31.60 -1.28 -29.58
C ASP C 864 32.06 -0.73 -28.24
N ALA C 865 31.17 -0.69 -27.25
CA ALA C 865 31.52 -0.20 -25.94
C ALA C 865 32.31 -1.22 -25.14
N VAL C 866 32.01 -2.49 -25.31
CA VAL C 866 32.74 -3.47 -24.51
C VAL C 866 34.09 -3.77 -25.14
N CYS C 867 34.24 -3.46 -26.43
CA CYS C 867 35.51 -3.70 -27.10
C CYS C 867 36.63 -2.82 -26.56
N GLU C 868 36.31 -1.68 -25.96
CA GLU C 868 37.36 -0.86 -25.37
C GLU C 868 37.81 -1.40 -24.02
N LEU C 869 37.05 -2.30 -23.41
CA LEU C 869 37.44 -2.84 -22.12
C LEU C 869 38.12 -4.20 -22.24
N ILE C 870 38.23 -4.73 -23.45
CA ILE C 870 38.95 -5.98 -23.71
C ILE C 870 40.09 -5.69 -24.67
N PRO C 871 41.23 -6.32 -24.51
CA PRO C 871 42.35 -6.03 -25.41
C PRO C 871 42.18 -6.60 -26.82
N SER C 872 41.94 -7.90 -26.88
CA SER C 872 42.30 -8.70 -28.05
C SER C 872 41.38 -8.49 -29.25
N GLU C 873 42.01 -8.49 -30.42
CA GLU C 873 41.29 -8.44 -31.68
C GLU C 873 40.40 -9.66 -31.88
N GLU C 874 40.86 -10.82 -31.40
CA GLU C 874 40.08 -12.06 -31.50
C GLU C 874 38.74 -11.90 -30.82
N ARG C 875 38.76 -11.32 -29.63
CA ARG C 875 37.53 -11.14 -28.89
C ARG C 875 36.67 -10.06 -29.53
N HIS C 876 37.30 -9.06 -30.14
CA HIS C 876 36.58 -8.01 -30.86
C HIS C 876 35.75 -8.60 -32.00
N GLU C 877 36.41 -9.32 -32.89
CA GLU C 877 35.70 -9.86 -34.05
C GLU C 877 34.73 -10.97 -33.66
N ALA C 878 35.04 -11.69 -32.59
CA ALA C 878 34.14 -12.74 -32.12
C ALA C 878 32.85 -12.14 -31.60
N LEU C 879 32.95 -11.11 -30.74
CA LEU C 879 31.74 -10.51 -30.21
C LEU C 879 30.97 -9.74 -31.26
N ARG C 880 31.69 -9.17 -32.23
CA ARG C 880 31.02 -8.51 -33.36
C ARG C 880 30.19 -9.50 -34.16
N GLU C 881 30.78 -10.65 -34.48
CA GLU C 881 30.03 -11.68 -35.21
C GLU C 881 28.89 -12.24 -34.38
N LEU C 882 29.07 -12.33 -33.07
CA LEU C 882 28.04 -12.88 -32.20
C LEU C 882 26.79 -12.01 -32.20
N MET C 883 26.94 -10.74 -31.83
CA MET C 883 25.80 -9.86 -31.78
C MET C 883 25.25 -9.60 -33.17
N ASP C 884 26.12 -9.66 -34.19
CA ASP C 884 25.67 -9.48 -35.56
C ASP C 884 24.77 -10.62 -35.99
N LEU C 885 25.14 -11.85 -35.67
CA LEU C 885 24.30 -12.97 -36.05
C LEU C 885 23.03 -13.01 -35.24
N TYR C 886 23.09 -12.59 -33.99
CA TYR C 886 21.89 -12.58 -33.17
C TYR C 886 20.90 -11.54 -33.66
N LEU C 887 21.38 -10.38 -34.08
CA LEU C 887 20.47 -9.41 -34.67
C LEU C 887 20.05 -9.79 -36.08
N LYS C 888 20.85 -10.54 -36.82
CA LYS C 888 20.40 -11.07 -38.09
C LYS C 888 19.34 -12.14 -37.94
N MET C 889 19.31 -12.85 -36.82
CA MET C 889 18.34 -13.91 -36.62
C MET C 889 17.19 -13.54 -35.71
N LYS C 890 17.22 -12.36 -35.11
CA LYS C 890 16.11 -11.93 -34.26
C LYS C 890 14.74 -11.89 -34.90
N PRO C 891 14.49 -11.18 -36.02
CA PRO C 891 13.10 -10.78 -36.30
C PRO C 891 12.22 -11.90 -36.79
N VAL C 892 12.74 -13.11 -36.99
CA VAL C 892 11.90 -14.20 -37.42
C VAL C 892 10.94 -14.61 -36.31
N TRP C 893 11.48 -14.94 -35.14
CA TRP C 893 10.58 -15.33 -34.06
C TRP C 893 9.96 -14.13 -33.37
N ARG C 894 10.30 -12.92 -33.78
CA ARG C 894 9.87 -11.75 -33.04
C ARG C 894 8.60 -11.15 -33.58
N SER C 895 8.39 -11.21 -34.89
CA SER C 895 7.28 -10.50 -35.50
C SER C 895 5.97 -11.24 -35.30
N SER C 896 4.91 -10.72 -35.92
CA SER C 896 3.62 -11.37 -35.90
C SER C 896 3.31 -12.08 -37.21
N CYS C 897 4.04 -11.79 -38.26
CA CYS C 897 3.80 -12.46 -39.53
C CYS C 897 5.09 -12.60 -40.34
N PRO C 898 6.08 -13.33 -39.83
CA PRO C 898 7.41 -13.32 -40.46
C PRO C 898 7.47 -14.08 -41.75
N ALA C 899 6.46 -14.90 -42.05
CA ALA C 899 6.44 -15.64 -43.30
C ALA C 899 6.23 -14.72 -44.50
N LYS C 900 5.67 -13.53 -44.28
CA LYS C 900 5.48 -12.62 -45.39
C LYS C 900 6.15 -11.28 -45.15
N GLU C 901 6.27 -10.88 -43.88
CA GLU C 901 6.76 -9.53 -43.60
C GLU C 901 8.26 -9.41 -43.81
N CYS C 902 9.04 -10.31 -43.21
CA CYS C 902 10.48 -10.24 -43.42
C CYS C 902 11.01 -11.55 -44.01
N PRO C 903 10.42 -12.05 -45.10
CA PRO C 903 10.59 -13.46 -45.43
C PRO C 903 11.94 -13.80 -46.03
N GLU C 904 12.79 -12.81 -46.29
CA GLU C 904 14.12 -13.15 -46.78
C GLU C 904 14.96 -13.75 -45.68
N SER C 905 14.79 -13.28 -44.45
CA SER C 905 15.56 -13.82 -43.35
C SER C 905 14.98 -15.14 -42.87
N LEU C 906 13.84 -15.55 -43.42
CA LEU C 906 13.30 -16.86 -43.10
C LEU C 906 14.20 -17.96 -43.61
N CYS C 907 14.53 -17.95 -44.89
CA CYS C 907 15.32 -19.02 -45.45
C CYS C 907 16.79 -18.95 -45.06
N GLN C 908 17.25 -17.83 -44.51
CA GLN C 908 18.61 -17.75 -43.99
C GLN C 908 18.81 -18.57 -42.74
N TYR C 909 17.72 -18.84 -42.01
CA TYR C 909 17.77 -19.13 -40.58
C TYR C 909 18.52 -20.42 -40.26
N SER C 910 18.43 -21.41 -41.15
CA SER C 910 19.17 -22.65 -40.93
C SER C 910 20.67 -22.40 -41.03
N PHE C 911 21.10 -21.78 -42.12
CA PHE C 911 22.49 -21.42 -42.34
C PHE C 911 22.96 -20.43 -41.28
N ASN C 912 22.13 -19.42 -41.01
CA ASN C 912 22.48 -18.35 -40.11
C ASN C 912 22.43 -18.81 -38.67
N SER C 913 21.86 -19.97 -38.43
CA SER C 913 21.90 -20.55 -37.10
C SER C 913 23.03 -21.53 -36.96
N GLN C 914 23.31 -22.28 -38.02
CA GLN C 914 24.34 -23.30 -37.95
C GLN C 914 25.71 -22.68 -37.76
N ARG C 915 26.00 -21.62 -38.50
CA ARG C 915 27.30 -20.98 -38.30
C ARG C 915 27.40 -20.32 -36.93
N PHE C 916 26.28 -19.82 -36.40
CA PHE C 916 26.28 -19.24 -35.07
C PHE C 916 26.55 -20.31 -34.02
N ALA C 917 25.96 -21.48 -34.20
CA ALA C 917 26.19 -22.56 -33.27
C ALA C 917 27.63 -23.05 -33.33
N GLU C 918 28.20 -23.09 -34.54
CA GLU C 918 29.55 -23.62 -34.67
C GLU C 918 30.59 -22.66 -34.13
N LEU C 919 30.42 -21.37 -34.38
CA LEU C 919 31.37 -20.47 -33.77
C LEU C 919 31.06 -20.26 -32.30
N LEU C 920 29.87 -20.65 -31.83
CA LEU C 920 29.70 -20.77 -30.39
C LEU C 920 30.46 -21.95 -29.84
N SER C 921 30.56 -23.02 -30.62
CA SER C 921 31.29 -24.19 -30.15
C SER C 921 32.78 -23.94 -30.11
N THR C 922 33.38 -23.59 -31.24
CA THR C 922 34.84 -23.51 -31.36
C THR C 922 35.42 -22.34 -30.58
N LYS C 923 34.91 -21.14 -30.83
CA LYS C 923 35.45 -19.98 -30.16
C LYS C 923 35.10 -19.96 -28.69
N PHE C 924 34.03 -20.66 -28.27
CA PHE C 924 33.63 -20.54 -26.88
C PHE C 924 33.44 -21.89 -26.20
N LYS C 925 34.32 -22.86 -26.45
CA LYS C 925 34.23 -24.14 -25.77
C LYS C 925 34.63 -24.06 -24.31
N TYR C 926 35.08 -22.90 -23.84
CA TYR C 926 35.35 -22.76 -22.42
C TYR C 926 34.09 -22.82 -21.59
N ARG C 927 32.95 -22.47 -22.16
CA ARG C 927 31.70 -22.39 -21.42
C ARG C 927 30.65 -23.33 -22.00
N TYR C 928 30.49 -23.34 -23.31
CA TYR C 928 29.51 -24.22 -23.94
C TYR C 928 30.17 -25.49 -24.43
N GLU C 929 30.81 -26.18 -23.49
CA GLU C 929 31.23 -27.55 -23.70
C GLU C 929 30.45 -28.55 -22.88
N GLY C 930 30.10 -28.19 -21.65
CA GLY C 930 29.26 -29.03 -20.83
C GLY C 930 27.86 -28.51 -20.86
N LYS C 931 27.49 -27.76 -19.83
CA LYS C 931 26.16 -27.18 -19.73
C LYS C 931 25.92 -26.18 -20.85
N ILE C 932 24.72 -26.24 -21.43
CA ILE C 932 24.23 -25.30 -22.41
C ILE C 932 22.78 -25.01 -22.09
N THR C 933 22.43 -23.74 -21.98
CA THR C 933 21.09 -23.41 -21.49
C THR C 933 20.04 -23.72 -22.54
N ASN C 934 18.83 -24.03 -22.07
CA ASN C 934 17.87 -24.74 -22.89
C ASN C 934 17.20 -23.80 -23.87
N TYR C 935 17.03 -22.53 -23.49
CA TYR C 935 16.47 -21.55 -24.39
C TYR C 935 17.29 -21.39 -25.65
N PHE C 936 18.59 -21.59 -25.56
CA PHE C 936 19.40 -21.59 -26.75
C PHE C 936 19.09 -22.78 -27.63
N HIS C 937 18.79 -23.92 -27.03
CA HIS C 937 18.40 -25.08 -27.81
C HIS C 937 17.08 -24.85 -28.49
N LYS C 938 16.18 -24.14 -27.81
CA LYS C 938 14.88 -23.85 -28.40
C LYS C 938 15.02 -22.88 -29.55
N THR C 939 15.78 -21.81 -29.35
CA THR C 939 15.92 -20.82 -30.40
C THR C 939 16.90 -21.27 -31.48
N LEU C 940 17.53 -22.42 -31.31
CA LEU C 940 18.47 -22.89 -32.30
C LEU C 940 17.90 -23.96 -33.21
N ALA C 941 17.19 -24.94 -32.65
CA ALA C 941 16.87 -26.15 -33.38
C ALA C 941 15.39 -26.40 -33.56
N HIS C 942 14.52 -25.52 -33.09
CA HIS C 942 13.11 -25.82 -33.19
C HIS C 942 12.27 -24.70 -33.78
N VAL C 943 12.86 -23.57 -34.09
CA VAL C 943 12.13 -22.48 -34.74
C VAL C 943 11.61 -22.86 -36.13
N PRO C 944 12.42 -23.32 -37.11
CA PRO C 944 11.86 -23.45 -38.45
C PRO C 944 10.85 -24.59 -38.59
N GLU C 945 10.97 -25.62 -37.76
CA GLU C 945 9.95 -26.66 -37.75
C GLU C 945 8.62 -26.11 -37.27
N ILE C 946 8.65 -25.26 -36.25
CA ILE C 946 7.42 -24.65 -35.73
C ILE C 946 6.83 -23.71 -36.75
N ILE C 947 7.67 -22.90 -37.38
CA ILE C 947 7.20 -21.90 -38.34
C ILE C 947 6.53 -22.59 -39.53
N GLU C 948 7.17 -23.66 -40.03
CA GLU C 948 6.57 -24.42 -41.11
C GLU C 948 5.35 -25.19 -40.63
N ARG C 949 5.27 -25.49 -39.35
CA ARG C 949 4.08 -26.11 -38.82
C ARG C 949 2.94 -25.13 -38.64
N ASP C 950 3.23 -23.96 -38.08
CA ASP C 950 2.21 -23.21 -37.38
C ASP C 950 2.16 -21.75 -37.79
N GLY C 951 2.77 -21.39 -38.91
CA GLY C 951 2.78 -20.01 -39.32
C GLY C 951 3.76 -19.20 -38.50
N SER C 952 3.24 -18.28 -37.69
CA SER C 952 4.09 -17.38 -36.92
C SER C 952 4.41 -17.96 -35.56
N ILE C 953 5.17 -17.20 -34.78
CA ILE C 953 5.44 -17.54 -33.39
C ILE C 953 4.98 -16.40 -32.51
N GLY C 954 5.46 -15.20 -32.82
CA GLY C 954 5.31 -14.06 -31.93
C GLY C 954 3.88 -13.61 -31.75
N ALA C 955 2.98 -14.06 -32.61
CA ALA C 955 1.58 -13.97 -32.30
C ALA C 955 1.24 -14.74 -31.03
N TRP C 956 1.68 -15.99 -30.94
CA TRP C 956 1.11 -16.92 -29.98
C TRP C 956 1.84 -16.86 -28.65
N ALA C 957 2.00 -15.66 -28.13
CA ALA C 957 2.92 -15.41 -27.04
C ALA C 957 2.16 -15.20 -25.74
N SER C 958 2.93 -15.15 -24.66
CA SER C 958 2.36 -14.79 -23.38
C SER C 958 2.44 -13.29 -23.10
N GLU C 959 2.77 -12.49 -24.11
CA GLU C 959 2.86 -11.04 -23.93
C GLU C 959 1.51 -10.47 -23.59
N GLY C 960 0.46 -11.05 -24.16
CA GLY C 960 -0.86 -10.46 -24.09
C GLY C 960 -1.48 -10.46 -22.72
N ASN C 961 -1.04 -11.33 -21.83
CA ASN C 961 -1.67 -11.41 -20.52
C ASN C 961 -0.80 -10.82 -19.42
N GLN C 962 0.53 -10.97 -19.53
CA GLN C 962 1.46 -10.58 -18.47
C GLN C 962 1.42 -9.09 -18.21
N SER C 963 1.04 -8.32 -19.23
CA SER C 963 0.79 -6.91 -19.03
C SER C 963 -0.55 -6.65 -18.36
N GLY C 964 -1.31 -7.68 -18.02
CA GLY C 964 -2.56 -7.46 -17.31
C GLY C 964 -2.41 -7.18 -15.84
N ASN C 965 -1.18 -7.15 -15.33
CA ASN C 965 -0.93 -6.89 -13.91
C ASN C 965 -1.44 -5.52 -13.50
N LYS C 966 -1.24 -4.53 -14.36
CA LYS C 966 -1.68 -3.18 -14.03
C LYS C 966 -3.20 -3.09 -14.03
N LEU C 967 -3.86 -3.84 -14.90
CA LEU C 967 -5.31 -3.82 -14.94
C LEU C 967 -5.88 -4.51 -13.72
N PHE C 968 -5.26 -5.63 -13.33
CA PHE C 968 -5.74 -6.34 -12.15
C PHE C 968 -5.53 -5.51 -10.89
N ARG C 969 -4.37 -4.87 -10.79
CA ARG C 969 -4.08 -4.08 -9.59
C ARG C 969 -4.98 -2.85 -9.50
N ARG C 970 -5.15 -2.14 -10.62
CA ARG C 970 -5.95 -0.92 -10.60
C ARG C 970 -7.41 -1.24 -10.36
N PHE C 971 -7.90 -2.35 -10.91
CA PHE C 971 -9.27 -2.74 -10.67
C PHE C 971 -9.48 -3.18 -9.24
N ARG C 972 -8.47 -3.79 -8.64
CA ARG C 972 -8.59 -4.12 -7.23
C ARG C 972 -8.59 -2.87 -6.38
N LYS C 973 -7.86 -1.85 -6.81
CA LYS C 973 -7.76 -0.67 -5.98
C LYS C 973 -9.01 0.21 -6.06
N MET C 974 -9.43 0.57 -7.25
CA MET C 974 -10.43 1.63 -7.41
C MET C 974 -11.85 1.14 -7.53
N ASN C 975 -12.08 -0.08 -8.02
CA ASN C 975 -13.45 -0.56 -8.15
C ASN C 975 -13.56 -1.84 -7.33
N ALA C 976 -13.95 -1.71 -6.08
CA ALA C 976 -13.96 -2.87 -5.21
C ALA C 976 -15.12 -2.74 -4.24
N ARG C 977 -15.39 -3.83 -3.52
CA ARG C 977 -16.32 -3.80 -2.40
C ARG C 977 -15.76 -4.42 -1.14
N GLN C 978 -14.61 -5.09 -1.22
CA GLN C 978 -13.84 -5.59 -0.08
C GLN C 978 -14.65 -6.57 0.77
N SER C 979 -15.12 -7.63 0.14
CA SER C 979 -15.80 -8.68 0.87
C SER C 979 -15.25 -10.07 0.55
N LYS C 980 -14.16 -10.16 -0.22
CA LYS C 980 -13.38 -11.37 -0.50
C LYS C 980 -14.12 -12.41 -1.31
N CYS C 981 -15.39 -12.18 -1.63
CA CYS C 981 -16.13 -13.03 -2.55
C CYS C 981 -16.66 -12.23 -3.73
N TYR C 982 -17.28 -11.08 -3.49
CA TYR C 982 -17.54 -10.16 -4.58
C TYR C 982 -16.27 -9.49 -5.06
N GLU C 983 -15.28 -9.36 -4.18
CA GLU C 983 -14.10 -8.54 -4.40
C GLU C 983 -13.26 -9.02 -5.57
N MET C 984 -13.44 -10.25 -6.04
CA MET C 984 -12.96 -10.63 -7.34
C MET C 984 -14.04 -10.67 -8.39
N GLU C 985 -15.30 -10.76 -7.99
CA GLU C 985 -16.39 -10.85 -8.95
C GLU C 985 -16.50 -9.59 -9.79
N ASP C 986 -16.46 -8.44 -9.11
CA ASP C 986 -16.56 -7.18 -9.85
C ASP C 986 -15.29 -6.92 -10.64
N VAL C 987 -14.16 -7.45 -10.17
CA VAL C 987 -12.91 -7.34 -10.91
C VAL C 987 -13.03 -8.07 -12.23
N LEU C 988 -13.57 -9.29 -12.18
CA LEU C 988 -13.75 -10.06 -13.41
C LEU C 988 -14.75 -9.38 -14.32
N LYS C 989 -15.81 -8.81 -13.75
CA LYS C 989 -16.83 -8.15 -14.55
C LYS C 989 -16.26 -6.94 -15.27
N HIS C 990 -15.50 -6.12 -14.55
CA HIS C 990 -14.90 -4.94 -15.15
C HIS C 990 -13.82 -5.33 -16.14
N HIS C 991 -13.10 -6.42 -15.87
CA HIS C 991 -12.03 -6.81 -16.76
C HIS C 991 -12.60 -7.34 -18.07
N TRP C 992 -13.71 -8.05 -18.00
CA TRP C 992 -14.38 -8.47 -19.22
C TRP C 992 -14.94 -7.26 -19.94
N LEU C 993 -15.54 -6.33 -19.18
CA LEU C 993 -16.21 -5.18 -19.77
C LEU C 993 -15.22 -4.25 -20.44
N TYR C 994 -13.98 -4.26 -19.95
CA TYR C 994 -12.88 -3.66 -20.67
C TYR C 994 -12.75 -4.28 -22.04
N THR C 995 -12.41 -5.55 -22.08
CA THR C 995 -11.81 -6.10 -23.27
C THR C 995 -12.79 -6.54 -24.31
N SER C 996 -14.06 -6.18 -24.18
CA SER C 996 -14.96 -6.46 -25.28
C SER C 996 -14.68 -5.49 -26.42
N LYS C 997 -14.81 -5.98 -27.63
CA LYS C 997 -14.43 -5.17 -28.78
C LYS C 997 -15.50 -4.17 -29.17
N TYR C 998 -16.75 -4.48 -28.86
CA TYR C 998 -17.88 -3.61 -29.19
C TYR C 998 -17.79 -2.27 -28.49
N LEU C 999 -17.08 -2.20 -27.40
CA LEU C 999 -16.88 -0.93 -26.74
C LEU C 999 -15.65 -0.20 -27.24
N GLN C 1000 -14.56 -0.91 -27.49
CA GLN C 1000 -13.35 -0.28 -27.97
C GLN C 1000 -13.49 0.28 -29.37
N LYS C 1001 -14.43 -0.26 -30.16
CA LYS C 1001 -14.80 0.39 -31.41
C LYS C 1001 -15.32 1.81 -31.18
N PHE C 1002 -16.07 2.02 -30.10
CA PHE C 1002 -16.53 3.38 -29.78
C PHE C 1002 -15.37 4.25 -29.35
N MET C 1003 -14.42 3.68 -28.62
CA MET C 1003 -13.31 4.47 -28.13
C MET C 1003 -12.33 4.86 -29.22
N ASN C 1004 -12.26 4.08 -30.29
CA ASN C 1004 -11.40 4.43 -31.40
C ASN C 1004 -12.12 5.26 -32.46
N ALA C 1005 -13.06 6.10 -32.01
CA ALA C 1005 -13.89 6.84 -32.96
C ALA C 1005 -13.11 7.91 -33.68
N HIS C 1006 -12.03 8.42 -33.09
CA HIS C 1006 -11.33 9.55 -33.67
C HIS C 1006 -10.41 9.14 -34.81
N ASN C 1007 -10.92 8.37 -35.76
CA ASN C 1007 -10.10 7.77 -36.78
C ASN C 1007 -10.76 7.95 -38.14
N ALA C 1008 -11.13 9.18 -38.44
CA ALA C 1008 -11.59 9.55 -39.77
C ALA C 1008 -10.43 9.47 -40.76
N MET D 1 -0.30 -40.53 27.40
CA MET D 1 -0.80 -39.26 27.93
C MET D 1 0.25 -38.18 27.87
N SER D 2 1.51 -38.58 27.76
CA SER D 2 2.60 -37.62 27.73
C SER D 2 2.69 -36.94 26.38
N LEU D 3 2.23 -35.69 26.33
CA LEU D 3 2.47 -34.86 25.16
C LEU D 3 3.94 -34.49 25.08
N GLN D 4 4.41 -34.22 23.86
CA GLN D 4 5.65 -33.48 23.69
C GLN D 4 5.63 -32.77 22.34
N MET D 5 6.19 -31.57 22.30
CA MET D 5 6.40 -30.86 21.05
C MET D 5 7.59 -31.47 20.32
N VAL D 6 7.79 -31.08 19.06
CA VAL D 6 8.77 -31.76 18.22
C VAL D 6 9.32 -30.79 17.18
N THR D 7 10.64 -30.79 17.02
CA THR D 7 11.28 -29.94 16.03
C THR D 7 11.01 -30.48 14.63
N VAL D 8 11.40 -29.72 13.62
CA VAL D 8 10.95 -29.97 12.26
C VAL D 8 12.16 -30.05 11.34
N GLY D 9 12.07 -30.91 10.33
CA GLY D 9 13.11 -31.01 9.33
C GLY D 9 13.06 -29.86 8.37
N HIS D 10 14.01 -29.85 7.43
CA HIS D 10 14.11 -28.72 6.52
C HIS D 10 13.07 -28.84 5.41
N ASN D 11 12.79 -30.06 4.95
CA ASN D 11 11.76 -30.26 3.93
C ASN D 11 10.46 -30.65 4.61
N ILE D 12 9.93 -29.67 5.34
CA ILE D 12 8.69 -29.87 6.07
C ILE D 12 7.49 -29.85 5.14
N ALA D 13 7.68 -29.40 3.90
CA ALA D 13 6.58 -29.16 2.96
C ALA D 13 5.88 -30.44 2.55
N LEU D 14 6.56 -31.57 2.69
CA LEU D 14 6.01 -32.85 2.29
C LEU D 14 4.92 -33.32 3.21
N ILE D 15 4.79 -32.73 4.39
CA ILE D 15 3.71 -33.07 5.31
C ILE D 15 2.51 -32.25 4.87
N GLN D 16 1.37 -32.90 4.75
CA GLN D 16 0.09 -32.27 4.52
C GLN D 16 -0.94 -33.03 5.33
N PRO D 17 -2.13 -32.48 5.51
CA PRO D 17 -3.23 -33.29 6.01
C PRO D 17 -3.56 -34.38 5.00
N GLY D 18 -4.04 -35.50 5.52
CA GLY D 18 -4.25 -36.65 4.68
C GLY D 18 -2.94 -37.30 4.29
N PHE D 19 -2.27 -37.90 5.24
CA PHE D 19 -1.05 -38.64 4.96
C PHE D 19 -1.27 -40.06 5.43
N SER D 20 -0.20 -40.85 5.41
CA SER D 20 -0.28 -42.24 5.83
C SER D 20 1.01 -42.63 6.51
N LEU D 21 0.90 -43.25 7.67
CA LEU D 21 2.04 -43.73 8.43
C LEU D 21 1.97 -45.25 8.49
N MET D 22 2.85 -45.91 7.76
CA MET D 22 2.93 -47.35 7.90
C MET D 22 4.07 -47.73 8.84
N ASN D 23 3.97 -48.91 9.43
CA ASN D 23 4.88 -49.26 10.53
C ASN D 23 5.46 -50.64 10.28
N PHE D 24 6.57 -50.70 9.56
CA PHE D 24 7.18 -51.95 9.14
C PHE D 24 8.32 -52.26 10.09
N ASP D 25 8.16 -53.36 10.85
CA ASP D 25 9.25 -54.01 11.59
C ASP D 25 9.80 -53.11 12.68
N GLY D 26 8.89 -52.44 13.40
CA GLY D 26 9.26 -51.50 14.44
C GLY D 26 9.87 -50.23 13.88
N GLN D 27 9.64 -50.00 12.59
CA GLN D 27 10.32 -48.95 11.83
C GLN D 27 9.27 -48.18 11.06
N VAL D 28 9.09 -46.92 11.41
CA VAL D 28 7.99 -46.12 10.89
C VAL D 28 8.35 -45.61 9.50
N PHE D 29 7.33 -45.34 8.70
CA PHE D 29 7.50 -44.89 7.34
C PHE D 29 6.36 -43.98 6.94
N PHE D 30 6.65 -43.00 6.10
CA PHE D 30 5.73 -41.95 5.74
C PHE D 30 5.37 -42.04 4.27
N PHE D 31 4.12 -41.71 3.95
CA PHE D 31 3.65 -41.85 2.59
C PHE D 31 2.49 -40.88 2.37
N GLY D 32 2.42 -40.34 1.16
CA GLY D 32 1.40 -39.37 0.87
C GLY D 32 1.88 -37.94 0.98
N GLN D 33 2.91 -37.61 0.23
CA GLN D 33 3.44 -36.26 0.20
C GLN D 33 2.44 -35.31 -0.47
N LYS D 34 2.67 -34.01 -0.35
CA LYS D 34 1.85 -33.00 -1.00
C LYS D 34 2.51 -32.60 -2.31
N GLY D 35 1.75 -32.62 -3.39
CA GLY D 35 2.38 -32.43 -4.68
C GLY D 35 2.99 -33.73 -5.17
N TRP D 36 3.36 -33.78 -6.42
CA TRP D 36 3.87 -35.00 -7.02
C TRP D 36 5.26 -35.33 -6.46
N PRO D 37 5.78 -36.54 -6.62
CA PRO D 37 7.13 -36.81 -6.15
C PRO D 37 8.14 -36.03 -6.95
N LYS D 38 8.98 -35.30 -6.24
CA LYS D 38 9.99 -34.47 -6.88
C LYS D 38 11.14 -35.34 -7.33
N ARG D 39 12.11 -34.74 -7.99
CA ARG D 39 13.20 -35.49 -8.58
C ARG D 39 14.20 -35.97 -7.53
N SER D 40 14.20 -35.39 -6.34
CA SER D 40 15.10 -35.84 -5.29
C SER D 40 14.75 -37.22 -4.74
N CYS D 41 13.50 -37.65 -4.85
CA CYS D 41 13.11 -39.01 -4.43
C CYS D 41 11.86 -39.40 -5.18
N PRO D 42 11.99 -40.25 -6.20
CA PRO D 42 10.87 -40.46 -7.12
C PRO D 42 9.80 -41.38 -6.59
N THR D 43 10.02 -42.07 -5.48
CA THR D 43 9.00 -42.96 -4.97
C THR D 43 7.88 -42.19 -4.29
N GLY D 44 8.22 -41.45 -3.24
CA GLY D 44 7.21 -40.72 -2.53
C GLY D 44 7.09 -41.24 -1.12
N VAL D 45 7.68 -42.37 -0.86
CA VAL D 45 7.65 -42.93 0.48
C VAL D 45 8.94 -42.57 1.20
N PHE D 46 8.84 -42.21 2.47
CA PHE D 46 10.01 -41.65 3.14
C PHE D 46 10.17 -42.28 4.51
N HIS D 47 11.44 -42.40 4.93
CA HIS D 47 11.78 -42.78 6.29
C HIS D 47 11.30 -41.71 7.25
N PHE D 48 10.41 -42.08 8.16
CA PHE D 48 9.89 -41.14 9.14
C PHE D 48 10.65 -41.25 10.45
N ASP D 49 11.96 -41.23 10.38
CA ASP D 49 12.77 -41.57 11.53
C ASP D 49 12.93 -40.35 12.43
N ILE D 50 12.65 -40.53 13.72
CA ILE D 50 12.53 -39.45 14.68
C ILE D 50 13.47 -39.72 15.84
N LYS D 51 14.26 -38.72 16.23
CA LYS D 51 15.22 -38.91 17.32
C LYS D 51 15.36 -37.63 18.12
N GLN D 52 15.04 -37.71 19.42
CA GLN D 52 15.10 -36.61 20.38
C GLN D 52 14.29 -35.42 19.88
N ASN D 53 13.07 -35.71 19.44
CA ASN D 53 12.13 -34.77 18.84
C ASN D 53 12.68 -34.06 17.62
N HIS D 54 13.64 -34.65 16.93
CA HIS D 54 14.09 -34.14 15.66
C HIS D 54 14.01 -35.26 14.64
N LEU D 55 13.33 -34.99 13.53
CA LEU D 55 13.09 -35.98 12.50
C LEU D 55 13.94 -35.66 11.30
N LYS D 56 14.37 -36.70 10.60
CA LYS D 56 15.33 -36.59 9.51
C LYS D 56 14.78 -37.42 8.37
N LEU D 57 13.95 -36.80 7.53
CA LEU D 57 13.17 -37.55 6.54
C LEU D 57 14.09 -38.04 5.43
N LYS D 58 14.69 -39.17 5.68
CA LYS D 58 15.47 -39.81 4.67
C LYS D 58 14.55 -40.45 3.62
N PRO D 59 15.00 -40.55 2.40
CA PRO D 59 14.19 -41.21 1.37
C PRO D 59 14.12 -42.72 1.52
N ALA D 60 13.54 -43.39 0.52
CA ALA D 60 13.38 -44.83 0.57
C ALA D 60 13.26 -45.36 -0.85
N ILE D 61 14.18 -46.22 -1.26
CA ILE D 61 14.05 -46.77 -2.60
C ILE D 61 13.30 -48.09 -2.55
N PHE D 62 12.84 -48.53 -3.72
CA PHE D 62 11.97 -49.67 -3.86
C PHE D 62 12.77 -50.93 -4.17
N SER D 63 12.04 -51.92 -4.65
CA SER D 63 12.64 -53.10 -5.25
C SER D 63 12.98 -52.84 -6.69
N LYS D 64 13.44 -53.88 -7.35
CA LYS D 64 13.65 -53.82 -8.77
C LYS D 64 12.37 -54.04 -9.56
N ASP D 65 11.34 -54.61 -8.94
CA ASP D 65 10.17 -55.03 -9.71
C ASP D 65 8.86 -54.46 -9.21
N SER D 66 8.87 -53.43 -8.37
CA SER D 66 7.64 -52.90 -7.83
C SER D 66 6.96 -52.02 -8.88
N CYS D 67 5.80 -51.46 -8.53
CA CYS D 67 5.05 -50.57 -9.40
C CYS D 67 5.02 -49.22 -8.70
N TYR D 68 5.56 -48.20 -9.36
CA TYR D 68 5.72 -46.91 -8.71
C TYR D 68 4.40 -46.22 -8.56
N LEU D 69 4.08 -45.89 -7.33
CA LEU D 69 2.72 -45.51 -7.06
C LEU D 69 2.64 -44.03 -6.71
N PRO D 70 1.61 -43.35 -7.20
CA PRO D 70 1.45 -41.94 -6.92
C PRO D 70 1.07 -41.73 -5.47
N PRO D 71 1.23 -40.55 -4.96
CA PRO D 71 0.84 -40.30 -3.56
C PRO D 71 -0.66 -40.26 -3.43
N LEU D 72 -1.23 -41.32 -2.89
CA LEU D 72 -2.64 -41.32 -2.57
C LEU D 72 -2.85 -40.51 -1.29
N ARG D 73 -3.92 -39.73 -1.24
CA ARG D 73 -4.00 -38.78 -0.15
C ARG D 73 -5.02 -39.10 0.92
N TYR D 74 -6.03 -39.88 0.67
CA TYR D 74 -6.81 -40.37 1.80
C TYR D 74 -7.12 -41.84 1.61
N PRO D 75 -6.14 -42.70 1.72
CA PRO D 75 -6.36 -44.10 1.37
C PRO D 75 -7.01 -44.85 2.52
N ALA D 76 -7.35 -46.08 2.22
CA ALA D 76 -7.64 -47.05 3.25
C ALA D 76 -6.40 -47.90 3.45
N THR D 77 -6.00 -48.09 4.70
CA THR D 77 -4.82 -48.88 5.01
C THR D 77 -5.12 -49.83 6.16
N CYS D 78 -4.46 -50.98 6.15
CA CYS D 78 -4.68 -52.01 7.14
C CYS D 78 -3.48 -52.93 7.18
N SER D 79 -3.49 -53.84 8.14
CA SER D 79 -2.34 -54.69 8.45
C SER D 79 -2.66 -56.14 8.15
N TYR D 80 -2.36 -56.56 6.94
CA TYR D 80 -2.47 -57.97 6.59
C TYR D 80 -1.27 -58.67 7.22
N LYS D 81 -1.45 -59.22 8.41
CA LYS D 81 -0.35 -59.85 9.13
C LYS D 81 -0.24 -61.34 8.80
N GLY D 82 -0.22 -61.67 7.53
CA GLY D 82 -0.10 -63.06 7.12
C GLY D 82 0.77 -63.17 5.88
N LYS D 88 6.23 -62.50 6.93
CA LYS D 88 5.71 -61.99 5.67
C LYS D 88 4.66 -60.92 5.91
N HIS D 89 5.03 -59.91 6.70
CA HIS D 89 4.17 -58.77 6.95
C HIS D 89 3.99 -57.96 5.68
N GLN D 90 2.77 -57.46 5.45
CA GLN D 90 2.54 -56.56 4.32
C GLN D 90 1.38 -55.64 4.64
N TYR D 91 1.34 -54.49 3.97
CA TYR D 91 0.21 -53.57 4.05
C TYR D 91 -0.59 -53.49 2.76
N ILE D 92 -1.80 -52.95 2.91
CA ILE D 92 -2.79 -52.84 1.85
C ILE D 92 -3.17 -51.37 1.70
N ILE D 93 -3.23 -50.90 0.46
CA ILE D 93 -3.66 -49.56 0.13
C ILE D 93 -4.74 -49.64 -0.92
N HIS D 94 -5.88 -49.01 -0.67
CA HIS D 94 -6.95 -48.98 -1.65
C HIS D 94 -7.69 -47.65 -1.60
N GLY D 95 -7.93 -47.07 -2.77
CA GLY D 95 -8.72 -45.87 -2.86
C GLY D 95 -7.87 -44.63 -2.96
N GLY D 96 -7.93 -43.79 -1.94
CA GLY D 96 -7.11 -42.59 -1.92
C GLY D 96 -7.58 -41.56 -2.93
N LYS D 97 -6.69 -40.60 -3.19
CA LYS D 97 -7.00 -39.46 -4.04
C LYS D 97 -5.70 -38.89 -4.57
N THR D 98 -5.48 -39.00 -5.88
CA THR D 98 -4.31 -38.51 -6.58
C THR D 98 -4.21 -36.99 -6.49
N PRO D 99 -3.06 -36.38 -6.76
CA PRO D 99 -2.99 -34.92 -6.73
C PRO D 99 -3.74 -34.22 -7.85
N ASN D 100 -4.12 -34.90 -8.92
CA ASN D 100 -4.92 -34.27 -9.96
C ASN D 100 -6.40 -34.39 -9.69
N ASN D 101 -6.77 -34.85 -8.49
CA ASN D 101 -8.13 -35.14 -8.06
C ASN D 101 -8.88 -36.07 -9.02
N GLU D 102 -8.18 -37.01 -9.63
CA GLU D 102 -8.79 -38.24 -10.04
C GLU D 102 -8.88 -39.16 -8.84
N LEU D 103 -9.57 -40.27 -8.99
CA LEU D 103 -9.71 -41.23 -7.90
C LEU D 103 -9.40 -42.62 -8.43
N SER D 104 -8.30 -43.21 -7.99
CA SER D 104 -8.09 -44.59 -8.38
C SER D 104 -8.84 -45.52 -7.46
N ASP D 105 -9.06 -46.73 -7.95
CA ASP D 105 -9.66 -47.79 -7.13
C ASP D 105 -8.77 -48.99 -6.99
N LYS D 106 -7.57 -48.98 -7.54
CA LYS D 106 -6.72 -50.15 -7.53
C LYS D 106 -6.12 -50.36 -6.15
N ILE D 107 -5.55 -51.54 -5.92
CA ILE D 107 -5.00 -51.88 -4.61
C ILE D 107 -3.49 -51.99 -4.73
N TYR D 108 -2.77 -51.53 -3.73
CA TYR D 108 -1.32 -51.58 -3.73
C TYR D 108 -0.86 -52.28 -2.45
N ILE D 109 0.03 -53.25 -2.59
CA ILE D 109 0.48 -54.05 -1.45
C ILE D 109 1.94 -53.72 -1.17
N MET D 110 2.19 -53.26 0.05
CA MET D 110 3.52 -52.83 0.49
C MET D 110 4.21 -53.98 1.22
N SER D 111 5.39 -54.37 0.76
CA SER D 111 6.18 -55.43 1.40
C SER D 111 7.65 -55.04 1.34
N VAL D 112 8.51 -55.88 1.92
CA VAL D 112 9.94 -55.60 2.04
C VAL D 112 10.67 -56.55 1.11
N ALA D 113 11.84 -56.14 0.63
CA ALA D 113 12.72 -57.06 -0.07
C ALA D 113 14.00 -57.35 0.70
N CYS D 114 14.71 -56.33 1.16
CA CYS D 114 15.98 -56.55 1.85
C CYS D 114 16.30 -55.36 2.73
N LYS D 115 16.71 -55.63 3.96
CA LYS D 115 17.14 -54.60 4.90
C LYS D 115 18.59 -54.85 5.30
N ASN D 116 19.48 -53.97 4.88
CA ASN D 116 20.89 -54.12 5.20
C ASN D 116 21.38 -52.85 5.85
N ASN D 117 21.54 -52.91 7.17
CA ASN D 117 22.02 -51.80 8.00
C ASN D 117 21.18 -50.54 7.80
N LYS D 118 19.88 -50.66 8.08
CA LYS D 118 18.91 -49.57 8.16
C LYS D 118 18.69 -48.87 6.82
N LYS D 119 19.16 -49.44 5.73
CA LYS D 119 18.83 -48.99 4.38
C LYS D 119 17.89 -50.03 3.82
N VAL D 120 16.66 -49.66 3.57
CA VAL D 120 15.64 -50.65 3.30
C VAL D 120 15.21 -50.57 1.84
N THR D 121 14.63 -51.67 1.36
CA THR D 121 14.09 -51.73 0.01
C THR D 121 12.66 -52.21 0.12
N PHE D 122 11.72 -51.38 -0.33
CA PHE D 122 10.33 -51.75 -0.23
C PHE D 122 9.94 -52.57 -1.46
N ARG D 123 8.73 -53.14 -1.42
CA ARG D 123 8.23 -53.91 -2.54
C ARG D 123 6.71 -53.83 -2.54
N CYS D 124 6.15 -53.15 -3.52
CA CYS D 124 4.71 -52.93 -3.60
C CYS D 124 4.19 -53.44 -4.95
N THR D 125 2.99 -54.01 -4.92
CA THR D 125 2.43 -54.69 -6.09
C THR D 125 1.06 -54.12 -6.38
N GLU D 126 0.78 -53.88 -7.66
CA GLU D 126 -0.52 -53.44 -8.10
C GLU D 126 -1.46 -54.64 -8.20
N LYS D 127 -2.61 -54.53 -7.57
CA LYS D 127 -3.60 -55.58 -7.47
C LYS D 127 -4.90 -55.08 -8.07
N ASP D 128 -5.39 -55.79 -9.07
CA ASP D 128 -6.66 -55.53 -9.74
C ASP D 128 -7.72 -56.47 -9.22
N LEU D 129 -8.96 -56.04 -9.33
CA LEU D 129 -10.06 -56.79 -8.75
C LEU D 129 -10.94 -57.41 -9.84
N VAL D 130 -11.67 -58.45 -9.46
CA VAL D 130 -12.61 -59.09 -10.36
C VAL D 130 -13.94 -59.29 -9.64
N GLY D 131 -15.03 -59.11 -10.39
CA GLY D 131 -16.36 -59.18 -9.84
C GLY D 131 -16.98 -57.82 -9.66
N ASP D 132 -17.83 -57.68 -8.67
CA ASP D 132 -18.46 -56.39 -8.37
C ASP D 132 -17.46 -55.45 -7.72
N VAL D 133 -16.67 -54.79 -8.55
CA VAL D 133 -15.67 -53.84 -8.08
C VAL D 133 -16.38 -52.65 -7.45
N PRO D 134 -15.96 -52.20 -6.28
CA PRO D 134 -16.55 -51.00 -5.68
C PRO D 134 -16.20 -49.75 -6.47
N GLU D 135 -17.03 -48.73 -6.27
CA GLU D 135 -16.75 -47.45 -6.89
C GLU D 135 -15.54 -46.81 -6.24
N PRO D 136 -14.69 -46.14 -7.03
CA PRO D 136 -13.50 -45.51 -6.47
C PRO D 136 -13.86 -44.37 -5.56
N ARG D 137 -13.38 -44.44 -4.33
CA ARG D 137 -13.85 -43.56 -3.30
C ARG D 137 -12.73 -43.32 -2.31
N TYR D 138 -12.97 -42.40 -1.38
CA TYR D 138 -12.00 -42.04 -0.37
C TYR D 138 -12.69 -41.88 0.96
N GLY D 139 -11.89 -41.77 2.01
CA GLY D 139 -12.40 -41.63 3.35
C GLY D 139 -13.00 -42.88 3.94
N HIS D 140 -13.00 -43.98 3.21
CA HIS D 140 -13.68 -45.20 3.60
C HIS D 140 -12.79 -46.00 4.52
N SER D 141 -13.17 -47.23 4.84
CA SER D 141 -12.29 -48.00 5.72
C SER D 141 -12.24 -49.45 5.29
N ILE D 142 -11.02 -49.95 5.12
CA ILE D 142 -10.78 -51.36 4.89
C ILE D 142 -10.30 -51.95 6.21
N ASP D 143 -10.48 -53.26 6.33
CA ASP D 143 -9.91 -54.01 7.44
C ASP D 143 -9.83 -55.47 7.03
N VAL D 144 -8.91 -56.18 7.65
CA VAL D 144 -8.75 -57.60 7.35
C VAL D 144 -9.37 -58.35 8.51
N VAL D 145 -9.70 -59.62 8.27
CA VAL D 145 -10.35 -60.43 9.29
C VAL D 145 -10.01 -61.88 9.01
N TYR D 146 -10.05 -62.70 10.06
CA TYR D 146 -9.81 -64.13 9.91
C TYR D 146 -11.10 -64.86 10.27
N SER D 147 -11.17 -66.13 9.85
CA SER D 147 -12.11 -67.15 10.32
C SER D 147 -11.72 -68.50 9.76
N ARG D 148 -11.73 -69.52 10.62
CA ARG D 148 -11.64 -70.94 10.25
C ARG D 148 -10.38 -71.25 9.45
N GLY D 149 -9.27 -70.57 9.76
CA GLY D 149 -8.04 -70.78 9.03
C GLY D 149 -7.91 -70.01 7.74
N LYS D 150 -8.75 -69.02 7.51
CA LYS D 150 -8.68 -68.20 6.32
C LYS D 150 -8.84 -66.74 6.69
N SER D 151 -8.58 -65.87 5.73
CA SER D 151 -8.72 -64.44 5.95
C SER D 151 -9.41 -63.78 4.78
N MET D 152 -10.08 -62.67 5.08
CA MET D 152 -10.81 -61.94 4.05
C MET D 152 -10.75 -60.47 4.39
N GLY D 153 -11.12 -59.64 3.41
CA GLY D 153 -11.07 -58.21 3.62
C GLY D 153 -12.44 -57.60 3.62
N VAL D 154 -12.79 -56.99 4.73
CA VAL D 154 -14.03 -56.24 4.82
C VAL D 154 -13.75 -54.81 4.41
N LEU D 155 -14.71 -54.21 3.73
CA LEU D 155 -14.54 -52.87 3.19
C LEU D 155 -15.85 -52.13 3.31
N PHE D 156 -15.84 -51.07 4.11
CA PHE D 156 -17.04 -50.30 4.38
C PHE D 156 -16.88 -48.96 3.72
N GLY D 157 -17.95 -48.52 3.07
CA GLY D 157 -17.86 -47.49 2.05
C GLY D 157 -17.73 -46.09 2.58
N GLY D 158 -17.32 -45.22 1.66
CA GLY D 158 -17.09 -43.83 1.97
C GLY D 158 -17.44 -42.94 0.80
N ARG D 159 -17.11 -41.67 0.93
CA ARG D 159 -17.55 -40.62 0.04
C ARG D 159 -16.91 -40.73 -1.33
N SER D 160 -17.61 -40.23 -2.34
CA SER D 160 -17.09 -40.24 -3.70
C SER D 160 -17.78 -39.18 -4.54
N TYR D 161 -17.30 -39.07 -5.77
CA TYR D 161 -17.90 -38.18 -6.73
C TYR D 161 -19.23 -38.73 -7.22
N MET D 162 -19.98 -37.87 -7.89
CA MET D 162 -21.19 -38.21 -8.63
C MET D 162 -20.84 -39.20 -9.73
N PRO D 163 -21.78 -40.03 -10.17
CA PRO D 163 -21.50 -40.88 -11.33
C PRO D 163 -21.41 -40.07 -12.60
N SER D 164 -21.11 -40.75 -13.68
CA SER D 164 -20.85 -40.11 -14.97
C SER D 164 -22.08 -39.49 -15.62
N THR D 165 -23.25 -39.45 -15.00
CA THR D 165 -24.42 -38.82 -15.59
C THR D 165 -24.80 -37.53 -14.88
N GLN D 166 -24.99 -37.58 -13.57
CA GLN D 166 -25.37 -36.39 -12.82
C GLN D 166 -24.20 -35.49 -12.50
N ARG D 167 -22.99 -35.84 -12.94
CA ARG D 167 -21.83 -34.98 -12.72
C ARG D 167 -21.97 -33.84 -13.71
N THR D 168 -22.20 -32.64 -13.20
CA THR D 168 -22.35 -31.47 -14.03
C THR D 168 -21.24 -30.47 -13.77
N THR D 169 -20.88 -29.74 -14.81
CA THR D 169 -19.73 -28.86 -14.78
C THR D 169 -19.91 -27.62 -13.93
N GLU D 170 -21.06 -27.43 -13.31
CA GLU D 170 -21.21 -26.41 -12.29
C GLU D 170 -21.08 -26.96 -10.89
N LYS D 171 -21.34 -28.25 -10.73
CA LYS D 171 -21.24 -28.93 -9.45
C LYS D 171 -20.22 -30.05 -9.51
N TRP D 172 -19.09 -29.80 -10.15
CA TRP D 172 -18.20 -30.86 -10.60
C TRP D 172 -17.50 -31.56 -9.45
N ASN D 173 -17.14 -30.83 -8.42
CA ASN D 173 -16.36 -31.41 -7.33
C ASN D 173 -17.23 -31.82 -6.17
N SER D 174 -18.54 -31.90 -6.36
CA SER D 174 -19.41 -32.25 -5.26
C SER D 174 -19.27 -33.73 -4.94
N VAL D 175 -19.78 -34.11 -3.79
CA VAL D 175 -19.44 -35.40 -3.21
C VAL D 175 -20.62 -35.97 -2.42
N ALA D 176 -20.86 -37.26 -2.62
CA ALA D 176 -21.95 -37.93 -1.93
C ALA D 176 -21.46 -39.27 -1.46
N ASP D 177 -22.15 -39.83 -0.47
CA ASP D 177 -21.71 -41.06 0.16
C ASP D 177 -21.90 -42.23 -0.79
N CYS D 178 -21.07 -43.25 -0.62
CA CYS D 178 -21.38 -44.50 -1.29
C CYS D 178 -22.58 -45.14 -0.62
N LEU D 179 -23.26 -45.97 -1.35
CA LEU D 179 -24.42 -46.65 -0.80
C LEU D 179 -23.96 -47.68 0.21
N PRO D 180 -24.45 -47.62 1.43
CA PRO D 180 -23.81 -48.33 2.54
C PRO D 180 -23.94 -49.83 2.45
N HIS D 181 -23.13 -50.39 1.57
CA HIS D 181 -23.10 -51.83 1.36
C HIS D 181 -21.79 -52.34 1.97
N VAL D 182 -21.56 -53.64 1.92
CA VAL D 182 -20.33 -54.18 2.48
C VAL D 182 -19.61 -54.96 1.39
N PHE D 183 -18.31 -54.73 1.25
CA PHE D 183 -17.53 -55.43 0.25
C PHE D 183 -16.60 -56.42 0.92
N LEU D 184 -16.56 -57.63 0.39
CA LEU D 184 -15.67 -58.66 0.89
C LEU D 184 -14.71 -59.06 -0.23
N ILE D 185 -13.43 -59.14 0.11
CA ILE D 185 -12.38 -59.23 -0.88
C ILE D 185 -11.44 -60.37 -0.52
N ASP D 186 -11.17 -61.25 -1.48
CA ASP D 186 -10.13 -62.27 -1.39
C ASP D 186 -8.85 -61.74 -2.00
N PHE D 187 -7.75 -61.89 -1.27
CA PHE D 187 -6.45 -61.41 -1.73
C PHE D 187 -5.59 -62.54 -2.25
N GLU D 188 -6.04 -63.79 -2.10
CA GLU D 188 -5.39 -64.88 -2.80
C GLU D 188 -5.58 -64.75 -4.30
N PHE D 189 -6.71 -64.18 -4.70
CA PHE D 189 -6.99 -63.93 -6.11
C PHE D 189 -7.59 -62.56 -6.37
N GLY D 190 -7.92 -61.80 -5.33
CA GLY D 190 -8.55 -60.52 -5.54
C GLY D 190 -9.99 -60.65 -5.98
N CYS D 191 -10.72 -61.58 -5.36
CA CYS D 191 -12.13 -61.77 -5.67
C CYS D 191 -12.95 -60.73 -4.92
N ALA D 192 -14.01 -60.27 -5.54
CA ALA D 192 -14.88 -59.27 -4.94
C ALA D 192 -16.29 -59.81 -4.79
N THR D 193 -16.95 -59.41 -3.71
CA THR D 193 -18.38 -59.67 -3.57
C THR D 193 -19.02 -58.58 -2.71
N SER D 194 -20.09 -57.99 -3.23
CA SER D 194 -20.84 -57.03 -2.45
C SER D 194 -21.99 -57.72 -1.75
N TYR D 195 -22.44 -57.11 -0.67
CA TYR D 195 -23.61 -57.61 0.04
C TYR D 195 -24.41 -56.43 0.55
N ILE D 196 -25.73 -56.55 0.42
CA ILE D 196 -26.64 -55.49 0.83
C ILE D 196 -27.08 -55.86 2.24
N LEU D 197 -26.46 -55.24 3.20
CA LEU D 197 -26.87 -55.48 4.56
C LEU D 197 -28.09 -54.63 4.87
N PRO D 198 -29.14 -55.20 5.46
CA PRO D 198 -30.38 -54.43 5.67
C PRO D 198 -30.51 -53.73 7.01
N GLU D 199 -29.46 -53.66 7.82
CA GLU D 199 -29.60 -52.98 9.10
C GLU D 199 -28.95 -51.59 9.08
N LEU D 200 -27.73 -51.49 8.58
CA LEU D 200 -27.14 -50.17 8.35
C LEU D 200 -27.72 -49.55 7.10
N GLN D 201 -28.25 -48.34 7.25
CA GLN D 201 -29.03 -47.71 6.21
C GLN D 201 -28.36 -46.45 5.66
N ASP D 202 -27.99 -45.54 6.53
CA ASP D 202 -27.49 -44.24 6.15
C ASP D 202 -26.00 -44.29 5.86
N GLY D 203 -25.54 -43.34 5.05
CA GLY D 203 -24.13 -43.28 4.72
C GLY D 203 -23.29 -42.83 5.91
N LEU D 204 -22.00 -43.10 5.83
CA LEU D 204 -21.10 -42.82 6.92
C LEU D 204 -19.68 -42.75 6.39
N SER D 205 -18.91 -41.80 6.90
CA SER D 205 -17.53 -41.65 6.46
C SER D 205 -16.72 -41.06 7.60
N PHE D 206 -15.40 -41.30 7.54
CA PHE D 206 -14.44 -40.99 8.60
C PHE D 206 -14.85 -41.64 9.91
N HIS D 207 -15.16 -42.91 9.85
CA HIS D 207 -15.47 -43.74 10.99
C HIS D 207 -14.20 -44.45 11.44
N VAL D 208 -14.29 -45.17 12.54
CA VAL D 208 -13.14 -45.86 13.11
C VAL D 208 -13.45 -47.35 13.17
N SER D 209 -12.51 -48.16 12.67
CA SER D 209 -12.70 -49.59 12.51
C SER D 209 -11.64 -50.35 13.29
N ILE D 210 -12.09 -51.31 14.08
CA ILE D 210 -11.21 -52.23 14.79
C ILE D 210 -11.52 -53.64 14.31
N ALA D 211 -10.50 -54.48 14.18
CA ALA D 211 -10.70 -55.87 13.81
C ALA D 211 -10.03 -56.78 14.83
N ARG D 212 -10.81 -57.66 15.44
CA ARG D 212 -10.27 -58.67 16.35
C ARG D 212 -10.61 -60.03 15.76
N ASN D 213 -9.85 -60.43 14.75
CA ASN D 213 -9.61 -61.80 14.26
C ASN D 213 -10.83 -62.58 13.78
N ASP D 214 -12.04 -62.14 14.09
CA ASP D 214 -13.25 -62.72 13.53
C ASP D 214 -14.38 -61.71 13.34
N THR D 215 -14.21 -60.47 13.81
CA THR D 215 -15.33 -59.56 14.01
C THR D 215 -14.79 -58.15 13.79
N VAL D 216 -15.63 -57.25 13.31
CA VAL D 216 -15.19 -55.90 12.94
C VAL D 216 -16.12 -54.89 13.60
N TYR D 217 -15.54 -53.91 14.27
CA TYR D 217 -16.32 -52.98 15.07
C TYR D 217 -16.13 -51.58 14.49
N ILE D 218 -17.25 -50.91 14.23
CA ILE D 218 -17.27 -49.62 13.56
C ILE D 218 -17.97 -48.61 14.46
N LEU D 219 -17.30 -47.50 14.73
CA LEU D 219 -18.00 -46.46 15.47
C LEU D 219 -17.66 -45.10 14.88
N GLY D 220 -18.34 -44.08 15.39
CA GLY D 220 -18.09 -42.72 14.96
C GLY D 220 -18.68 -42.47 13.58
N GLY D 221 -17.94 -41.78 12.73
CA GLY D 221 -18.37 -41.57 11.37
C GLY D 221 -19.21 -40.35 11.20
N HIS D 222 -19.30 -39.90 9.95
CA HIS D 222 -19.90 -38.63 9.63
C HIS D 222 -20.88 -38.86 8.49
N SER D 223 -22.17 -38.84 8.80
CA SER D 223 -23.18 -38.86 7.76
C SER D 223 -23.21 -37.52 7.05
N LEU D 224 -23.54 -37.58 5.77
CA LEU D 224 -23.61 -36.39 4.92
C LEU D 224 -25.03 -35.98 4.62
N ALA D 225 -25.92 -36.95 4.41
CA ALA D 225 -27.29 -36.72 3.92
C ALA D 225 -28.06 -35.82 4.86
N SER D 226 -28.03 -36.12 6.15
CA SER D 226 -28.54 -35.19 7.14
C SER D 226 -27.47 -34.32 7.74
N ASN D 227 -26.20 -34.58 7.41
CA ASN D 227 -25.03 -33.87 7.91
C ASN D 227 -24.98 -33.88 9.43
N ILE D 228 -24.93 -35.08 9.99
CA ILE D 228 -24.76 -35.27 11.41
C ILE D 228 -23.77 -36.39 11.66
N ARG D 229 -23.42 -36.56 12.93
CA ARG D 229 -22.49 -37.60 13.36
C ARG D 229 -23.23 -38.48 14.36
N PRO D 230 -23.47 -39.73 14.02
CA PRO D 230 -24.33 -40.56 14.87
C PRO D 230 -23.56 -41.06 16.09
N ALA D 231 -24.32 -41.33 17.16
CA ALA D 231 -23.75 -41.65 18.46
C ALA D 231 -23.70 -43.14 18.73
N ASN D 232 -23.46 -43.96 17.73
CA ASN D 232 -23.70 -45.38 17.88
C ASN D 232 -22.48 -46.18 17.47
N LEU D 233 -22.64 -47.50 17.44
CA LEU D 233 -21.59 -48.38 16.93
C LEU D 233 -22.23 -49.68 16.47
N TYR D 234 -21.53 -50.33 15.56
CA TYR D 234 -22.06 -51.54 14.93
C TYR D 234 -21.00 -52.62 14.93
N ARG D 235 -21.43 -53.82 15.29
CA ARG D 235 -20.59 -54.99 15.26
C ARG D 235 -20.95 -55.81 14.04
N ILE D 236 -19.94 -56.21 13.27
CA ILE D 236 -20.12 -56.99 12.06
C ILE D 236 -19.46 -58.33 12.27
N ARG D 237 -20.24 -59.38 12.20
CA ARG D 237 -19.74 -60.74 12.21
C ARG D 237 -19.73 -61.24 10.78
N VAL D 238 -18.57 -61.46 10.26
CA VAL D 238 -18.42 -62.20 9.02
C VAL D 238 -18.19 -63.64 9.43
N ASP D 239 -18.43 -64.57 8.52
CA ASP D 239 -18.04 -65.94 8.78
C ASP D 239 -17.61 -66.61 7.49
N LEU D 240 -16.60 -67.47 7.62
CA LEU D 240 -15.97 -68.17 6.50
C LEU D 240 -16.13 -69.67 6.65
N PRO D 241 -17.29 -70.22 6.31
CA PRO D 241 -17.36 -71.67 6.14
C PRO D 241 -16.69 -72.07 4.83
N LEU D 242 -16.55 -73.37 4.62
CA LEU D 242 -16.10 -73.85 3.32
C LEU D 242 -17.15 -73.64 2.24
N GLY D 243 -18.41 -73.44 2.61
CA GLY D 243 -19.42 -72.98 1.68
C GLY D 243 -19.33 -71.50 1.46
N THR D 244 -20.49 -70.85 1.38
CA THR D 244 -20.50 -69.42 1.12
C THR D 244 -20.15 -68.66 2.39
N PRO D 245 -19.43 -67.55 2.29
CA PRO D 245 -19.23 -66.70 3.45
C PRO D 245 -20.50 -65.92 3.76
N ALA D 246 -20.69 -65.63 5.02
CA ALA D 246 -21.91 -64.98 5.45
C ALA D 246 -21.60 -63.68 6.15
N VAL D 247 -22.52 -62.74 5.99
CA VAL D 247 -22.44 -61.41 6.55
C VAL D 247 -23.51 -61.29 7.63
N ASN D 248 -23.20 -60.61 8.72
CA ASN D 248 -24.21 -60.34 9.72
C ASN D 248 -23.82 -59.10 10.51
N CYS D 249 -24.82 -58.36 10.99
CA CYS D 249 -24.58 -57.14 11.74
C CYS D 249 -25.52 -57.01 12.91
N THR D 250 -25.09 -56.20 13.88
CA THR D 250 -25.90 -55.87 15.04
C THR D 250 -25.50 -54.51 15.58
N VAL D 251 -26.48 -53.62 15.78
CA VAL D 251 -26.17 -52.38 16.48
C VAL D 251 -25.94 -52.66 17.95
N LEU D 252 -25.06 -51.88 18.55
CA LEU D 252 -24.81 -52.09 19.97
C LEU D 252 -24.83 -50.74 20.68
N PRO D 253 -25.49 -50.63 21.82
CA PRO D 253 -25.65 -49.33 22.47
C PRO D 253 -24.41 -48.96 23.26
N GLY D 254 -24.35 -47.69 23.63
CA GLY D 254 -23.21 -47.14 24.34
C GLY D 254 -22.14 -46.64 23.40
N GLY D 255 -22.52 -45.82 22.41
CA GLY D 255 -21.60 -45.27 21.45
C GLY D 255 -21.37 -43.79 21.68
N ILE D 256 -20.59 -43.21 20.78
CA ILE D 256 -20.27 -41.78 20.84
C ILE D 256 -20.42 -41.20 19.44
N SER D 257 -20.48 -39.87 19.39
CA SER D 257 -20.41 -39.15 18.12
C SER D 257 -19.01 -38.57 17.99
N VAL D 258 -18.23 -39.12 17.06
CA VAL D 258 -16.91 -38.61 16.77
C VAL D 258 -16.75 -38.63 15.27
N SER D 259 -15.91 -37.76 14.76
CA SER D 259 -15.70 -37.64 13.34
C SER D 259 -14.23 -37.48 13.06
N SER D 260 -13.71 -38.39 12.24
CA SER D 260 -12.30 -38.42 11.81
C SER D 260 -11.34 -38.41 12.99
N ALA D 261 -11.33 -39.48 13.77
CA ALA D 261 -10.43 -39.58 14.89
C ALA D 261 -9.25 -40.48 14.54
N ILE D 262 -8.44 -40.80 15.56
CA ILE D 262 -7.22 -41.58 15.39
C ILE D 262 -7.22 -42.69 16.43
N LEU D 263 -7.04 -43.92 15.98
CA LEU D 263 -6.98 -45.09 16.84
C LEU D 263 -5.52 -45.48 17.09
N THR D 264 -5.31 -46.26 18.14
CA THR D 264 -4.02 -46.91 18.36
C THR D 264 -4.19 -48.12 19.27
N GLN D 265 -3.31 -49.10 19.06
CA GLN D 265 -3.27 -50.30 19.88
C GLN D 265 -2.40 -49.99 21.08
N THR D 266 -3.01 -49.50 22.16
CA THR D 266 -2.19 -49.15 23.30
C THR D 266 -1.76 -50.39 24.06
N ASN D 267 -2.47 -51.50 23.91
CA ASN D 267 -2.09 -52.73 24.56
C ASN D 267 -2.77 -53.88 23.83
N ASN D 268 -2.38 -55.09 24.21
CA ASN D 268 -3.01 -56.28 23.66
C ASN D 268 -4.49 -56.29 24.00
N ASP D 269 -5.30 -56.43 22.93
CA ASP D 269 -6.74 -56.19 22.84
C ASP D 269 -7.20 -54.98 23.64
N GLU D 270 -6.50 -53.87 23.49
CA GLU D 270 -6.83 -52.66 24.23
C GLU D 270 -6.44 -51.45 23.41
N PHE D 271 -7.40 -50.56 23.15
CA PHE D 271 -7.20 -49.48 22.19
C PHE D 271 -7.61 -48.15 22.79
N VAL D 272 -7.12 -47.06 22.19
CA VAL D 272 -7.42 -45.70 22.61
C VAL D 272 -7.81 -44.87 21.39
N ILE D 273 -8.89 -44.11 21.53
CA ILE D 273 -9.34 -43.17 20.52
C ILE D 273 -9.02 -41.78 21.04
N VAL D 274 -8.16 -41.06 20.33
CA VAL D 274 -7.83 -39.70 20.71
C VAL D 274 -8.91 -38.81 20.11
N GLY D 275 -8.95 -37.55 20.50
CA GLY D 275 -10.03 -36.67 20.10
C GLY D 275 -10.02 -36.34 18.62
N GLY D 276 -11.19 -35.91 18.16
CA GLY D 276 -11.44 -35.55 16.78
C GLY D 276 -12.27 -34.29 16.76
N TYR D 277 -13.43 -34.33 16.13
CA TYR D 277 -14.35 -33.20 16.14
C TYR D 277 -15.68 -33.64 16.73
N GLN D 278 -16.21 -32.84 17.66
CA GLN D 278 -17.54 -33.09 18.19
C GLN D 278 -18.62 -32.52 17.28
N LEU D 279 -18.65 -31.21 17.15
CA LEU D 279 -19.59 -30.54 16.28
C LEU D 279 -18.83 -30.03 15.07
N GLU D 280 -19.52 -29.29 14.21
CA GLU D 280 -18.89 -28.78 13.00
C GLU D 280 -17.84 -27.71 13.28
N ASN D 281 -17.84 -27.13 14.46
CA ASN D 281 -16.74 -26.33 14.93
C ASN D 281 -16.09 -26.87 16.18
N GLN D 282 -16.76 -27.72 16.93
CA GLN D 282 -16.17 -28.27 18.14
C GLN D 282 -15.23 -29.39 17.77
N LYS D 283 -13.94 -29.13 17.85
CA LYS D 283 -12.97 -30.20 17.90
C LYS D 283 -13.13 -30.97 19.20
N ARG D 284 -13.11 -32.29 19.13
CA ARG D 284 -13.25 -33.10 20.33
C ARG D 284 -11.95 -33.12 21.09
N MET D 285 -11.99 -32.72 22.35
CA MET D 285 -10.77 -32.68 23.15
C MET D 285 -10.59 -33.95 23.95
N VAL D 286 -11.65 -34.35 24.67
CA VAL D 286 -11.53 -35.47 25.59
C VAL D 286 -11.46 -36.77 24.81
N CYS D 287 -10.43 -37.55 25.11
CA CYS D 287 -10.18 -38.81 24.43
C CYS D 287 -10.78 -39.95 25.23
N SER D 288 -10.84 -41.11 24.59
CA SER D 288 -11.53 -42.28 25.12
C SER D 288 -10.63 -43.51 24.95
N LEU D 289 -10.99 -44.57 25.64
CA LEU D 289 -10.31 -45.85 25.50
C LEU D 289 -11.35 -46.96 25.44
N VAL D 290 -11.02 -48.01 24.71
CA VAL D 290 -11.92 -49.12 24.49
C VAL D 290 -11.22 -50.43 24.86
N SER D 291 -11.86 -51.18 25.74
CA SER D 291 -11.51 -52.57 26.00
C SER D 291 -12.31 -53.43 25.05
N LEU D 292 -11.61 -54.18 24.21
CA LEU D 292 -12.26 -55.01 23.21
C LEU D 292 -12.13 -56.46 23.68
N GLY D 293 -13.17 -56.95 24.32
CA GLY D 293 -13.17 -58.27 24.90
C GLY D 293 -13.45 -59.37 23.90
N ASP D 294 -13.77 -60.56 24.41
CA ASP D 294 -13.94 -61.72 23.55
C ASP D 294 -15.19 -61.59 22.69
N ASN D 295 -16.30 -61.25 23.30
CA ASN D 295 -17.50 -60.95 22.55
C ASN D 295 -18.20 -59.70 23.06
N THR D 296 -17.66 -59.10 24.12
CA THR D 296 -18.11 -57.79 24.57
C THR D 296 -17.27 -56.70 23.91
N ILE D 297 -17.67 -55.46 24.17
CA ILE D 297 -16.94 -54.27 23.72
C ILE D 297 -17.30 -53.11 24.63
N GLU D 298 -16.30 -52.40 25.15
CA GLU D 298 -16.58 -51.35 26.12
C GLU D 298 -15.77 -50.10 25.83
N ILE D 299 -16.48 -49.01 25.62
CA ILE D 299 -15.88 -47.70 25.47
C ILE D 299 -15.90 -47.03 26.83
N SER D 300 -14.97 -46.11 27.05
CA SER D 300 -14.75 -45.57 28.38
C SER D 300 -13.96 -44.27 28.29
N GLU D 301 -14.07 -43.48 29.34
CA GLU D 301 -13.42 -42.17 29.41
C GLU D 301 -11.95 -42.32 29.81
N MET D 302 -11.08 -41.83 28.96
CA MET D 302 -9.65 -41.87 29.21
C MET D 302 -9.23 -40.57 29.90
N GLU D 303 -8.09 -40.63 30.59
CA GLU D 303 -7.64 -39.58 31.49
C GLU D 303 -7.08 -38.38 30.75
N THR D 304 -7.96 -37.64 30.03
CA THR D 304 -7.95 -36.21 29.69
C THR D 304 -6.59 -35.55 29.62
N PRO D 305 -5.74 -35.92 28.65
CA PRO D 305 -4.36 -35.48 28.66
C PRO D 305 -4.21 -33.98 28.43
N ASP D 306 -3.06 -33.48 28.86
CA ASP D 306 -2.78 -32.06 28.84
C ASP D 306 -2.69 -31.56 27.40
N TRP D 307 -3.01 -30.28 27.21
CA TRP D 307 -2.87 -29.62 25.91
C TRP D 307 -2.18 -28.29 26.13
N THR D 308 -1.48 -27.83 25.10
CA THR D 308 -1.02 -26.45 25.13
C THR D 308 -2.14 -25.53 24.67
N SER D 309 -1.94 -24.23 24.91
CA SER D 309 -2.97 -23.25 24.57
C SER D 309 -3.10 -23.10 23.08
N ASP D 310 -2.02 -23.31 22.34
CA ASP D 310 -2.08 -23.31 20.90
C ASP D 310 -2.92 -24.44 20.35
N ILE D 311 -3.01 -25.54 21.07
CA ILE D 311 -3.86 -26.64 20.62
C ILE D 311 -5.30 -26.28 20.93
N LYS D 312 -5.57 -25.86 22.16
CA LYS D 312 -6.96 -25.64 22.52
C LYS D 312 -7.50 -24.31 22.03
N HIS D 313 -6.71 -23.51 21.32
CA HIS D 313 -7.22 -22.34 20.63
C HIS D 313 -7.04 -22.44 19.13
N SER D 314 -6.70 -23.61 18.62
CA SER D 314 -6.65 -23.82 17.19
C SER D 314 -8.04 -24.20 16.69
N LYS D 315 -8.12 -24.61 15.44
CA LYS D 315 -9.42 -24.91 14.84
C LYS D 315 -9.48 -26.24 14.13
N ILE D 316 -8.37 -26.78 13.62
CA ILE D 316 -8.35 -28.05 12.92
C ILE D 316 -7.03 -28.73 13.23
N TRP D 317 -7.09 -30.05 13.37
CA TRP D 317 -5.86 -30.81 13.47
C TRP D 317 -5.98 -32.01 12.54
N PHE D 318 -4.94 -32.83 12.53
CA PHE D 318 -4.93 -34.09 11.80
C PHE D 318 -3.79 -34.91 12.36
N GLY D 319 -3.67 -36.14 11.91
CA GLY D 319 -2.57 -36.96 12.36
C GLY D 319 -2.85 -38.43 12.12
N SER D 320 -2.01 -39.27 12.72
CA SER D 320 -2.14 -40.70 12.52
C SER D 320 -1.39 -41.45 13.62
N ASN D 321 -1.31 -42.77 13.45
CA ASN D 321 -0.88 -43.71 14.46
C ASN D 321 0.53 -44.19 14.14
N MET D 322 1.51 -43.80 14.97
CA MET D 322 2.89 -44.17 14.70
C MET D 322 3.14 -45.65 14.93
N GLY D 323 2.49 -46.25 15.91
CA GLY D 323 2.49 -47.69 15.98
C GLY D 323 2.58 -48.35 17.35
N ASN D 324 3.22 -47.72 18.31
CA ASN D 324 3.40 -48.36 19.60
C ASN D 324 3.01 -47.40 20.72
N GLY D 325 1.71 -47.27 20.96
CA GLY D 325 1.19 -46.35 21.94
C GLY D 325 1.55 -44.91 21.64
N THR D 326 1.69 -44.60 20.36
CA THR D 326 2.32 -43.38 19.88
C THR D 326 1.52 -42.84 18.70
N ILE D 327 1.04 -41.61 18.81
CA ILE D 327 0.39 -40.94 17.70
C ILE D 327 1.09 -39.63 17.40
N PHE D 328 1.06 -39.25 16.12
CA PHE D 328 1.69 -38.05 15.62
C PHE D 328 0.62 -37.10 15.11
N LEU D 329 0.78 -35.82 15.43
CA LEU D 329 -0.32 -34.89 15.34
C LEU D 329 0.18 -33.58 14.77
N GLY D 330 -0.65 -32.94 13.95
CA GLY D 330 -0.24 -31.74 13.24
C GLY D 330 -1.37 -30.75 13.11
N ILE D 331 -1.04 -29.48 13.37
CA ILE D 331 -1.99 -28.38 13.19
C ILE D 331 -1.38 -27.38 12.23
N PRO D 332 -2.19 -26.55 11.58
CA PRO D 332 -1.65 -25.50 10.72
C PRO D 332 -1.00 -24.38 11.52
N GLY D 333 -0.53 -23.37 10.81
CA GLY D 333 0.19 -22.28 11.43
C GLY D 333 -0.66 -21.33 12.25
N ASP D 334 -0.15 -20.14 12.51
CA ASP D 334 -0.86 -19.15 13.32
C ASP D 334 -0.97 -17.85 12.55
N ASN D 335 -2.20 -17.33 12.45
CA ASN D 335 -2.42 -16.11 11.67
C ASN D 335 -2.02 -14.87 12.45
N LYS D 336 -2.32 -14.84 13.74
CA LYS D 336 -1.94 -13.70 14.57
C LYS D 336 -0.49 -13.75 15.04
N GLN D 337 0.20 -14.86 14.79
CA GLN D 337 1.58 -15.09 15.20
C GLN D 337 2.42 -15.42 13.99
N ALA D 338 2.37 -14.52 13.01
CA ALA D 338 2.69 -14.67 11.59
C ALA D 338 3.94 -15.47 11.24
N MET D 339 4.98 -15.38 12.05
CA MET D 339 6.23 -16.07 11.74
C MET D 339 6.10 -17.59 11.93
N SER D 340 5.93 -18.31 10.82
CA SER D 340 5.66 -19.73 10.84
C SER D 340 5.94 -20.33 9.48
N GLU D 341 6.28 -21.62 9.47
CA GLU D 341 6.26 -22.40 8.25
C GLU D 341 4.94 -23.17 8.11
N ALA D 342 3.83 -22.47 8.33
CA ALA D 342 2.45 -22.86 8.04
C ALA D 342 1.92 -24.04 8.85
N PHE D 343 2.74 -24.67 9.68
CA PHE D 343 2.34 -25.90 10.35
C PHE D 343 3.19 -26.05 11.60
N TYR D 344 2.61 -26.66 12.63
CA TYR D 344 3.35 -27.06 13.81
C TYR D 344 2.87 -28.45 14.22
N PHE D 345 3.68 -29.11 15.04
CA PHE D 345 3.50 -30.54 15.24
C PHE D 345 3.66 -30.93 16.69
N TYR D 346 3.13 -32.09 17.02
CA TYR D 346 3.13 -32.60 18.38
C TYR D 346 3.11 -34.11 18.32
N THR D 347 3.44 -34.71 19.46
CA THR D 347 3.50 -36.16 19.58
C THR D 347 2.89 -36.58 20.91
N LEU D 348 2.03 -37.59 20.87
CA LEU D 348 1.39 -38.08 22.09
C LEU D 348 1.76 -39.54 22.29
N ARG D 349 2.22 -39.85 23.49
CA ARG D 349 2.49 -41.24 23.85
C ARG D 349 1.36 -41.77 24.71
N CYS D 350 1.32 -43.09 24.85
CA CYS D 350 0.36 -43.73 25.75
C CYS D 350 1.04 -44.81 26.59
N SER D 351 2.36 -44.91 26.49
CA SER D 351 3.23 -45.79 27.30
C SER D 351 2.84 -47.27 27.28
ZN ZN I . -5.50 27.78 33.27
CA CA J . 4.95 -17.42 -15.18
CA CA K . 4.51 -13.58 -15.72
ZN ZN L . 14.70 -30.48 -28.76
#